data_2J0H
#
_entry.id   2J0H
#
_cell.length_a   97.060
_cell.length_b   97.060
_cell.length_c   140.000
_cell.angle_alpha   90.00
_cell.angle_beta   90.00
_cell.angle_gamma   120.00
#
_symmetry.space_group_name_H-M   'P 32'
#
loop_
_entity.id
_entity.type
_entity.pdbx_description
1 polymer FICOLIN-2
2 branched beta-D-mannopyranose-(1-4)-2-acetamido-2-deoxy-beta-D-glucopyranose-(1-4)-2-acetamido-2-deoxy-beta-D-glucopyranose
3 branched 2-acetamido-2-deoxy-beta-D-glucopyranose-(1-4)-2-acetamido-2-deoxy-beta-D-glucopyranose
4 non-polymer 'CALCIUM ION'
5 non-polymer ACETYLCHOLINE
6 water water
#
_entity_poly.entity_id   1
_entity_poly.type   'polypeptide(L)'
_entity_poly.pdbx_seq_one_letter_code
;NPCLTGPRTCKDLLDRGHFLSGWHTIYLPDCRPLTVLCDMDTDGGGWTVFQRRVDGSVDFYRDWATYKQGFGSRLGEFWL
GNDNIHALTAQGTSELRTDLVDFEDNYQFAKYRSFKVADEAEKYNLVLGAFVEGSAGDSLTFHNNQSFSTKDQDNDLNTG
NCAVMFQGAWWYKNCHTSNLNGRYLRGTHGSFANGINWKSGKGYNYSYKVSEMKVRPA
;
_entity_poly.pdbx_strand_id   A,B,C,D,E,F
#
loop_
_chem_comp.id
_chem_comp.type
_chem_comp.name
_chem_comp.formula
ACH non-polymer ACETYLCHOLINE 'C7 H16 N O2 1'
BMA D-saccharide, beta linking beta-D-mannopyranose 'C6 H12 O6'
CA non-polymer 'CALCIUM ION' 'Ca 2'
NAG D-saccharide, beta linking 2-acetamido-2-deoxy-beta-D-glucopyranose 'C8 H15 N O6'
#
# COMPACT_ATOMS: atom_id res chain seq x y z
N THR A 5 -13.63 -39.93 -8.47
CA THR A 5 -13.69 -38.75 -7.57
C THR A 5 -14.37 -37.53 -8.26
N GLY A 6 -13.65 -36.84 -9.18
CA GLY A 6 -14.20 -35.69 -9.92
C GLY A 6 -13.17 -34.83 -10.65
N PRO A 7 -13.63 -33.99 -11.60
CA PRO A 7 -12.88 -33.08 -12.45
C PRO A 7 -11.40 -32.78 -12.11
N ARG A 8 -10.46 -33.38 -12.82
CA ARG A 8 -9.06 -33.06 -12.62
C ARG A 8 -8.55 -31.97 -13.60
N THR A 9 -9.26 -31.80 -14.71
CA THR A 9 -8.84 -30.88 -15.78
C THR A 9 -10.04 -30.44 -16.59
N CYS A 10 -9.82 -29.45 -17.46
CA CYS A 10 -10.87 -29.04 -18.38
C CYS A 10 -11.21 -30.16 -19.37
N LYS A 11 -10.22 -31.00 -19.70
CA LYS A 11 -10.44 -32.16 -20.58
C LYS A 11 -11.46 -33.12 -19.94
N ASP A 12 -11.34 -33.36 -18.64
CA ASP A 12 -12.31 -34.18 -17.94
C ASP A 12 -13.71 -33.62 -18.17
N LEU A 13 -13.88 -32.33 -17.87
CA LEU A 13 -15.19 -31.70 -17.95
C LEU A 13 -15.80 -31.83 -19.33
N LEU A 14 -14.97 -31.69 -20.37
CA LEU A 14 -15.46 -31.87 -21.73
C LEU A 14 -15.89 -33.32 -21.93
N ASP A 15 -15.14 -34.25 -21.35
CA ASP A 15 -15.44 -35.68 -21.47
C ASP A 15 -16.65 -36.03 -20.66
N ARG A 16 -17.10 -35.10 -19.83
CA ARG A 16 -18.28 -35.37 -19.06
C ARG A 16 -19.46 -34.58 -19.62
N GLY A 17 -19.24 -33.91 -20.78
CA GLY A 17 -20.35 -33.27 -21.47
C GLY A 17 -20.61 -31.81 -21.16
N HIS A 18 -19.63 -31.11 -20.59
CA HIS A 18 -19.69 -29.67 -20.55
C HIS A 18 -19.09 -29.09 -21.84
N PHE A 19 -19.95 -28.72 -22.78
CA PHE A 19 -19.49 -28.32 -24.10
C PHE A 19 -19.27 -26.83 -24.26
N LEU A 20 -19.76 -26.06 -23.29
CA LEU A 20 -19.69 -24.61 -23.32
C LEU A 20 -18.46 -24.11 -22.58
N SER A 21 -17.67 -23.25 -23.24
CA SER A 21 -16.54 -22.59 -22.59
C SER A 21 -17.00 -21.80 -21.38
N GLY A 22 -16.15 -21.69 -20.36
CA GLY A 22 -16.51 -20.93 -19.17
C GLY A 22 -15.81 -21.37 -17.90
N TRP A 23 -16.15 -20.74 -16.78
CA TRP A 23 -15.45 -20.97 -15.53
C TRP A 23 -16.02 -22.18 -14.82
N HIS A 24 -15.22 -23.23 -14.69
CA HIS A 24 -15.65 -24.43 -13.96
C HIS A 24 -14.64 -24.68 -12.84
N THR A 25 -15.09 -25.37 -11.81
CA THR A 25 -14.15 -25.77 -10.77
C THR A 25 -13.60 -27.19 -11.00
N ILE A 26 -12.28 -27.31 -10.94
CA ILE A 26 -11.59 -28.59 -11.08
C ILE A 26 -10.78 -28.84 -9.83
N TYR A 27 -10.19 -30.04 -9.74
CA TYR A 27 -9.43 -30.43 -8.55
C TYR A 27 -7.98 -30.71 -8.86
N LEU A 28 -7.10 -29.86 -8.35
CA LEU A 28 -5.66 -30.03 -8.51
C LEU A 28 -5.16 -31.35 -7.86
N PRO A 29 -4.06 -31.94 -8.38
CA PRO A 29 -3.54 -33.17 -7.77
C PRO A 29 -3.51 -33.19 -6.23
N ASP A 30 -3.23 -32.05 -5.57
CA ASP A 30 -3.32 -31.97 -4.10
C ASP A 30 -4.78 -32.07 -3.60
N CYS A 31 -5.72 -31.99 -4.54
CA CYS A 31 -7.14 -31.94 -4.25
C CYS A 31 -7.68 -30.57 -3.79
N ARG A 32 -6.89 -29.53 -4.02
CA ARG A 32 -7.35 -28.17 -3.83
C ARG A 32 -8.27 -27.81 -5.01
N PRO A 33 -9.51 -27.37 -4.71
CA PRO A 33 -10.37 -26.81 -5.75
C PRO A 33 -9.71 -25.61 -6.44
N LEU A 34 -9.99 -25.41 -7.72
CA LEU A 34 -9.63 -24.16 -8.39
C LEU A 34 -10.67 -23.89 -9.45
N THR A 35 -11.26 -22.69 -9.44
CA THR A 35 -12.19 -22.34 -10.49
C THR A 35 -11.42 -21.77 -11.68
N VAL A 36 -11.35 -22.56 -12.76
CA VAL A 36 -10.56 -22.21 -13.95
C VAL A 36 -11.45 -21.93 -15.14
N LEU A 37 -10.87 -21.33 -16.18
CA LEU A 37 -11.60 -21.03 -17.40
C LEU A 37 -11.34 -22.14 -18.41
N CYS A 38 -12.38 -22.82 -18.83
CA CYS A 38 -12.22 -23.90 -19.80
C CYS A 38 -12.56 -23.42 -21.19
N ASP A 39 -11.63 -23.60 -22.14
CA ASP A 39 -11.93 -23.31 -23.53
C ASP A 39 -12.36 -24.61 -24.17
N MET A 40 -13.67 -24.78 -24.35
CA MET A 40 -14.25 -26.05 -24.81
C MET A 40 -14.40 -26.09 -26.30
N ASP A 41 -13.75 -25.16 -27.00
CA ASP A 41 -14.00 -24.98 -28.41
C ASP A 41 -12.76 -25.12 -29.28
N THR A 42 -11.69 -24.41 -28.94
CA THR A 42 -10.50 -24.38 -29.79
C THR A 42 -9.81 -25.73 -29.93
N ASP A 43 -9.47 -26.09 -31.16
CA ASP A 43 -8.63 -27.26 -31.45
C ASP A 43 -9.02 -28.52 -30.68
N GLY A 44 -10.29 -28.90 -30.75
CA GLY A 44 -10.77 -30.09 -30.06
C GLY A 44 -11.38 -29.76 -28.71
N GLY A 45 -11.00 -28.62 -28.14
CA GLY A 45 -11.54 -28.20 -26.84
C GLY A 45 -10.88 -28.94 -25.68
N GLY A 46 -11.22 -28.56 -24.45
CA GLY A 46 -10.63 -29.18 -23.26
C GLY A 46 -9.41 -28.49 -22.71
N TRP A 47 -9.21 -27.21 -23.08
CA TRP A 47 -8.08 -26.41 -22.63
C TRP A 47 -8.37 -25.63 -21.36
N THR A 48 -7.46 -25.68 -20.41
CA THR A 48 -7.53 -24.84 -19.24
C THR A 48 -6.72 -23.60 -19.56
N VAL A 49 -7.32 -22.43 -19.37
CA VAL A 49 -6.70 -21.19 -19.81
C VAL A 49 -6.06 -20.48 -18.63
N PHE A 50 -4.76 -20.21 -18.69
CA PHE A 50 -4.10 -19.58 -17.53
C PHE A 50 -3.78 -18.12 -17.74
N GLN A 51 -3.90 -17.64 -18.97
CA GLN A 51 -3.64 -16.23 -19.28
C GLN A 51 -4.60 -15.72 -20.36
N ARG A 52 -5.01 -14.47 -20.22
CA ARG A 52 -5.91 -13.90 -21.20
C ARG A 52 -5.88 -12.39 -21.21
N ARG A 53 -5.59 -11.85 -22.38
CA ARG A 53 -5.70 -10.43 -22.61
C ARG A 53 -6.80 -10.24 -23.65
N VAL A 54 -7.62 -9.22 -23.49
CA VAL A 54 -8.70 -9.07 -24.44
C VAL A 54 -9.08 -7.61 -24.79
N ASP A 55 -8.85 -6.68 -23.88
CA ASP A 55 -9.34 -5.31 -24.07
C ASP A 55 -8.47 -4.25 -23.40
N GLY A 56 -7.46 -4.69 -22.64
CA GLY A 56 -6.54 -3.77 -21.97
C GLY A 56 -7.04 -3.21 -20.65
N SER A 57 -8.10 -3.81 -20.10
CA SER A 57 -8.73 -3.27 -18.89
C SER A 57 -7.98 -3.56 -17.58
N VAL A 58 -7.06 -4.52 -17.59
CA VAL A 58 -6.36 -4.95 -16.37
C VAL A 58 -4.86 -4.66 -16.45
N ASP A 59 -4.28 -4.11 -15.38
CA ASP A 59 -2.85 -3.80 -15.33
C ASP A 59 -2.02 -5.08 -15.17
N PHE A 60 -1.14 -5.34 -16.12
CA PHE A 60 -0.31 -6.55 -16.09
C PHE A 60 1.10 -6.27 -15.65
N TYR A 61 1.44 -4.99 -15.51
CA TYR A 61 2.75 -4.60 -15.05
C TYR A 61 2.89 -4.76 -13.53
N ARG A 62 2.74 -6.00 -13.02
CA ARG A 62 2.67 -6.22 -11.57
C ARG A 62 3.87 -6.93 -10.94
N ASP A 63 3.88 -6.97 -9.61
CA ASP A 63 5.02 -7.48 -8.85
C ASP A 63 4.97 -8.99 -8.58
N TRP A 64 6.04 -9.52 -7.98
CA TRP A 64 6.22 -10.95 -7.79
C TRP A 64 5.09 -11.62 -7.02
N ALA A 65 4.66 -10.98 -5.94
CA ALA A 65 3.62 -11.56 -5.09
C ALA A 65 2.34 -11.69 -5.89
N THR A 66 2.12 -10.73 -6.79
CA THR A 66 0.91 -10.66 -7.58
C THR A 66 0.90 -11.74 -8.67
N TYR A 67 2.01 -11.89 -9.40
CA TYR A 67 2.09 -12.97 -10.38
C TYR A 67 2.06 -14.34 -9.70
N LYS A 68 2.47 -14.36 -8.44
CA LYS A 68 2.51 -15.58 -7.67
C LYS A 68 1.10 -16.11 -7.50
N GLN A 69 0.24 -15.27 -6.96
CA GLN A 69 -1.10 -15.68 -6.59
C GLN A 69 -2.17 -15.48 -7.67
N GLY A 70 -1.80 -14.80 -8.76
CA GLY A 70 -2.75 -14.53 -9.84
C GLY A 70 -3.48 -13.23 -9.63
N PHE A 71 -4.08 -12.70 -10.69
CA PHE A 71 -4.79 -11.43 -10.59
C PHE A 71 -5.70 -11.26 -11.80
N GLY A 72 -6.63 -10.31 -11.72
CA GLY A 72 -7.53 -10.05 -12.83
C GLY A 72 -8.97 -10.44 -12.53
N SER A 73 -9.75 -10.67 -13.57
CA SER A 73 -11.19 -10.88 -13.39
C SER A 73 -11.72 -12.00 -14.28
N ARG A 74 -12.54 -12.87 -13.72
CA ARG A 74 -13.14 -13.93 -14.52
C ARG A 74 -13.95 -13.33 -15.67
N LEU A 75 -14.33 -12.06 -15.51
CA LEU A 75 -15.17 -11.41 -16.50
C LEU A 75 -14.34 -10.87 -17.64
N GLY A 76 -13.02 -10.94 -17.52
CA GLY A 76 -12.13 -10.39 -18.55
C GLY A 76 -10.72 -10.94 -18.58
N GLU A 77 -9.76 -10.05 -18.34
CA GLU A 77 -8.34 -10.38 -18.44
C GLU A 77 -7.85 -10.96 -17.12
N PHE A 78 -6.78 -11.76 -17.17
CA PHE A 78 -6.26 -12.36 -15.97
C PHE A 78 -5.04 -13.23 -16.21
N TRP A 79 -4.28 -13.43 -15.13
CA TRP A 79 -3.19 -14.38 -15.05
C TRP A 79 -3.56 -15.31 -13.91
N LEU A 80 -3.59 -16.61 -14.17
CA LEU A 80 -4.11 -17.56 -13.19
C LEU A 80 -3.23 -17.62 -11.94
N GLY A 81 -1.99 -17.17 -12.06
CA GLY A 81 -1.08 -17.23 -10.94
C GLY A 81 -0.09 -18.37 -11.07
N ASN A 82 1.17 -18.09 -10.72
CA ASN A 82 2.24 -19.03 -10.93
C ASN A 82 2.16 -20.29 -10.05
N ASP A 83 1.72 -20.14 -8.81
CA ASP A 83 1.52 -21.32 -7.99
C ASP A 83 0.53 -22.27 -8.66
N ASN A 84 -0.58 -21.71 -9.14
CA ASN A 84 -1.60 -22.51 -9.81
C ASN A 84 -1.13 -23.10 -11.13
N ILE A 85 -0.34 -22.35 -11.86
CA ILE A 85 0.12 -22.82 -13.15
C ILE A 85 1.09 -23.97 -12.94
N HIS A 86 1.89 -23.87 -11.86
CA HIS A 86 2.81 -24.93 -11.54
C HIS A 86 2.01 -26.15 -11.10
N ALA A 87 1.12 -25.94 -10.13
CA ALA A 87 0.28 -27.02 -9.64
C ALA A 87 -0.35 -27.74 -10.84
N LEU A 88 -0.73 -26.92 -11.80
CA LEU A 88 -1.55 -27.30 -12.93
C LEU A 88 -0.82 -28.14 -13.96
N THR A 89 0.49 -27.91 -14.09
CA THR A 89 1.28 -28.52 -15.15
C THR A 89 2.20 -29.66 -14.66
N ALA A 90 3.05 -29.32 -13.70
CA ALA A 90 4.04 -30.23 -13.11
C ALA A 90 3.65 -31.72 -12.99
N GLN A 91 2.46 -31.97 -12.44
CA GLN A 91 1.97 -33.35 -12.20
C GLN A 91 1.24 -34.04 -13.40
N GLY A 92 2.02 -34.46 -14.40
CA GLY A 92 1.49 -35.01 -15.65
C GLY A 92 2.16 -34.32 -16.82
N THR A 93 1.73 -34.63 -18.05
CA THR A 93 2.21 -33.88 -19.22
C THR A 93 1.13 -33.12 -20.00
N SER A 94 1.11 -31.80 -19.77
CA SER A 94 0.17 -30.87 -20.39
C SER A 94 0.85 -30.19 -21.57
N GLU A 95 0.04 -29.85 -22.56
CA GLU A 95 0.51 -29.48 -23.88
C GLU A 95 0.17 -28.01 -24.23
N LEU A 96 1.06 -27.10 -23.87
CA LEU A 96 0.86 -25.66 -24.12
C LEU A 96 0.40 -25.29 -25.54
N ARG A 97 -0.28 -24.16 -25.64
CA ARG A 97 -0.85 -23.69 -26.90
C ARG A 97 -1.27 -22.24 -26.69
N THR A 98 -0.80 -21.38 -27.60
CA THR A 98 -0.97 -19.92 -27.55
C THR A 98 -1.84 -19.38 -28.71
N ASP A 99 -2.86 -18.58 -28.39
CA ASP A 99 -3.73 -18.01 -29.45
C ASP A 99 -3.65 -16.51 -29.47
N LEU A 100 -3.20 -15.99 -30.60
CA LEU A 100 -2.98 -14.56 -30.79
C LEU A 100 -3.94 -14.00 -31.83
N VAL A 101 -4.54 -12.87 -31.54
CA VAL A 101 -5.33 -12.14 -32.53
C VAL A 101 -4.82 -10.69 -32.69
N ASP A 102 -4.56 -10.30 -33.93
CA ASP A 102 -4.29 -8.90 -34.24
C ASP A 102 -5.61 -8.11 -34.49
N PHE A 103 -5.48 -6.82 -34.74
CA PHE A 103 -6.66 -5.98 -34.72
C PHE A 103 -7.47 -6.09 -35.98
N GLU A 104 -6.82 -6.51 -37.07
CA GLU A 104 -7.51 -6.85 -38.33
C GLU A 104 -8.06 -8.28 -38.28
N ASP A 105 -8.34 -8.74 -37.07
CA ASP A 105 -8.89 -10.07 -36.80
C ASP A 105 -8.16 -11.24 -37.48
N ASN A 106 -6.86 -11.07 -37.74
CA ASN A 106 -6.02 -12.19 -38.17
C ASN A 106 -5.69 -13.09 -36.99
N TYR A 107 -5.80 -14.41 -37.19
N TYR A 107 -5.81 -14.40 -37.19
CA TYR A 107 -5.60 -15.38 -36.11
CA TYR A 107 -5.56 -15.33 -36.12
C TYR A 107 -4.31 -16.15 -36.34
C TYR A 107 -4.24 -16.05 -36.37
N GLN A 108 -3.50 -16.28 -35.29
CA GLN A 108 -2.28 -17.12 -35.34
C GLN A 108 -2.15 -17.90 -34.04
N PHE A 109 -1.32 -18.95 -34.04
CA PHE A 109 -1.12 -19.78 -32.86
C PHE A 109 0.24 -20.49 -32.87
N ALA A 110 0.64 -21.01 -31.72
CA ALA A 110 1.79 -21.90 -31.63
C ALA A 110 1.39 -23.01 -30.66
N LYS A 111 1.91 -24.21 -30.88
CA LYS A 111 1.62 -25.33 -30.00
C LYS A 111 2.91 -25.99 -29.60
N TYR A 112 2.97 -26.46 -28.35
CA TYR A 112 4.16 -27.11 -27.79
C TYR A 112 3.82 -28.47 -27.18
N ARG A 113 4.70 -29.44 -27.37
CA ARG A 113 4.40 -30.82 -27.01
C ARG A 113 4.27 -30.93 -25.51
N SER A 114 4.97 -30.07 -24.78
CA SER A 114 4.82 -30.07 -23.33
C SER A 114 5.18 -28.71 -22.75
N PHE A 115 4.72 -28.46 -21.54
CA PHE A 115 4.88 -27.17 -20.93
C PHE A 115 4.75 -27.37 -19.44
N LYS A 116 5.70 -26.85 -18.69
CA LYS A 116 5.73 -27.07 -17.26
C LYS A 116 6.43 -25.89 -16.61
N VAL A 117 5.95 -25.46 -15.45
CA VAL A 117 6.71 -24.47 -14.71
C VAL A 117 7.05 -25.00 -13.34
N ALA A 118 8.30 -24.84 -12.94
CA ALA A 118 8.77 -25.29 -11.63
C ALA A 118 8.11 -24.46 -10.52
N ASP A 119 8.30 -24.87 -9.26
CA ASP A 119 7.79 -24.10 -8.12
C ASP A 119 8.59 -22.80 -7.89
N GLU A 120 8.16 -22.04 -6.87
CA GLU A 120 8.76 -20.73 -6.57
C GLU A 120 10.23 -20.86 -6.17
N ALA A 121 10.54 -21.95 -5.48
CA ALA A 121 11.92 -22.25 -5.14
C ALA A 121 12.77 -22.22 -6.41
N GLU A 122 12.28 -22.78 -7.51
CA GLU A 122 13.06 -22.76 -8.74
C GLU A 122 12.78 -21.57 -9.64
N LYS A 123 12.13 -20.55 -9.07
CA LYS A 123 11.82 -19.32 -9.79
C LYS A 123 10.81 -19.54 -10.93
N TYR A 124 9.79 -20.36 -10.66
CA TYR A 124 8.71 -20.70 -11.63
C TYR A 124 9.24 -21.10 -13.01
N ASN A 125 10.46 -21.63 -12.99
CA ASN A 125 11.27 -21.87 -14.19
C ASN A 125 10.49 -22.53 -15.34
N LEU A 126 10.63 -21.96 -16.54
CA LEU A 126 9.97 -22.52 -17.74
C LEU A 126 10.72 -23.73 -18.27
N VAL A 127 9.97 -24.84 -18.39
CA VAL A 127 10.48 -26.12 -18.87
C VAL A 127 9.63 -26.59 -20.05
N LEU A 128 10.11 -26.29 -21.26
CA LEU A 128 9.27 -26.34 -22.46
C LEU A 128 9.67 -27.41 -23.50
N GLY A 129 8.67 -28.10 -24.02
CA GLY A 129 8.88 -29.03 -25.14
C GLY A 129 9.06 -28.35 -26.51
N ALA A 130 9.07 -29.16 -27.56
CA ALA A 130 9.34 -28.66 -28.91
C ALA A 130 8.09 -28.10 -29.56
N PHE A 131 8.30 -27.17 -30.48
CA PHE A 131 7.25 -26.61 -31.31
C PHE A 131 6.55 -27.76 -32.01
N VAL A 132 5.23 -27.91 -31.83
CA VAL A 132 4.55 -28.87 -32.69
C VAL A 132 4.38 -28.11 -33.98
N GLU A 133 3.26 -27.42 -34.16
CA GLU A 133 3.19 -26.46 -35.24
C GLU A 133 2.69 -25.11 -34.75
N GLY A 134 2.70 -24.12 -35.62
CA GLY A 134 2.18 -22.80 -35.26
C GLY A 134 2.45 -21.71 -36.27
N SER A 135 1.38 -21.12 -36.80
CA SER A 135 1.47 -20.05 -37.80
C SER A 135 1.95 -18.73 -37.20
N ALA A 136 1.98 -18.68 -35.88
CA ALA A 136 2.58 -17.53 -35.22
C ALA A 136 4.09 -17.66 -35.23
N GLY A 137 4.58 -18.86 -35.53
CA GLY A 137 6.01 -19.10 -35.48
C GLY A 137 6.38 -19.43 -34.05
N ASP A 138 7.69 -19.54 -33.79
CA ASP A 138 8.17 -19.93 -32.46
C ASP A 138 8.91 -18.83 -31.69
N SER A 139 8.17 -18.04 -30.93
CA SER A 139 8.81 -17.05 -30.09
C SER A 139 8.77 -17.48 -28.62
N LEU A 140 9.05 -18.74 -28.31
CA LEU A 140 9.09 -19.18 -26.91
C LEU A 140 10.13 -20.27 -26.56
N THR A 141 10.45 -21.14 -27.51
CA THR A 141 11.56 -22.09 -27.29
C THR A 141 12.78 -21.34 -26.78
N PHE A 142 13.02 -20.15 -27.36
CA PHE A 142 14.12 -19.23 -27.01
C PHE A 142 14.24 -18.92 -25.52
N HIS A 143 13.15 -19.15 -24.78
CA HIS A 143 13.02 -18.78 -23.38
C HIS A 143 13.08 -19.99 -22.46
N ASN A 144 13.29 -21.18 -23.01
CA ASN A 144 13.36 -22.37 -22.17
C ASN A 144 14.44 -22.23 -21.09
N ASN A 145 14.22 -22.86 -19.94
CA ASN A 145 15.23 -22.93 -18.89
C ASN A 145 15.61 -21.55 -18.34
N GLN A 146 14.59 -20.74 -18.07
CA GLN A 146 14.78 -19.39 -17.56
C GLN A 146 13.79 -19.03 -16.46
N SER A 147 14.31 -18.46 -15.37
CA SER A 147 13.48 -18.03 -14.24
C SER A 147 12.56 -16.89 -14.65
N PHE A 148 11.40 -16.83 -14.01
CA PHE A 148 10.51 -15.67 -14.11
C PHE A 148 11.12 -14.39 -13.51
N SER A 149 10.94 -13.28 -14.22
CA SER A 149 11.36 -11.93 -13.77
C SER A 149 10.20 -10.91 -13.72
N THR A 150 9.89 -10.42 -12.52
CA THR A 150 8.92 -9.32 -12.38
C THR A 150 9.75 -8.04 -12.30
N LYS A 151 9.12 -6.90 -12.59
CA LYS A 151 9.80 -5.60 -12.47
C LYS A 151 10.54 -5.45 -11.13
N ASP A 152 10.03 -6.09 -10.08
CA ASP A 152 10.60 -5.99 -8.74
C ASP A 152 11.49 -7.19 -8.36
N GLN A 153 11.54 -8.18 -9.23
CA GLN A 153 12.38 -9.37 -9.03
C GLN A 153 13.08 -9.65 -10.33
N ASP A 154 14.38 -9.32 -10.37
CA ASP A 154 15.18 -9.45 -11.58
C ASP A 154 16.06 -10.72 -11.53
N ASN A 155 15.74 -11.70 -12.37
CA ASN A 155 16.49 -12.93 -12.43
C ASN A 155 16.94 -13.15 -13.87
N ASP A 156 16.81 -12.09 -14.70
CA ASP A 156 17.22 -12.14 -16.13
C ASP A 156 18.74 -12.02 -16.37
N LEU A 157 19.16 -12.14 -17.63
CA LEU A 157 20.59 -12.19 -17.93
C LEU A 157 21.14 -10.89 -18.55
N ASN A 158 20.24 -9.96 -18.87
CA ASN A 158 20.62 -8.58 -19.11
C ASN A 158 20.82 -7.97 -17.74
N THR A 159 22.04 -7.52 -17.44
CA THR A 159 22.28 -6.92 -16.14
C THR A 159 21.63 -5.54 -16.00
N GLY A 160 20.98 -5.07 -17.06
CA GLY A 160 19.95 -4.04 -16.95
C GLY A 160 18.66 -4.69 -16.45
N ASN A 161 17.56 -3.95 -16.47
CA ASN A 161 16.25 -4.53 -16.09
C ASN A 161 15.28 -4.78 -17.27
N CYS A 162 15.25 -6.04 -17.73
CA CYS A 162 14.40 -6.43 -18.87
C CYS A 162 12.93 -6.06 -18.58
N ALA A 163 12.41 -6.56 -17.47
CA ALA A 163 11.00 -6.37 -17.14
C ALA A 163 10.60 -4.89 -17.19
N VAL A 164 11.51 -4.01 -16.78
CA VAL A 164 11.25 -2.58 -16.67
C VAL A 164 11.27 -1.89 -18.03
N MET A 165 12.22 -2.30 -18.87
CA MET A 165 12.40 -1.69 -20.19
C MET A 165 11.17 -1.99 -21.01
N PHE A 166 10.68 -3.21 -20.88
CA PHE A 166 9.57 -3.68 -21.71
C PHE A 166 8.24 -3.83 -20.95
N GLN A 167 8.31 -3.67 -19.63
CA GLN A 167 7.12 -3.56 -18.79
C GLN A 167 6.19 -4.76 -18.92
N GLY A 168 6.52 -5.79 -18.17
CA GLY A 168 5.77 -7.03 -18.17
C GLY A 168 6.57 -8.08 -17.44
N ALA A 169 5.98 -9.23 -17.20
CA ALA A 169 6.71 -10.32 -16.56
C ALA A 169 6.82 -11.52 -17.49
N TRP A 170 7.93 -12.24 -17.35
CA TRP A 170 8.25 -13.31 -18.28
C TRP A 170 9.54 -13.96 -17.80
N TRP A 171 9.87 -15.12 -18.35
CA TRP A 171 11.18 -15.75 -18.14
C TRP A 171 12.26 -15.09 -19.01
N TYR A 172 12.63 -13.84 -18.70
CA TYR A 172 13.46 -13.01 -19.59
C TYR A 172 14.93 -13.46 -19.65
N LYS A 173 15.56 -13.31 -20.83
CA LYS A 173 16.96 -13.70 -21.07
C LYS A 173 17.87 -12.51 -21.34
N ASN A 174 17.88 -12.02 -22.59
CA ASN A 174 18.56 -10.76 -22.89
C ASN A 174 18.17 -10.06 -24.22
N CYS A 175 16.89 -9.71 -24.38
CA CYS A 175 15.87 -9.97 -23.36
C CYS A 175 14.78 -10.94 -23.85
N HIS A 176 14.02 -10.55 -24.88
CA HIS A 176 12.85 -11.36 -25.27
C HIS A 176 12.62 -11.51 -26.76
N THR A 177 11.90 -12.58 -27.13
CA THR A 177 11.24 -12.70 -28.44
C THR A 177 9.73 -12.73 -28.30
N SER A 178 9.21 -12.97 -27.08
CA SER A 178 7.76 -12.94 -26.82
C SER A 178 7.48 -12.23 -25.49
N ASN A 179 6.38 -11.47 -25.43
CA ASN A 179 6.14 -10.63 -24.24
C ASN A 179 4.65 -10.49 -23.94
N LEU A 180 3.98 -11.64 -23.81
CA LEU A 180 2.51 -11.67 -23.78
C LEU A 180 1.90 -10.96 -22.56
N ASN A 181 2.73 -10.66 -21.56
CA ASN A 181 2.26 -9.92 -20.39
C ASN A 181 2.69 -8.45 -20.42
N GLY A 182 3.04 -7.97 -21.61
CA GLY A 182 3.38 -6.56 -21.80
C GLY A 182 2.17 -5.63 -21.84
N ARG A 183 2.43 -4.36 -22.13
CA ARG A 183 1.40 -3.33 -22.11
C ARG A 183 0.40 -3.49 -23.25
N TYR A 184 -0.87 -3.30 -22.97
CA TYR A 184 -1.90 -3.43 -23.98
C TYR A 184 -1.88 -2.20 -24.90
N LEU A 185 -0.97 -2.20 -25.87
CA LEU A 185 -0.74 -0.99 -26.68
C LEU A 185 -1.65 -0.77 -27.90
N ARG A 186 -2.51 -1.74 -28.21
CA ARG A 186 -3.52 -1.58 -29.29
C ARG A 186 -2.96 -1.47 -30.72
N GLY A 187 -2.28 -2.51 -31.20
CA GLY A 187 -1.84 -2.55 -32.59
C GLY A 187 -0.41 -2.07 -32.78
N THR A 188 -0.19 -1.26 -33.81
CA THR A 188 1.16 -0.77 -34.08
C THR A 188 1.57 0.25 -33.04
N HIS A 189 2.75 0.05 -32.45
CA HIS A 189 3.28 1.01 -31.48
C HIS A 189 4.73 1.37 -31.84
N GLY A 190 5.08 2.62 -31.59
CA GLY A 190 6.45 3.07 -31.85
C GLY A 190 7.44 2.51 -30.84
N SER A 191 7.06 2.49 -29.57
CA SER A 191 7.94 1.96 -28.54
C SER A 191 8.39 0.53 -28.87
N PHE A 192 9.57 0.18 -28.34
CA PHE A 192 10.22 -1.07 -28.70
C PHE A 192 9.85 -2.25 -27.80
N ALA A 193 9.22 -3.25 -28.39
CA ALA A 193 9.08 -4.57 -27.76
C ALA A 193 8.48 -4.55 -26.34
N ASN A 194 7.62 -3.58 -26.06
CA ASN A 194 6.99 -3.52 -24.75
C ASN A 194 5.48 -3.70 -24.83
N GLY A 195 5.01 -4.20 -25.97
CA GLY A 195 3.59 -4.51 -26.12
C GLY A 195 3.33 -6.00 -25.93
N ILE A 196 2.10 -6.42 -26.21
CA ILE A 196 1.79 -7.83 -26.27
C ILE A 196 2.40 -8.35 -27.58
N ASN A 197 3.67 -8.73 -27.50
CA ASN A 197 4.48 -8.99 -28.69
C ASN A 197 4.90 -10.46 -28.82
N TRP A 198 4.86 -10.96 -30.06
CA TRP A 198 5.37 -12.28 -30.37
C TRP A 198 6.20 -12.05 -31.61
N LYS A 199 7.52 -12.17 -31.47
CA LYS A 199 8.44 -11.68 -32.50
C LYS A 199 8.20 -12.31 -33.86
N SER A 200 8.07 -13.63 -33.89
CA SER A 200 7.85 -14.33 -35.15
C SER A 200 6.43 -14.12 -35.69
N GLY A 201 5.54 -13.61 -34.86
CA GLY A 201 4.16 -13.29 -35.30
C GLY A 201 4.09 -11.96 -36.01
N LYS A 202 3.63 -10.92 -35.32
CA LYS A 202 3.60 -9.59 -35.92
C LYS A 202 4.62 -8.68 -35.27
N GLY A 203 5.65 -9.30 -34.70
CA GLY A 203 6.93 -8.62 -34.41
C GLY A 203 7.00 -7.71 -33.18
N TYR A 204 8.07 -6.93 -33.12
CA TYR A 204 8.38 -6.14 -31.92
C TYR A 204 7.61 -4.84 -31.77
N ASN A 205 6.77 -4.51 -32.75
CA ASN A 205 6.12 -3.21 -32.78
C ASN A 205 4.62 -3.30 -33.01
N TYR A 206 4.08 -4.51 -32.80
CA TYR A 206 2.64 -4.72 -32.87
C TYR A 206 2.13 -5.46 -31.63
N SER A 207 1.10 -4.89 -31.02
CA SER A 207 0.54 -5.45 -29.80
C SER A 207 -0.85 -6.04 -30.08
N TYR A 208 -0.97 -7.35 -29.95
CA TYR A 208 -2.20 -8.05 -30.32
C TYR A 208 -3.46 -7.52 -29.63
N LYS A 209 -4.64 -7.86 -30.20
CA LYS A 209 -5.90 -7.54 -29.55
C LYS A 209 -6.26 -8.60 -28.50
N VAL A 210 -6.01 -9.86 -28.84
CA VAL A 210 -6.33 -10.96 -27.92
C VAL A 210 -5.12 -11.86 -27.79
N SER A 211 -4.93 -12.42 -26.60
CA SER A 211 -3.90 -13.43 -26.42
C SER A 211 -4.40 -14.39 -25.36
N GLU A 212 -4.21 -15.68 -25.57
CA GLU A 212 -4.56 -16.66 -24.56
C GLU A 212 -3.51 -17.76 -24.50
N MET A 213 -3.16 -18.16 -23.29
CA MET A 213 -2.22 -19.24 -23.10
C MET A 213 -2.95 -20.33 -22.33
N LYS A 214 -3.02 -21.53 -22.91
CA LYS A 214 -3.84 -22.61 -22.35
C LYS A 214 -3.15 -23.99 -22.38
N VAL A 215 -3.52 -24.86 -21.44
CA VAL A 215 -2.94 -26.18 -21.39
C VAL A 215 -3.96 -27.30 -21.50
N ARG A 216 -3.50 -28.47 -21.97
CA ARG A 216 -4.34 -29.66 -22.05
C ARG A 216 -3.45 -30.89 -21.93
N PRO A 217 -3.92 -31.97 -21.26
CA PRO A 217 -3.17 -33.24 -21.30
C PRO A 217 -2.82 -33.71 -22.74
N ALA A 218 -1.54 -34.08 -22.90
CA ALA A 218 -0.80 -34.29 -24.18
C ALA A 218 -1.53 -34.52 -25.52
N PRO B 2 -23.45 -25.18 8.33
CA PRO B 2 -23.25 -24.93 6.89
C PRO B 2 -23.25 -23.45 6.50
N CYS B 3 -23.64 -22.58 7.44
CA CYS B 3 -23.57 -21.12 7.29
C CYS B 3 -22.33 -20.60 7.99
N LEU B 4 -21.89 -21.33 9.03
CA LEU B 4 -20.72 -20.98 9.83
C LEU B 4 -19.43 -21.50 9.21
N THR B 5 -19.51 -22.60 8.47
CA THR B 5 -18.39 -23.04 7.63
C THR B 5 -17.98 -21.95 6.63
N GLY B 6 -18.98 -21.44 5.89
CA GLY B 6 -18.76 -20.59 4.73
C GLY B 6 -18.31 -19.18 5.06
N PRO B 7 -17.93 -18.41 4.01
CA PRO B 7 -17.44 -17.02 4.06
C PRO B 7 -18.54 -15.97 4.19
N ARG B 8 -18.17 -14.76 4.60
CA ARG B 8 -19.17 -13.76 4.94
C ARG B 8 -18.89 -12.44 4.26
N THR B 9 -17.64 -12.22 3.84
CA THR B 9 -17.36 -11.08 2.97
C THR B 9 -16.42 -11.49 1.86
N CYS B 10 -16.25 -10.61 0.87
CA CYS B 10 -15.26 -10.84 -0.17
C CYS B 10 -13.82 -10.84 0.41
N LYS B 11 -13.61 -10.07 1.48
CA LYS B 11 -12.31 -10.05 2.17
C LYS B 11 -11.97 -11.45 2.72
N ASP B 12 -12.95 -12.12 3.30
CA ASP B 12 -12.75 -13.48 3.78
C ASP B 12 -12.24 -14.33 2.62
N LEU B 13 -12.97 -14.33 1.52
CA LEU B 13 -12.65 -15.18 0.38
C LEU B 13 -11.23 -14.94 -0.12
N LEU B 14 -10.80 -13.69 -0.14
CA LEU B 14 -9.43 -13.36 -0.54
C LEU B 14 -8.48 -13.96 0.47
N ASP B 15 -8.86 -13.89 1.75
CA ASP B 15 -8.06 -14.44 2.81
C ASP B 15 -7.99 -15.96 2.64
N ARG B 16 -9.00 -16.55 2.05
CA ARG B 16 -8.97 -17.97 1.85
C ARG B 16 -8.49 -18.32 0.45
N GLY B 17 -7.73 -17.42 -0.17
CA GLY B 17 -7.01 -17.76 -1.37
C GLY B 17 -7.80 -17.79 -2.67
N HIS B 18 -8.96 -17.16 -2.71
CA HIS B 18 -9.61 -16.87 -3.98
C HIS B 18 -9.07 -15.56 -4.55
N PHE B 19 -8.13 -15.64 -5.48
CA PHE B 19 -7.45 -14.43 -5.96
C PHE B 19 -8.06 -13.82 -7.20
N LEU B 20 -8.96 -14.56 -7.82
CA LEU B 20 -9.60 -14.13 -9.07
C LEU B 20 -10.92 -13.44 -8.77
N SER B 21 -11.10 -12.24 -9.34
CA SER B 21 -12.38 -11.53 -9.26
C SER B 21 -13.51 -12.37 -9.84
N GLY B 22 -14.72 -12.23 -9.31
CA GLY B 22 -15.85 -12.99 -9.82
C GLY B 22 -16.96 -13.22 -8.82
N TRP B 23 -17.98 -13.96 -9.23
CA TRP B 23 -19.16 -14.13 -8.40
C TRP B 23 -18.97 -15.27 -7.44
N HIS B 24 -18.95 -14.96 -6.15
CA HIS B 24 -18.85 -15.99 -5.12
C HIS B 24 -20.03 -15.85 -4.18
N THR B 25 -20.36 -16.94 -3.51
CA THR B 25 -21.39 -16.85 -2.51
C THR B 25 -20.82 -16.62 -1.09
N ILE B 26 -21.37 -15.63 -0.39
CA ILE B 26 -20.97 -15.30 0.98
C ILE B 26 -22.21 -15.42 1.85
N TYR B 27 -22.06 -15.50 3.15
CA TYR B 27 -23.30 -15.62 3.91
C TYR B 27 -23.63 -14.34 4.65
N LEU B 28 -24.86 -13.89 4.49
CA LEU B 28 -25.26 -12.67 5.14
C LEU B 28 -25.14 -12.89 6.66
N PRO B 29 -25.12 -11.78 7.43
CA PRO B 29 -25.10 -11.93 8.87
C PRO B 29 -26.33 -12.68 9.40
N ASP B 30 -27.39 -12.78 8.62
CA ASP B 30 -28.55 -13.54 9.00
C ASP B 30 -28.56 -14.90 8.27
N CYS B 31 -27.37 -15.34 7.86
CA CYS B 31 -27.21 -16.68 7.27
C CYS B 31 -27.88 -16.94 5.91
N ARG B 32 -28.52 -15.91 5.35
CA ARG B 32 -28.94 -15.96 3.94
C ARG B 32 -27.71 -16.00 3.01
N PRO B 33 -27.71 -16.95 2.09
CA PRO B 33 -26.65 -17.05 1.11
C PRO B 33 -26.96 -16.11 -0.03
N LEU B 34 -25.98 -15.32 -0.45
CA LEU B 34 -26.17 -14.33 -1.51
C LEU B 34 -24.94 -14.30 -2.42
N THR B 35 -25.15 -14.43 -3.74
CA THR B 35 -24.04 -14.53 -4.70
C THR B 35 -23.52 -13.14 -5.12
N VAL B 36 -22.38 -12.74 -4.57
CA VAL B 36 -21.92 -11.38 -4.83
C VAL B 36 -20.72 -11.37 -5.76
N LEU B 37 -20.38 -10.20 -6.29
CA LEU B 37 -19.25 -10.03 -7.17
C LEU B 37 -18.07 -9.55 -6.35
N CYS B 38 -16.99 -10.32 -6.31
CA CYS B 38 -15.81 -9.91 -5.56
C CYS B 38 -14.78 -9.30 -6.47
N ASP B 39 -14.33 -8.09 -6.16
CA ASP B 39 -13.22 -7.50 -6.89
C ASP B 39 -11.96 -7.80 -6.10
N MET B 40 -11.19 -8.79 -6.57
CA MET B 40 -10.04 -9.30 -5.83
C MET B 40 -8.76 -8.63 -6.24
N ASP B 41 -8.88 -7.50 -6.94
CA ASP B 41 -7.74 -6.90 -7.58
C ASP B 41 -7.50 -5.46 -7.13
N THR B 42 -8.52 -4.62 -7.20
CA THR B 42 -8.35 -3.19 -6.93
C THR B 42 -7.93 -2.89 -5.49
N ASP B 43 -6.93 -2.02 -5.34
CA ASP B 43 -6.54 -1.47 -4.03
C ASP B 43 -6.43 -2.51 -2.92
N GLY B 44 -5.68 -3.58 -3.17
CA GLY B 44 -5.52 -4.63 -2.17
C GLY B 44 -6.48 -5.78 -2.37
N GLY B 45 -7.59 -5.51 -3.05
CA GLY B 45 -8.59 -6.55 -3.31
C GLY B 45 -9.47 -6.83 -2.09
N GLY B 46 -10.47 -7.68 -2.26
CA GLY B 46 -11.38 -8.02 -1.17
C GLY B 46 -12.65 -7.17 -1.10
N TRP B 47 -12.98 -6.51 -2.21
CA TRP B 47 -14.17 -5.65 -2.31
C TRP B 47 -15.40 -6.40 -2.79
N THR B 48 -16.51 -6.20 -2.11
CA THR B 48 -17.79 -6.69 -2.57
C THR B 48 -18.41 -5.57 -3.39
N VAL B 49 -18.83 -5.87 -4.61
CA VAL B 49 -19.28 -4.83 -5.52
C VAL B 49 -20.80 -4.79 -5.56
N PHE B 50 -21.40 -3.66 -5.24
CA PHE B 50 -22.87 -3.61 -5.22
C PHE B 50 -23.49 -2.88 -6.39
N GLN B 51 -22.66 -2.19 -7.17
CA GLN B 51 -23.14 -1.48 -8.36
C GLN B 51 -22.11 -1.53 -9.48
N ARG B 52 -22.56 -1.55 -10.73
CA ARG B 52 -21.65 -1.68 -11.81
C ARG B 52 -22.26 -1.36 -13.15
N ARG B 53 -21.78 -0.30 -13.77
CA ARG B 53 -22.16 0.09 -15.12
C ARG B 53 -20.97 -0.18 -16.01
N VAL B 54 -21.21 -0.68 -17.21
CA VAL B 54 -20.07 -0.98 -18.05
C VAL B 54 -20.27 -0.76 -19.58
N ASP B 55 -21.51 -0.85 -20.05
CA ASP B 55 -21.76 -0.81 -21.49
C ASP B 55 -23.12 -0.21 -21.87
N GLY B 56 -23.93 0.08 -20.87
CA GLY B 56 -25.25 0.66 -21.09
C GLY B 56 -26.34 -0.33 -21.45
N SER B 57 -26.09 -1.62 -21.25
CA SER B 57 -27.03 -2.64 -21.68
C SER B 57 -28.26 -2.84 -20.79
N VAL B 58 -28.21 -2.33 -19.55
CA VAL B 58 -29.28 -2.53 -18.58
C VAL B 58 -29.97 -1.21 -18.19
N ASP B 59 -31.30 -1.21 -18.16
CA ASP B 59 -32.07 -0.02 -17.79
C ASP B 59 -31.97 0.25 -16.28
N PHE B 60 -31.47 1.42 -15.92
CA PHE B 60 -31.30 1.77 -14.51
C PHE B 60 -32.36 2.74 -14.02
N TYR B 61 -33.17 3.23 -14.95
CA TYR B 61 -34.26 4.13 -14.60
C TYR B 61 -35.46 3.36 -14.02
N ARG B 62 -35.26 2.67 -12.90
CA ARG B 62 -36.27 1.77 -12.36
C ARG B 62 -36.98 2.20 -11.07
N ASP B 63 -38.03 1.48 -10.70
CA ASP B 63 -38.88 1.86 -9.56
C ASP B 63 -38.41 1.32 -8.20
N TRP B 64 -39.09 1.72 -7.14
CA TRP B 64 -38.69 1.41 -5.78
C TRP B 64 -38.55 -0.08 -5.49
N ALA B 65 -39.51 -0.87 -5.96
CA ALA B 65 -39.51 -2.30 -5.69
C ALA B 65 -38.28 -2.92 -6.34
N THR B 66 -37.91 -2.38 -7.49
CA THR B 66 -36.80 -2.91 -8.26
C THR B 66 -35.44 -2.57 -7.61
N TYR B 67 -35.26 -1.32 -7.18
CA TYR B 67 -34.04 -0.97 -6.46
C TYR B 67 -33.97 -1.69 -5.13
N LYS B 68 -35.14 -2.05 -4.61
CA LYS B 68 -35.23 -2.75 -3.34
C LYS B 68 -34.55 -4.09 -3.44
N GLN B 69 -34.99 -4.87 -4.41
CA GLN B 69 -34.56 -6.26 -4.54
C GLN B 69 -33.35 -6.47 -5.45
N GLY B 70 -32.93 -5.42 -6.16
CA GLY B 70 -31.79 -5.52 -7.07
C GLY B 70 -32.23 -5.92 -8.47
N PHE B 71 -31.36 -5.70 -9.44
CA PHE B 71 -31.70 -6.00 -10.82
C PHE B 71 -30.44 -6.02 -11.67
N GLY B 72 -30.53 -6.59 -12.87
CA GLY B 72 -29.39 -6.65 -13.77
C GLY B 72 -28.87 -8.06 -13.98
N SER B 73 -27.61 -8.17 -14.38
CA SER B 73 -27.07 -9.47 -14.77
C SER B 73 -25.65 -9.66 -14.25
N ARG B 74 -25.37 -10.84 -13.72
CA ARG B 74 -24.02 -11.14 -13.26
C ARG B 74 -23.04 -11.03 -14.41
N LEU B 75 -23.55 -11.10 -15.64
CA LEU B 75 -22.72 -11.08 -16.81
C LEU B 75 -22.38 -9.67 -17.21
N GLY B 76 -22.98 -8.69 -16.55
CA GLY B 76 -22.77 -7.29 -16.91
C GLY B 76 -23.08 -6.26 -15.83
N GLU B 77 -24.06 -5.41 -16.12
CA GLU B 77 -24.44 -4.30 -15.25
C GLU B 77 -25.45 -4.77 -14.20
N PHE B 78 -25.48 -4.08 -13.06
CA PHE B 78 -26.41 -4.46 -12.02
C PHE B 78 -26.33 -3.56 -10.79
N TRP B 79 -27.42 -3.59 -10.03
CA TRP B 79 -27.52 -2.99 -8.69
C TRP B 79 -27.86 -4.13 -7.76
N LEU B 80 -27.07 -4.33 -6.72
CA LEU B 80 -27.23 -5.51 -5.88
C LEU B 80 -28.55 -5.51 -5.13
N GLY B 81 -29.17 -4.33 -5.02
CA GLY B 81 -30.42 -4.22 -4.28
C GLY B 81 -30.23 -3.65 -2.90
N ASN B 82 -31.14 -2.77 -2.51
CA ASN B 82 -31.01 -2.01 -1.28
C ASN B 82 -31.12 -2.85 -0.02
N ASP B 83 -31.99 -3.85 -0.03
CA ASP B 83 -32.05 -4.75 1.13
C ASP B 83 -30.69 -5.40 1.35
N ASN B 84 -30.10 -5.90 0.26
CA ASN B 84 -28.79 -6.53 0.34
C ASN B 84 -27.67 -5.58 0.73
N ILE B 85 -27.75 -4.36 0.23
CA ILE B 85 -26.70 -3.39 0.51
C ILE B 85 -26.77 -3.02 1.98
N HIS B 86 -27.98 -2.93 2.50
CA HIS B 86 -28.15 -2.64 3.91
C HIS B 86 -27.65 -3.81 4.72
N ALA B 87 -28.14 -5.00 4.40
CA ALA B 87 -27.71 -6.21 5.09
C ALA B 87 -26.18 -6.23 5.16
N LEU B 88 -25.51 -5.91 4.08
CA LEU B 88 -24.05 -5.99 4.07
C LEU B 88 -23.38 -4.92 4.88
N THR B 89 -24.10 -3.85 5.20
CA THR B 89 -23.43 -2.71 5.80
C THR B 89 -24.00 -2.30 7.15
N ALA B 90 -25.06 -2.95 7.64
CA ALA B 90 -25.61 -2.67 8.99
C ALA B 90 -24.56 -2.86 10.06
N GLN B 91 -24.65 -4.01 10.72
CA GLN B 91 -23.64 -4.45 11.67
C GLN B 91 -22.22 -4.18 11.13
N GLY B 92 -21.42 -3.48 11.94
CA GLY B 92 -20.03 -3.21 11.61
C GLY B 92 -19.73 -1.99 10.73
N THR B 93 -18.54 -2.02 10.15
CA THR B 93 -17.97 -0.84 9.54
C THR B 93 -17.24 -1.15 8.23
N SER B 94 -17.83 -0.75 7.10
CA SER B 94 -17.23 -1.06 5.80
C SER B 94 -16.80 0.18 5.08
N GLU B 95 -15.60 0.17 4.54
CA GLU B 95 -15.20 1.31 3.75
C GLU B 95 -15.78 1.21 2.36
N LEU B 96 -15.89 2.35 1.70
CA LEU B 96 -16.48 2.43 0.39
C LEU B 96 -15.45 2.94 -0.55
N ARG B 97 -15.30 2.23 -1.68
CA ARG B 97 -14.47 2.68 -2.78
C ARG B 97 -15.32 2.89 -4.00
N THR B 98 -15.10 4.00 -4.71
CA THR B 98 -15.78 4.26 -5.98
C THR B 98 -14.75 4.32 -7.10
N ASP B 99 -14.88 3.43 -8.08
CA ASP B 99 -13.94 3.41 -9.18
C ASP B 99 -14.66 3.86 -10.42
N LEU B 100 -13.97 4.61 -11.27
CA LEU B 100 -14.59 5.16 -12.47
C LEU B 100 -13.65 5.09 -13.66
N VAL B 101 -14.19 5.03 -14.86
CA VAL B 101 -13.35 5.16 -16.03
C VAL B 101 -14.00 6.00 -17.13
N ASP B 102 -13.22 6.79 -17.86
CA ASP B 102 -13.81 7.49 -18.99
C ASP B 102 -13.59 6.76 -20.32
N PHE B 103 -14.02 7.39 -21.40
CA PHE B 103 -13.91 6.77 -22.70
C PHE B 103 -12.56 7.05 -23.31
N GLU B 104 -11.77 7.87 -22.62
CA GLU B 104 -10.38 8.10 -23.00
C GLU B 104 -9.45 7.22 -22.15
N ASP B 105 -10.05 6.28 -21.44
CA ASP B 105 -9.30 5.33 -20.59
C ASP B 105 -8.57 5.91 -19.37
N ASN B 106 -9.07 7.01 -18.83
CA ASN B 106 -8.52 7.54 -17.59
C ASN B 106 -9.19 6.95 -16.33
N TYR B 107 -8.38 6.41 -15.43
CA TYR B 107 -8.88 5.72 -14.24
C TYR B 107 -8.96 6.70 -13.08
N GLN B 108 -10.12 6.79 -12.42
CA GLN B 108 -10.26 7.64 -11.25
C GLN B 108 -10.94 6.91 -10.12
N PHE B 109 -10.75 7.39 -8.91
CA PHE B 109 -11.42 6.81 -7.77
C PHE B 109 -11.78 7.85 -6.72
N ALA B 110 -12.34 7.34 -5.62
CA ALA B 110 -12.73 8.14 -4.48
C ALA B 110 -13.00 7.16 -3.36
N LYS B 111 -12.64 7.51 -2.15
CA LYS B 111 -12.65 6.53 -1.10
C LYS B 111 -13.18 7.19 0.13
N TYR B 112 -14.06 6.48 0.84
CA TYR B 112 -14.70 7.02 2.04
C TYR B 112 -14.46 6.12 3.26
N ARG B 113 -14.34 6.71 4.44
CA ARG B 113 -13.97 5.96 5.63
C ARG B 113 -14.95 4.84 6.05
N SER B 114 -16.24 5.13 5.95
CA SER B 114 -17.32 4.19 6.24
C SER B 114 -18.54 4.49 5.38
N PHE B 115 -19.42 3.51 5.28
CA PHE B 115 -20.55 3.62 4.37
C PHE B 115 -21.58 2.65 4.86
N LYS B 116 -22.80 3.14 5.03
CA LYS B 116 -23.86 2.33 5.58
C LYS B 116 -25.19 2.82 5.03
N VAL B 117 -26.10 1.90 4.74
CA VAL B 117 -27.44 2.34 4.39
C VAL B 117 -28.45 1.72 5.34
N ALA B 118 -29.36 2.56 5.86
CA ALA B 118 -30.38 2.10 6.77
C ALA B 118 -31.37 1.17 6.05
N ASP B 119 -32.28 0.54 6.80
CA ASP B 119 -33.31 -0.31 6.20
C ASP B 119 -34.41 0.51 5.48
N GLU B 120 -35.38 -0.20 4.90
CA GLU B 120 -36.42 0.43 4.10
C GLU B 120 -37.29 1.35 4.95
N ALA B 121 -37.50 0.97 6.20
CA ALA B 121 -38.20 1.81 7.14
C ALA B 121 -37.57 3.19 7.15
N GLU B 122 -36.24 3.25 7.08
CA GLU B 122 -35.53 4.54 7.03
C GLU B 122 -35.17 4.96 5.60
N LYS B 123 -35.87 4.43 4.61
CA LYS B 123 -35.60 4.77 3.22
C LYS B 123 -34.10 4.72 2.90
N TYR B 124 -33.51 3.56 3.15
CA TYR B 124 -32.14 3.29 2.81
C TYR B 124 -31.21 4.49 3.01
N ASN B 125 -31.42 5.16 4.14
CA ASN B 125 -30.72 6.41 4.47
C ASN B 125 -29.22 6.27 4.45
N LEU B 126 -28.51 7.27 3.92
CA LEU B 126 -27.06 7.16 3.76
C LEU B 126 -26.22 7.72 4.93
N VAL B 127 -25.44 6.84 5.54
CA VAL B 127 -24.52 7.23 6.60
C VAL B 127 -23.06 7.12 6.14
N LEU B 128 -22.51 8.26 5.75
CA LEU B 128 -21.17 8.32 5.14
C LEU B 128 -20.08 8.84 6.08
N GLY B 129 -19.01 8.05 6.22
CA GLY B 129 -17.79 8.52 6.86
C GLY B 129 -17.04 9.57 6.04
N ALA B 130 -15.83 9.89 6.50
CA ALA B 130 -14.93 10.89 5.90
C ALA B 130 -14.37 10.49 4.54
N PHE B 131 -14.30 11.48 3.66
CA PHE B 131 -13.57 11.32 2.42
C PHE B 131 -12.13 11.07 2.76
N VAL B 132 -11.58 9.92 2.37
CA VAL B 132 -10.18 9.63 2.65
C VAL B 132 -9.21 10.28 1.65
N GLU B 133 -9.56 10.21 0.37
CA GLU B 133 -8.64 10.50 -0.72
C GLU B 133 -9.24 9.97 -2.02
N GLY B 134 -8.58 10.22 -3.14
CA GLY B 134 -9.08 9.71 -4.37
C GLY B 134 -9.16 10.76 -5.44
N SER B 135 -8.58 10.45 -6.58
CA SER B 135 -8.39 11.38 -7.65
C SER B 135 -9.68 11.86 -8.31
N ALA B 136 -10.83 11.33 -7.90
CA ALA B 136 -12.14 11.74 -8.48
C ALA B 136 -12.78 12.83 -7.63
N GLY B 137 -12.28 12.92 -6.41
CA GLY B 137 -12.68 13.99 -5.51
C GLY B 137 -14.04 13.72 -4.92
N ASP B 138 -14.30 14.36 -3.77
CA ASP B 138 -15.56 14.17 -3.05
C ASP B 138 -16.75 14.62 -3.88
N SER B 139 -17.66 13.71 -4.13
CA SER B 139 -18.93 14.06 -4.74
C SER B 139 -19.99 13.13 -4.18
N LEU B 140 -19.84 12.86 -2.88
CA LEU B 140 -20.73 11.97 -2.16
C LEU B 140 -21.07 12.57 -0.80
N THR B 141 -20.12 13.23 -0.17
CA THR B 141 -20.38 13.87 1.12
C THR B 141 -21.62 14.75 1.06
N PHE B 142 -21.76 15.47 -0.05
CA PHE B 142 -22.89 16.35 -0.30
C PHE B 142 -24.19 15.59 -0.08
N HIS B 143 -24.12 14.28 -0.28
CA HIS B 143 -25.26 13.39 -0.26
C HIS B 143 -25.37 12.64 1.06
N ASN B 144 -24.66 13.09 2.08
CA ASN B 144 -24.84 12.44 3.37
C ASN B 144 -26.19 12.70 4.04
N ASN B 145 -26.65 11.73 4.82
CA ASN B 145 -27.91 11.85 5.59
C ASN B 145 -29.15 11.95 4.71
N GLN B 146 -29.12 11.30 3.57
CA GLN B 146 -30.18 11.46 2.61
C GLN B 146 -30.84 10.14 2.39
N SER B 147 -32.15 10.18 2.21
CA SER B 147 -32.88 8.99 1.87
C SER B 147 -32.55 8.74 0.45
N PHE B 148 -32.97 7.59 -0.01
CA PHE B 148 -32.71 7.16 -1.37
C PHE B 148 -34.05 7.33 -2.08
N SER B 149 -34.04 7.77 -3.35
CA SER B 149 -35.28 8.00 -4.09
C SER B 149 -35.25 7.33 -5.44
N THR B 150 -36.39 6.78 -5.84
CA THR B 150 -36.61 6.38 -7.18
C THR B 150 -37.63 7.36 -7.75
N LYS B 151 -37.98 7.19 -9.02
CA LYS B 151 -38.96 8.05 -9.69
C LYS B 151 -40.35 7.89 -9.10
N ASP B 152 -40.68 6.68 -8.66
CA ASP B 152 -42.04 6.47 -8.17
C ASP B 152 -42.14 6.66 -6.66
N GLN B 153 -41.02 7.03 -6.03
CA GLN B 153 -40.98 7.40 -4.62
C GLN B 153 -39.95 8.49 -4.31
N ASP B 154 -40.48 9.69 -4.07
CA ASP B 154 -39.72 10.94 -3.99
C ASP B 154 -39.44 11.28 -2.53
N ASN B 155 -38.20 11.09 -2.10
CA ASN B 155 -37.83 11.36 -0.72
C ASN B 155 -36.72 12.41 -0.64
N ASP B 156 -36.61 13.26 -1.66
CA ASP B 156 -35.54 14.28 -1.69
C ASP B 156 -35.95 15.59 -1.04
N LEU B 157 -35.03 16.55 -1.00
CA LEU B 157 -35.31 17.86 -0.44
C LEU B 157 -35.51 18.85 -1.57
N ASN B 158 -36.14 18.37 -2.62
CA ASN B 158 -36.38 19.22 -3.75
C ASN B 158 -37.81 19.30 -4.24
N THR B 159 -38.37 20.52 -4.18
CA THR B 159 -39.78 20.73 -4.39
C THR B 159 -40.25 19.99 -5.64
N GLY B 160 -39.34 19.46 -6.43
CA GLY B 160 -39.68 18.59 -7.56
C GLY B 160 -39.09 17.21 -7.42
N ASN B 161 -39.13 16.44 -8.51
CA ASN B 161 -38.70 15.05 -8.47
C ASN B 161 -37.28 14.87 -9.03
N CYS B 162 -36.29 14.76 -8.14
CA CYS B 162 -34.90 14.68 -8.56
C CYS B 162 -34.64 13.49 -9.48
N ALA B 163 -35.42 12.41 -9.33
CA ALA B 163 -35.18 11.19 -10.09
C ALA B 163 -35.70 11.26 -11.53
N VAL B 164 -36.81 11.96 -11.72
CA VAL B 164 -37.35 12.14 -13.04
C VAL B 164 -36.50 13.18 -13.75
N MET B 165 -36.00 14.16 -13.02
CA MET B 165 -35.23 15.21 -13.66
C MET B 165 -33.90 14.69 -14.14
N PHE B 166 -33.10 14.18 -13.22
CA PHE B 166 -31.76 13.72 -13.59
C PHE B 166 -31.73 12.25 -13.95
N GLN B 167 -32.91 11.65 -14.05
CA GLN B 167 -33.11 10.37 -14.73
C GLN B 167 -32.32 9.20 -14.23
N GLY B 168 -32.29 9.06 -12.91
CA GLY B 168 -31.52 8.04 -12.24
C GLY B 168 -32.24 7.55 -11.01
N ALA B 169 -31.46 7.20 -9.99
CA ALA B 169 -31.98 6.81 -8.66
C ALA B 169 -30.81 6.90 -7.65
N TRP B 170 -31.04 7.55 -6.52
CA TRP B 170 -29.90 7.94 -5.69
C TRP B 170 -30.32 8.49 -4.34
N TRP B 171 -29.35 8.74 -3.46
CA TRP B 171 -29.60 9.47 -2.21
C TRP B 171 -29.68 10.96 -2.49
N TYR B 172 -30.64 11.35 -3.33
CA TYR B 172 -30.71 12.72 -3.79
C TYR B 172 -31.04 13.64 -2.67
N LYS B 173 -30.65 14.89 -2.85
CA LYS B 173 -30.85 15.91 -1.88
C LYS B 173 -31.63 16.98 -2.60
N ASN B 174 -30.90 17.77 -3.37
CA ASN B 174 -31.50 18.94 -3.94
C ASN B 174 -30.80 19.53 -5.17
N CYS B 175 -30.36 18.75 -6.17
CA CYS B 175 -30.52 17.29 -6.26
C CYS B 175 -29.27 16.49 -6.03
N HIS B 176 -28.19 16.79 -6.75
CA HIS B 176 -27.02 15.93 -6.66
C HIS B 176 -25.76 16.57 -7.18
N THR B 177 -24.64 16.03 -6.70
CA THR B 177 -23.33 16.24 -7.28
C THR B 177 -22.86 14.90 -7.81
N SER B 178 -23.65 13.86 -7.61
CA SER B 178 -23.28 12.57 -8.20
C SER B 178 -24.53 11.78 -8.59
N ASN B 179 -24.47 11.07 -9.71
CA ASN B 179 -25.67 10.42 -10.24
C ASN B 179 -25.36 9.10 -10.93
N LEU B 180 -24.69 8.21 -10.20
CA LEU B 180 -24.10 7.01 -10.80
C LEU B 180 -25.13 6.01 -11.35
N ASN B 181 -26.39 6.23 -11.02
CA ASN B 181 -27.44 5.37 -11.56
C ASN B 181 -28.24 6.09 -12.66
N GLY B 182 -27.65 7.12 -13.22
CA GLY B 182 -28.26 7.85 -14.34
C GLY B 182 -28.14 7.14 -15.67
N ARG B 183 -28.58 7.80 -16.74
CA ARG B 183 -28.63 7.19 -18.07
C ARG B 183 -27.23 7.00 -18.65
N TYR B 184 -27.01 5.86 -19.30
CA TYR B 184 -25.72 5.57 -19.89
C TYR B 184 -25.53 6.38 -21.17
N LEU B 185 -25.13 7.63 -21.03
CA LEU B 185 -25.12 8.55 -22.18
C LEU B 185 -23.85 8.54 -23.07
N ARG B 186 -22.83 7.80 -22.68
CA ARG B 186 -21.63 7.62 -23.52
C ARG B 186 -20.77 8.88 -23.74
N GLY B 187 -20.19 9.43 -22.67
CA GLY B 187 -19.26 10.54 -22.79
C GLY B 187 -19.92 11.90 -22.64
N THR B 188 -19.54 12.84 -23.51
CA THR B 188 -20.10 14.18 -23.41
C THR B 188 -21.54 14.18 -23.85
N HIS B 189 -22.41 14.77 -23.03
CA HIS B 189 -23.81 14.89 -23.38
C HIS B 189 -24.28 16.33 -23.15
N GLY B 190 -25.18 16.78 -24.02
CA GLY B 190 -25.75 18.12 -23.90
C GLY B 190 -26.70 18.24 -22.73
N SER B 191 -27.56 17.24 -22.56
CA SER B 191 -28.51 17.23 -21.45
C SER B 191 -27.82 17.44 -20.10
N PHE B 192 -28.56 18.02 -19.16
CA PHE B 192 -27.99 18.44 -17.88
C PHE B 192 -28.05 17.36 -16.80
N ALA B 193 -26.87 16.93 -16.34
CA ALA B 193 -26.73 16.15 -15.12
C ALA B 193 -27.62 14.91 -15.02
N ASN B 194 -27.92 14.30 -16.17
CA ASN B 194 -28.74 13.09 -16.16
C ASN B 194 -27.97 11.88 -16.67
N GLY B 195 -26.66 12.01 -16.72
CA GLY B 195 -25.81 10.88 -17.10
C GLY B 195 -25.21 10.21 -15.89
N ILE B 196 -24.29 9.28 -16.13
CA ILE B 196 -23.49 8.72 -15.05
C ILE B 196 -22.48 9.80 -14.68
N ASN B 197 -22.88 10.69 -13.78
CA ASN B 197 -22.15 11.92 -13.49
C ASN B 197 -21.58 11.98 -12.09
N TRP B 198 -20.37 12.50 -11.97
CA TRP B 198 -19.72 12.75 -10.70
C TRP B 198 -19.19 14.16 -10.85
N LYS B 199 -19.80 15.12 -10.14
CA LYS B 199 -19.57 16.53 -10.43
C LYS B 199 -18.11 16.94 -10.33
N SER B 200 -17.46 16.53 -9.24
CA SER B 200 -16.05 16.87 -9.05
C SER B 200 -15.12 16.09 -9.99
N GLY B 201 -15.64 15.04 -10.61
CA GLY B 201 -14.87 14.25 -11.58
C GLY B 201 -14.84 14.90 -12.94
N LYS B 202 -15.64 14.38 -13.87
CA LYS B 202 -15.77 14.95 -15.21
C LYS B 202 -16.98 15.88 -15.33
N GLY B 203 -17.71 16.08 -14.24
CA GLY B 203 -18.77 17.09 -14.22
C GLY B 203 -20.17 16.71 -14.65
N TYR B 204 -21.01 17.72 -14.86
CA TYR B 204 -22.44 17.50 -15.09
C TYR B 204 -22.82 17.11 -16.52
N ASN B 205 -21.83 17.06 -17.42
CA ASN B 205 -22.10 16.85 -18.84
C ASN B 205 -21.26 15.77 -19.46
N TYR B 206 -20.68 14.93 -18.59
CA TYR B 206 -19.94 13.76 -19.04
C TYR B 206 -20.38 12.49 -18.32
N SER B 207 -20.69 11.46 -19.10
CA SER B 207 -21.20 10.21 -18.55
C SER B 207 -20.15 9.12 -18.71
N TYR B 208 -19.62 8.64 -17.59
CA TYR B 208 -18.51 7.68 -17.62
C TYR B 208 -18.77 6.42 -18.44
N LYS B 209 -17.70 5.71 -18.79
CA LYS B 209 -17.82 4.41 -19.46
C LYS B 209 -18.04 3.30 -18.43
N VAL B 210 -17.33 3.38 -17.31
CA VAL B 210 -17.45 2.36 -16.27
C VAL B 210 -17.65 3.04 -14.94
N SER B 211 -18.44 2.41 -14.07
CA SER B 211 -18.56 2.88 -12.70
C SER B 211 -18.78 1.68 -11.82
N GLU B 212 -18.12 1.64 -10.67
CA GLU B 212 -18.35 0.57 -9.72
C GLU B 212 -18.35 1.11 -8.29
N MET B 213 -19.28 0.63 -7.48
CA MET B 213 -19.36 1.02 -6.10
C MET B 213 -19.19 -0.25 -5.28
N LYS B 214 -18.18 -0.27 -4.42
CA LYS B 214 -17.80 -1.48 -3.70
C LYS B 214 -17.45 -1.26 -2.21
N VAL B 215 -17.68 -2.27 -1.38
CA VAL B 215 -17.38 -2.15 0.04
C VAL B 215 -16.37 -3.18 0.53
N ARG B 216 -15.68 -2.84 1.60
CA ARG B 216 -14.75 -3.76 2.26
C ARG B 216 -14.69 -3.40 3.75
N PRO B 217 -14.79 -4.39 4.65
CA PRO B 217 -14.55 -4.24 6.09
C PRO B 217 -13.47 -3.23 6.40
N ALA B 218 -13.86 -2.09 6.98
CA ALA B 218 -12.94 -0.98 7.21
C ALA B 218 -11.95 -1.36 8.29
N CYS C 3 -31.71 -33.11 -5.82
CA CYS C 3 -32.89 -32.87 -6.70
C CYS C 3 -34.19 -32.69 -5.91
N LEU C 4 -35.32 -32.66 -6.63
CA LEU C 4 -36.70 -32.65 -6.07
C LEU C 4 -37.06 -31.46 -5.16
N THR C 5 -36.24 -31.15 -4.17
CA THR C 5 -36.42 -29.91 -3.43
C THR C 5 -35.94 -28.75 -4.28
N GLY C 6 -34.63 -28.78 -4.60
CA GLY C 6 -33.96 -27.77 -5.42
C GLY C 6 -34.70 -27.27 -6.65
N PRO C 7 -34.09 -26.33 -7.39
CA PRO C 7 -34.75 -25.61 -8.47
C PRO C 7 -34.96 -26.46 -9.71
N ARG C 8 -36.16 -26.37 -10.26
CA ARG C 8 -36.49 -27.14 -11.48
C ARG C 8 -36.24 -26.30 -12.73
N THR C 9 -36.45 -24.99 -12.60
CA THR C 9 -36.50 -24.01 -13.68
C THR C 9 -35.96 -22.67 -13.21
N CYS C 10 -35.75 -21.76 -14.14
CA CYS C 10 -35.37 -20.40 -13.78
C CYS C 10 -36.48 -19.70 -12.99
N LYS C 11 -37.74 -20.06 -13.26
CA LYS C 11 -38.88 -19.52 -12.52
C LYS C 11 -38.78 -19.88 -11.02
N ASP C 12 -38.40 -21.12 -10.73
CA ASP C 12 -38.19 -21.53 -9.35
C ASP C 12 -37.18 -20.59 -8.69
N LEU C 13 -36.02 -20.44 -9.32
CA LEU C 13 -34.94 -19.64 -8.76
C LEU C 13 -35.38 -18.21 -8.46
N LEU C 14 -36.18 -17.64 -9.35
CA LEU C 14 -36.71 -16.30 -9.12
C LEU C 14 -37.64 -16.32 -7.92
N ASP C 15 -38.52 -17.31 -7.88
CA ASP C 15 -39.49 -17.39 -6.80
C ASP C 15 -38.78 -17.50 -5.45
N ARG C 16 -37.58 -18.03 -5.47
CA ARG C 16 -36.80 -18.22 -4.28
C ARG C 16 -35.80 -17.09 -4.00
N GLY C 17 -35.86 -16.05 -4.81
CA GLY C 17 -35.16 -14.81 -4.50
C GLY C 17 -33.83 -14.58 -5.17
N HIS C 18 -33.54 -15.30 -6.25
CA HIS C 18 -32.43 -14.94 -7.11
C HIS C 18 -32.91 -13.92 -8.15
N PHE C 19 -32.67 -12.64 -7.91
CA PHE C 19 -33.23 -11.58 -8.75
C PHE C 19 -32.32 -11.14 -9.88
N LEU C 20 -31.06 -11.57 -9.82
CA LEU C 20 -30.07 -11.19 -10.80
C LEU C 20 -29.97 -12.22 -11.92
N SER C 21 -30.04 -11.76 -13.17
CA SER C 21 -29.82 -12.63 -14.32
C SER C 21 -28.43 -13.27 -14.27
N GLY C 22 -28.31 -14.48 -14.79
CA GLY C 22 -27.02 -15.15 -14.78
C GLY C 22 -27.10 -16.67 -14.81
N TRP C 23 -25.93 -17.32 -14.76
CA TRP C 23 -25.88 -18.77 -14.92
C TRP C 23 -26.13 -19.46 -13.60
N HIS C 24 -27.23 -20.19 -13.50
CA HIS C 24 -27.54 -20.97 -12.31
C HIS C 24 -27.69 -22.42 -12.71
N THR C 25 -27.51 -23.31 -11.75
CA THR C 25 -27.76 -24.70 -12.02
C THR C 25 -29.19 -25.12 -11.57
N ILE C 26 -29.91 -25.77 -12.49
CA ILE C 26 -31.25 -26.28 -12.23
C ILE C 26 -31.24 -27.78 -12.45
N TYR C 27 -32.31 -28.39 -11.95
CA TYR C 27 -32.49 -29.83 -11.98
C TYR C 27 -33.65 -30.12 -12.90
N LEU C 28 -33.41 -30.99 -13.89
CA LEU C 28 -34.37 -31.27 -14.95
C LEU C 28 -35.48 -32.22 -14.49
N PRO C 29 -36.50 -32.43 -15.34
CA PRO C 29 -37.51 -33.42 -14.95
C PRO C 29 -36.90 -34.81 -14.60
N ASP C 30 -35.59 -34.99 -14.86
CA ASP C 30 -34.92 -36.26 -14.58
C ASP C 30 -33.83 -36.14 -13.51
N CYS C 31 -33.70 -34.96 -12.95
CA CYS C 31 -32.73 -34.69 -11.85
C CYS C 31 -31.27 -34.63 -12.28
N ARG C 32 -31.03 -34.58 -13.57
CA ARG C 32 -29.71 -34.25 -14.07
C ARG C 32 -29.52 -32.75 -13.86
N PRO C 33 -28.38 -32.36 -13.27
CA PRO C 33 -28.07 -30.95 -12.99
C PRO C 33 -27.62 -30.22 -14.25
N LEU C 34 -28.17 -29.03 -14.50
CA LEU C 34 -27.89 -28.30 -15.73
C LEU C 34 -27.71 -26.81 -15.49
N THR C 35 -26.47 -26.34 -15.62
CA THR C 35 -26.19 -24.92 -15.52
C THR C 35 -26.71 -24.11 -16.74
N VAL C 36 -27.77 -23.33 -16.51
CA VAL C 36 -28.46 -22.55 -17.54
C VAL C 36 -28.37 -21.06 -17.26
N LEU C 37 -28.72 -20.26 -18.27
CA LEU C 37 -28.71 -18.81 -18.12
C LEU C 37 -30.11 -18.34 -17.79
N CYS C 38 -30.30 -17.70 -16.64
CA CYS C 38 -31.62 -17.23 -16.27
C CYS C 38 -31.75 -15.75 -16.56
N ASP C 39 -32.79 -15.39 -17.31
CA ASP C 39 -33.08 -13.97 -17.51
C ASP C 39 -34.13 -13.59 -16.48
N MET C 40 -33.68 -12.91 -15.42
CA MET C 40 -34.52 -12.61 -14.26
C MET C 40 -35.18 -11.26 -14.39
N ASP C 41 -35.15 -10.70 -15.58
CA ASP C 41 -35.55 -9.32 -15.75
C ASP C 41 -36.68 -9.14 -16.75
N THR C 42 -36.54 -9.69 -17.95
CA THR C 42 -37.52 -9.46 -19.02
C THR C 42 -38.91 -9.99 -18.71
N ASP C 43 -39.93 -9.16 -18.97
CA ASP C 43 -41.33 -9.58 -18.91
C ASP C 43 -41.70 -10.41 -17.67
N GLY C 44 -41.36 -9.92 -16.49
CA GLY C 44 -41.66 -10.62 -15.26
C GLY C 44 -40.49 -11.44 -14.77
N GLY C 45 -39.58 -11.80 -15.66
CA GLY C 45 -38.40 -12.58 -15.30
C GLY C 45 -38.72 -14.06 -15.13
N GLY C 46 -37.69 -14.87 -14.89
CA GLY C 46 -37.88 -16.31 -14.72
C GLY C 46 -37.73 -17.14 -16.00
N TRP C 47 -37.07 -16.56 -17.00
CA TRP C 47 -36.85 -17.21 -18.29
C TRP C 47 -35.53 -17.98 -18.33
N THR C 48 -35.58 -19.21 -18.83
CA THR C 48 -34.38 -19.97 -19.11
C THR C 48 -34.03 -19.70 -20.56
N VAL C 49 -32.80 -19.29 -20.81
CA VAL C 49 -32.41 -18.85 -22.14
C VAL C 49 -31.66 -19.96 -22.86
N PHE C 50 -32.15 -20.40 -24.02
CA PHE C 50 -31.46 -21.50 -24.70
C PHE C 50 -30.66 -21.07 -25.92
N GLN C 51 -30.83 -19.83 -26.35
CA GLN C 51 -30.07 -19.30 -27.48
C GLN C 51 -29.74 -17.82 -27.27
N ARG C 52 -28.50 -17.44 -27.62
CA ARG C 52 -28.09 -16.05 -27.45
C ARG C 52 -27.05 -15.63 -28.49
N ARG C 53 -27.38 -14.63 -29.31
CA ARG C 53 -26.40 -13.98 -30.18
C ARG C 53 -26.20 -12.57 -29.66
N VAL C 54 -24.97 -12.10 -29.66
CA VAL C 54 -24.76 -10.76 -29.11
C VAL C 54 -23.67 -9.91 -29.80
N ASP C 55 -22.68 -10.56 -30.41
CA ASP C 55 -21.52 -9.82 -30.93
C ASP C 55 -20.87 -10.49 -32.15
N GLY C 56 -21.33 -11.68 -32.49
CA GLY C 56 -20.82 -12.41 -33.65
C GLY C 56 -19.55 -13.20 -33.38
N SER C 57 -19.20 -13.38 -32.12
CA SER C 57 -17.93 -14.01 -31.77
C SER C 57 -17.89 -15.54 -31.93
N VAL C 58 -19.05 -16.18 -32.01
CA VAL C 58 -19.14 -17.64 -32.05
C VAL C 58 -19.72 -18.14 -33.39
N ASP C 59 -19.09 -19.16 -33.98
CA ASP C 59 -19.57 -19.74 -35.23
C ASP C 59 -20.83 -20.58 -35.03
N PHE C 60 -21.92 -20.19 -35.69
CA PHE C 60 -23.19 -20.90 -35.54
C PHE C 60 -23.50 -21.80 -36.72
N TYR C 61 -22.66 -21.73 -37.75
CA TYR C 61 -22.82 -22.58 -38.91
C TYR C 61 -22.29 -24.00 -38.64
N ARG C 62 -22.88 -24.70 -37.66
CA ARG C 62 -22.33 -25.98 -37.21
C ARG C 62 -23.14 -27.23 -37.55
N ASP C 63 -22.54 -28.39 -37.30
CA ASP C 63 -23.14 -29.67 -37.71
C ASP C 63 -24.09 -30.29 -36.66
N TRP C 64 -24.72 -31.40 -37.04
CA TRP C 64 -25.76 -32.01 -36.23
C TRP C 64 -25.33 -32.39 -34.81
N ALA C 65 -24.13 -32.97 -34.70
CA ALA C 65 -23.64 -33.42 -33.40
C ALA C 65 -23.47 -32.21 -32.49
N THR C 66 -23.07 -31.09 -33.10
CA THR C 66 -22.80 -29.87 -32.36
C THR C 66 -24.09 -29.20 -31.86
N TYR C 67 -25.10 -29.09 -32.73
CA TYR C 67 -26.39 -28.55 -32.29
C TYR C 67 -27.04 -29.49 -31.29
N LYS C 68 -26.67 -30.77 -31.36
CA LYS C 68 -27.22 -31.78 -30.49
C LYS C 68 -26.83 -31.47 -29.05
N GLN C 69 -25.53 -31.35 -28.84
CA GLN C 69 -24.98 -31.20 -27.51
C GLN C 69 -24.80 -29.76 -27.03
N GLY C 70 -25.00 -28.79 -27.92
CA GLY C 70 -24.85 -27.38 -27.57
C GLY C 70 -23.44 -26.91 -27.78
N PHE C 71 -23.25 -25.60 -27.86
CA PHE C 71 -21.93 -25.04 -28.12
C PHE C 71 -21.91 -23.56 -27.75
N GLY C 72 -20.72 -22.99 -27.63
CA GLY C 72 -20.60 -21.57 -27.31
C GLY C 72 -20.03 -21.33 -25.93
N SER C 73 -20.28 -20.14 -25.38
CA SER C 73 -19.64 -19.75 -24.13
C SER C 73 -20.61 -19.05 -23.18
N ARG C 74 -20.57 -19.42 -21.91
CA ARG C 74 -21.43 -18.74 -20.94
C ARG C 74 -21.12 -17.26 -20.89
N LEU C 75 -19.93 -16.89 -21.38
CA LEU C 75 -19.50 -15.50 -21.36
C LEU C 75 -20.06 -14.72 -22.51
N GLY C 76 -20.73 -15.41 -23.44
CA GLY C 76 -21.24 -14.75 -24.64
C GLY C 76 -22.36 -15.48 -25.36
N GLU C 77 -22.08 -15.86 -26.61
CA GLU C 77 -23.07 -16.46 -27.49
C GLU C 77 -23.12 -17.98 -27.27
N PHE C 78 -24.26 -18.59 -27.57
CA PHE C 78 -24.39 -20.02 -27.38
C PHE C 78 -25.75 -20.56 -27.79
N TRP C 79 -25.76 -21.87 -28.05
CA TRP C 79 -26.97 -22.65 -28.24
C TRP C 79 -26.93 -23.73 -27.17
N LEU C 80 -27.98 -23.84 -26.37
CA LEU C 80 -27.93 -24.71 -25.21
C LEU C 80 -27.84 -26.18 -25.61
N GLY C 81 -28.18 -26.48 -26.85
CA GLY C 81 -28.16 -27.87 -27.32
C GLY C 81 -29.55 -28.48 -27.35
N ASN C 82 -29.81 -29.24 -28.42
CA ASN C 82 -31.14 -29.77 -28.68
C ASN C 82 -31.58 -30.82 -27.65
N ASP C 83 -30.68 -31.67 -27.20
CA ASP C 83 -31.05 -32.62 -26.17
C ASP C 83 -31.57 -31.86 -24.93
N ASN C 84 -30.83 -30.83 -24.54
CA ASN C 84 -31.21 -30.02 -23.39
C ASN C 84 -32.50 -29.24 -23.59
N ILE C 85 -32.69 -28.75 -24.81
CA ILE C 85 -33.87 -27.96 -25.08
C ILE C 85 -35.09 -28.86 -25.04
N HIS C 86 -34.91 -30.08 -25.52
CA HIS C 86 -35.99 -31.05 -25.48
C HIS C 86 -36.27 -31.41 -24.02
N ALA C 87 -35.23 -31.81 -23.31
CA ALA C 87 -35.36 -32.15 -21.91
C ALA C 87 -36.13 -31.06 -21.19
N LEU C 88 -35.78 -29.81 -21.47
CA LEU C 88 -36.41 -28.64 -20.85
C LEU C 88 -37.88 -28.45 -21.15
N THR C 89 -38.34 -28.83 -22.34
CA THR C 89 -39.72 -28.51 -22.71
C THR C 89 -40.59 -29.75 -22.88
N ALA C 90 -40.00 -30.91 -22.59
CA ALA C 90 -40.65 -32.23 -22.66
C ALA C 90 -42.06 -32.27 -22.10
N GLN C 91 -42.22 -31.63 -20.93
CA GLN C 91 -43.49 -31.58 -20.20
C GLN C 91 -44.37 -30.49 -20.79
N GLY C 92 -44.46 -30.51 -22.13
CA GLY C 92 -44.92 -29.39 -22.93
C GLY C 92 -45.87 -28.38 -22.31
N THR C 93 -45.45 -27.68 -21.26
CA THR C 93 -46.22 -26.54 -20.75
C THR C 93 -45.36 -25.33 -20.35
N SER C 94 -44.71 -24.72 -21.34
CA SER C 94 -43.85 -23.54 -21.15
C SER C 94 -43.78 -22.68 -22.39
N GLU C 95 -43.79 -21.36 -22.21
CA GLU C 95 -43.86 -20.41 -23.32
C GLU C 95 -42.51 -20.11 -23.93
N LEU C 96 -42.55 -19.54 -25.13
CA LEU C 96 -41.39 -19.02 -25.81
C LEU C 96 -41.50 -17.52 -25.94
N ARG C 97 -40.42 -16.82 -25.60
CA ARG C 97 -40.27 -15.42 -25.97
C ARG C 97 -39.00 -15.24 -26.79
N THR C 98 -39.14 -14.50 -27.89
CA THR C 98 -38.00 -14.12 -28.72
C THR C 98 -37.66 -12.64 -28.53
N ASP C 99 -36.50 -12.37 -27.95
CA ASP C 99 -36.04 -10.97 -27.82
C ASP C 99 -34.97 -10.62 -28.86
N LEU C 100 -35.10 -9.45 -29.47
CA LEU C 100 -34.22 -9.02 -30.56
C LEU C 100 -33.88 -7.52 -30.47
N VAL C 101 -32.60 -7.20 -30.58
CA VAL C 101 -32.15 -5.81 -30.52
C VAL C 101 -31.48 -5.49 -31.84
N ASP C 102 -31.78 -4.32 -32.43
CA ASP C 102 -31.11 -3.94 -33.67
C ASP C 102 -29.87 -3.13 -33.30
N PHE C 103 -29.19 -2.59 -34.31
CA PHE C 103 -27.96 -1.86 -34.03
C PHE C 103 -28.24 -0.42 -33.65
N GLU C 104 -29.50 -0.03 -33.58
CA GLU C 104 -29.82 1.25 -32.98
C GLU C 104 -30.52 1.07 -31.65
N ASP C 105 -30.29 -0.09 -31.03
CA ASP C 105 -30.83 -0.39 -29.72
C ASP C 105 -32.33 -0.45 -29.67
N ASN C 106 -32.96 -0.38 -30.83
CA ASN C 106 -34.39 -0.65 -30.85
C ASN C 106 -34.68 -2.11 -30.62
N TYR C 107 -35.53 -2.38 -29.64
CA TYR C 107 -35.86 -3.73 -29.24
C TYR C 107 -37.23 -4.22 -29.78
N GLN C 108 -37.34 -5.52 -30.00
CA GLN C 108 -38.57 -6.14 -30.48
C GLN C 108 -38.72 -7.52 -29.90
N PHE C 109 -39.90 -8.10 -29.96
CA PHE C 109 -40.08 -9.40 -29.36
C PHE C 109 -41.25 -10.12 -29.94
N ALA C 110 -41.38 -11.37 -29.56
CA ALA C 110 -42.47 -12.21 -29.99
C ALA C 110 -42.66 -13.33 -28.97
N LYS C 111 -43.86 -13.41 -28.43
CA LYS C 111 -44.17 -14.39 -27.43
C LYS C 111 -45.11 -15.46 -28.01
N TYR C 112 -44.82 -16.70 -27.67
CA TYR C 112 -45.60 -17.85 -28.11
C TYR C 112 -46.13 -18.62 -26.88
N ARG C 113 -47.31 -19.22 -27.00
CA ARG C 113 -48.02 -19.72 -25.82
C ARG C 113 -47.48 -21.05 -25.32
N SER C 114 -47.03 -21.88 -26.22
CA SER C 114 -46.28 -23.08 -25.83
C SER C 114 -45.20 -23.37 -26.87
N PHE C 115 -44.22 -24.16 -26.45
CA PHE C 115 -43.06 -24.41 -27.29
C PHE C 115 -42.45 -25.69 -26.79
N LYS C 116 -42.21 -26.61 -27.72
CA LYS C 116 -41.70 -27.91 -27.34
C LYS C 116 -40.89 -28.46 -28.49
N VAL C 117 -39.79 -29.14 -28.21
CA VAL C 117 -39.10 -29.84 -29.28
C VAL C 117 -39.00 -31.31 -28.95
N ALA C 118 -39.33 -32.15 -29.93
CA ALA C 118 -39.27 -33.60 -29.75
C ALA C 118 -37.83 -34.07 -29.59
N ASP C 119 -37.63 -35.34 -29.27
CA ASP C 119 -36.27 -35.90 -29.16
C ASP C 119 -35.61 -36.11 -30.54
N GLU C 120 -34.37 -36.60 -30.52
CA GLU C 120 -33.57 -36.76 -31.75
C GLU C 120 -34.23 -37.76 -32.70
N ALA C 121 -34.84 -38.80 -32.12
CA ALA C 121 -35.59 -39.76 -32.92
C ALA C 121 -36.59 -39.02 -33.79
N GLU C 122 -37.29 -38.06 -33.22
CA GLU C 122 -38.27 -37.31 -34.00
C GLU C 122 -37.62 -36.06 -34.57
N LYS C 123 -36.29 -36.07 -34.58
CA LYS C 123 -35.48 -35.02 -35.20
C LYS C 123 -35.83 -33.60 -34.71
N TYR C 124 -35.87 -33.51 -33.37
CA TYR C 124 -36.11 -32.27 -32.64
C TYR C 124 -37.24 -31.43 -33.22
N ASN C 125 -38.24 -32.12 -33.78
CA ASN C 125 -39.37 -31.47 -34.43
C ASN C 125 -39.94 -30.32 -33.60
N LEU C 126 -40.27 -29.22 -34.26
CA LEU C 126 -40.77 -28.05 -33.55
C LEU C 126 -42.27 -28.16 -33.30
N VAL C 127 -42.68 -28.24 -32.04
CA VAL C 127 -44.11 -28.20 -31.68
C VAL C 127 -44.50 -26.84 -31.06
N LEU C 128 -45.15 -25.98 -31.82
CA LEU C 128 -45.34 -24.61 -31.36
C LEU C 128 -46.80 -24.29 -31.10
N GLY C 129 -47.05 -23.56 -30.02
CA GLY C 129 -48.38 -23.03 -29.72
C GLY C 129 -48.67 -21.71 -30.43
N ALA C 130 -49.62 -20.96 -29.91
CA ALA C 130 -50.15 -19.83 -30.62
C ALA C 130 -49.31 -18.57 -30.44
N PHE C 131 -49.23 -17.75 -31.47
CA PHE C 131 -48.68 -16.41 -31.32
C PHE C 131 -49.64 -15.63 -30.42
N VAL C 132 -49.14 -15.05 -29.33
CA VAL C 132 -49.98 -14.29 -28.42
C VAL C 132 -49.91 -12.80 -28.74
N GLU C 133 -48.70 -12.23 -28.71
CA GLU C 133 -48.48 -10.80 -29.02
C GLU C 133 -47.04 -10.60 -29.45
N GLY C 134 -46.72 -9.41 -29.94
CA GLY C 134 -45.30 -9.10 -30.16
C GLY C 134 -44.92 -8.18 -31.29
N SER C 135 -43.99 -7.26 -31.00
CA SER C 135 -43.53 -6.27 -31.98
C SER C 135 -42.67 -6.83 -33.14
N ALA C 136 -42.09 -8.02 -32.96
CA ALA C 136 -41.31 -8.65 -34.01
C ALA C 136 -42.20 -9.14 -35.12
N GLY C 137 -43.52 -9.06 -34.92
CA GLY C 137 -44.48 -9.76 -35.77
C GLY C 137 -44.26 -11.26 -35.60
N ASP C 138 -45.10 -12.06 -36.24
CA ASP C 138 -44.96 -13.50 -36.08
C ASP C 138 -44.28 -14.15 -37.27
N SER C 139 -43.10 -14.70 -37.03
CA SER C 139 -42.35 -15.38 -38.09
C SER C 139 -41.85 -16.71 -37.61
N LEU C 140 -42.56 -17.37 -36.70
CA LEU C 140 -42.15 -18.71 -36.29
C LEU C 140 -43.19 -19.77 -36.67
N THR C 141 -44.47 -19.41 -36.61
CA THR C 141 -45.57 -20.37 -36.83
C THR C 141 -45.34 -21.21 -38.08
N PHE C 142 -44.99 -20.49 -39.14
CA PHE C 142 -44.72 -21.00 -40.46
C PHE C 142 -43.84 -22.24 -40.34
N HIS C 143 -43.15 -22.37 -39.21
CA HIS C 143 -42.20 -23.46 -39.04
C HIS C 143 -42.70 -24.62 -38.18
N ASN C 144 -43.98 -24.60 -37.85
CA ASN C 144 -44.56 -25.61 -36.98
C ASN C 144 -44.58 -27.02 -37.58
N ASN C 145 -44.31 -28.00 -36.73
CA ASN C 145 -44.34 -29.39 -37.14
C ASN C 145 -43.22 -29.66 -38.14
N GLN C 146 -42.00 -29.24 -37.83
CA GLN C 146 -40.93 -29.48 -38.78
C GLN C 146 -39.61 -29.91 -38.19
N SER C 147 -39.03 -30.95 -38.76
CA SER C 147 -37.78 -31.44 -38.25
C SER C 147 -36.72 -30.36 -38.39
N PHE C 148 -35.68 -30.46 -37.58
CA PHE C 148 -34.62 -29.48 -37.52
C PHE C 148 -33.52 -29.99 -38.44
N SER C 149 -32.97 -29.14 -39.30
CA SER C 149 -31.91 -29.58 -40.17
C SER C 149 -30.60 -28.80 -39.98
N THR C 150 -29.48 -29.51 -40.01
CA THR C 150 -28.19 -28.88 -40.14
C THR C 150 -27.57 -29.35 -41.45
N LYS C 151 -26.50 -28.67 -41.87
CA LYS C 151 -25.88 -28.93 -43.17
C LYS C 151 -25.71 -30.41 -43.45
N ASP C 152 -25.22 -31.15 -42.46
CA ASP C 152 -25.03 -32.60 -42.60
C ASP C 152 -26.30 -33.45 -42.33
N GLN C 153 -27.42 -32.83 -41.94
CA GLN C 153 -28.65 -33.62 -41.78
C GLN C 153 -29.87 -32.94 -42.35
N ASP C 154 -30.16 -33.21 -43.62
CA ASP C 154 -31.11 -32.42 -44.37
C ASP C 154 -32.52 -32.98 -44.20
N ASN C 155 -33.34 -32.29 -43.41
CA ASN C 155 -34.71 -32.75 -43.17
C ASN C 155 -35.73 -31.71 -43.61
N ASP C 156 -35.36 -30.85 -44.57
CA ASP C 156 -36.27 -29.79 -45.02
C ASP C 156 -37.15 -30.22 -46.19
N LEU C 157 -38.01 -29.31 -46.65
CA LEU C 157 -38.90 -29.59 -47.76
C LEU C 157 -38.35 -28.89 -48.99
N ASN C 158 -37.03 -28.88 -49.09
CA ASN C 158 -36.41 -28.23 -50.22
C ASN C 158 -35.41 -29.04 -51.00
N THR C 159 -35.74 -29.27 -52.28
CA THR C 159 -35.00 -30.23 -53.11
C THR C 159 -33.51 -30.03 -52.95
N GLY C 160 -33.09 -28.95 -52.30
CA GLY C 160 -31.68 -28.73 -51.96
C GLY C 160 -31.46 -28.63 -50.46
N ASN C 161 -30.26 -28.20 -50.08
CA ASN C 161 -29.88 -28.15 -48.68
C ASN C 161 -30.04 -26.75 -48.06
N CYS C 162 -31.15 -26.50 -47.37
CA CYS C 162 -31.49 -25.16 -46.86
C CYS C 162 -30.44 -24.58 -45.93
N ALA C 163 -29.92 -25.42 -45.03
CA ALA C 163 -28.95 -24.99 -44.05
C ALA C 163 -27.75 -24.42 -44.80
N VAL C 164 -27.31 -25.07 -45.88
CA VAL C 164 -26.22 -24.55 -46.72
C VAL C 164 -26.62 -23.24 -47.41
N MET C 165 -27.87 -23.15 -47.83
CA MET C 165 -28.24 -21.99 -48.64
C MET C 165 -28.45 -20.71 -47.80
N PHE C 166 -28.45 -20.87 -46.47
CA PHE C 166 -28.63 -19.74 -45.54
C PHE C 166 -27.76 -19.88 -44.31
N GLN C 167 -26.68 -20.63 -44.45
CA GLN C 167 -25.69 -20.70 -43.44
C GLN C 167 -26.31 -20.53 -42.03
N GLY C 168 -27.12 -21.50 -41.65
CA GLY C 168 -27.75 -21.59 -40.32
C GLY C 168 -28.16 -23.02 -39.96
N ALA C 169 -29.05 -23.14 -38.97
CA ALA C 169 -29.64 -24.41 -38.54
C ALA C 169 -31.03 -24.09 -38.03
N TRP C 170 -32.03 -24.82 -38.49
CA TRP C 170 -33.40 -24.46 -38.12
C TRP C 170 -34.43 -25.54 -38.45
N TRP C 171 -35.63 -25.31 -37.99
CA TRP C 171 -36.76 -26.13 -38.40
C TRP C 171 -37.15 -25.57 -39.78
N TYR C 172 -36.21 -25.70 -40.74
CA TYR C 172 -36.34 -25.16 -42.09
C TYR C 172 -37.39 -25.91 -42.92
N LYS C 173 -38.24 -25.17 -43.61
CA LYS C 173 -39.19 -25.76 -44.54
C LYS C 173 -38.72 -25.59 -45.98
N ASN C 174 -39.02 -24.41 -46.54
CA ASN C 174 -38.71 -24.16 -47.92
C ASN C 174 -38.49 -22.69 -48.27
N CYS C 175 -37.57 -22.02 -47.56
CA CYS C 175 -36.86 -22.62 -46.44
C CYS C 175 -37.31 -21.98 -45.11
N HIS C 176 -37.44 -20.65 -45.10
CA HIS C 176 -37.69 -19.97 -43.82
C HIS C 176 -38.25 -18.55 -43.87
N THR C 177 -38.89 -18.16 -42.77
CA THR C 177 -39.23 -16.77 -42.55
C THR C 177 -38.45 -16.25 -41.32
N SER C 178 -37.78 -17.16 -40.61
CA SER C 178 -36.91 -16.76 -39.50
C SER C 178 -35.64 -17.59 -39.50
N ASN C 179 -34.50 -16.98 -39.15
CA ASN C 179 -33.22 -17.67 -39.28
C ASN C 179 -32.23 -17.27 -38.20
N LEU C 180 -32.66 -17.40 -36.95
CA LEU C 180 -31.94 -16.81 -35.81
C LEU C 180 -30.56 -17.42 -35.57
N ASN C 181 -30.28 -18.55 -36.23
CA ASN C 181 -28.96 -19.17 -36.12
C ASN C 181 -28.12 -18.93 -37.37
N GLY C 182 -28.50 -17.92 -38.15
CA GLY C 182 -27.73 -17.52 -39.33
C GLY C 182 -26.48 -16.73 -39.02
N ARG C 183 -25.82 -16.25 -40.07
CA ARG C 183 -24.53 -15.58 -39.92
C ARG C 183 -24.70 -14.20 -39.29
N TYR C 184 -23.78 -13.85 -38.39
CA TYR C 184 -23.83 -12.56 -37.72
C TYR C 184 -23.39 -11.45 -38.68
N LEU C 185 -24.30 -10.99 -39.52
CA LEU C 185 -23.90 -10.07 -40.61
C LEU C 185 -23.87 -8.58 -40.28
N ARG C 186 -24.30 -8.19 -39.08
CA ARG C 186 -24.18 -6.79 -38.62
C ARG C 186 -25.06 -5.77 -39.36
N GLY C 187 -26.38 -5.92 -39.29
CA GLY C 187 -27.28 -4.91 -39.85
C GLY C 187 -27.73 -5.22 -41.26
N THR C 188 -27.74 -4.22 -42.13
CA THR C 188 -28.18 -4.43 -43.49
C THR C 188 -27.15 -5.23 -44.26
N HIS C 189 -27.60 -6.28 -44.93
CA HIS C 189 -26.73 -7.09 -45.76
C HIS C 189 -27.36 -7.31 -47.14
N GLY C 190 -26.52 -7.33 -48.16
CA GLY C 190 -26.97 -7.59 -49.52
C GLY C 190 -27.42 -9.03 -49.74
N SER C 191 -26.64 -9.97 -49.22
CA SER C 191 -26.97 -11.38 -49.35
C SER C 191 -28.39 -11.66 -48.85
N PHE C 192 -29.00 -12.71 -49.42
CA PHE C 192 -30.40 -13.00 -49.18
C PHE C 192 -30.65 -13.94 -48.02
N ALA C 193 -31.34 -13.44 -47.00
CA ALA C 193 -31.92 -14.26 -45.94
C ALA C 193 -30.95 -15.23 -45.25
N ASN C 194 -29.68 -14.86 -45.17
CA ASN C 194 -28.71 -15.70 -44.50
C ASN C 194 -28.13 -15.04 -43.27
N GLY C 195 -28.79 -14.01 -42.79
CA GLY C 195 -28.38 -13.35 -41.56
C GLY C 195 -29.24 -13.79 -40.39
N ILE C 196 -29.06 -13.14 -39.25
CA ILE C 196 -29.96 -13.32 -38.13
C ILE C 196 -31.25 -12.59 -38.50
N ASN C 197 -32.14 -13.30 -39.20
CA ASN C 197 -33.30 -12.68 -39.84
C ASN C 197 -34.63 -13.15 -39.26
N TRP C 198 -35.56 -12.20 -39.14
CA TRP C 198 -36.91 -12.48 -38.73
C TRP C 198 -37.75 -11.71 -39.74
N LYS C 199 -38.42 -12.43 -40.63
CA LYS C 199 -39.01 -11.79 -41.81
C LYS C 199 -39.99 -10.68 -41.47
N SER C 200 -40.90 -10.96 -40.55
CA SER C 200 -41.90 -9.96 -40.16
C SER C 200 -41.29 -8.82 -39.32
N GLY C 201 -40.08 -9.02 -38.82
CA GLY C 201 -39.37 -7.99 -38.07
C GLY C 201 -38.70 -6.98 -38.98
N LYS C 202 -37.39 -7.13 -39.17
CA LYS C 202 -36.65 -6.23 -40.06
C LYS C 202 -36.35 -6.91 -41.39
N GLY C 203 -36.92 -8.08 -41.62
CA GLY C 203 -36.92 -8.68 -42.95
C GLY C 203 -35.72 -9.53 -43.36
N TYR C 204 -35.66 -9.83 -44.65
CA TYR C 204 -34.68 -10.80 -45.16
C TYR C 204 -33.27 -10.25 -45.39
N ASN C 205 -33.08 -8.96 -45.13
CA ASN C 205 -31.82 -8.31 -45.45
C ASN C 205 -31.25 -7.49 -44.31
N TYR C 206 -31.76 -7.77 -43.12
CA TYR C 206 -31.23 -7.15 -41.90
C TYR C 206 -30.93 -8.20 -40.83
N SER C 207 -29.72 -8.14 -40.29
CA SER C 207 -29.26 -9.11 -39.31
C SER C 207 -29.13 -8.43 -37.95
N TYR C 208 -29.96 -8.84 -37.01
CA TYR C 208 -30.03 -8.19 -35.69
C TYR C 208 -28.70 -8.11 -34.94
N LYS C 209 -28.62 -7.21 -33.96
CA LYS C 209 -27.44 -7.15 -33.08
C LYS C 209 -27.55 -8.17 -31.96
N VAL C 210 -28.74 -8.32 -31.42
CA VAL C 210 -28.96 -9.29 -30.33
C VAL C 210 -30.15 -10.14 -30.64
N SER C 211 -30.10 -11.40 -30.22
CA SER C 211 -31.26 -12.27 -30.31
C SER C 211 -31.22 -13.23 -29.15
N GLU C 212 -32.35 -13.46 -28.51
CA GLU C 212 -32.41 -14.45 -27.45
C GLU C 212 -33.71 -15.24 -27.54
N MET C 213 -33.61 -16.54 -27.33
CA MET C 213 -34.78 -17.40 -27.33
C MET C 213 -34.84 -18.04 -25.95
N LYS C 214 -35.95 -17.83 -25.25
CA LYS C 214 -36.07 -18.25 -23.84
C LYS C 214 -37.43 -18.88 -23.49
N VAL C 215 -37.43 -19.78 -22.51
CA VAL C 215 -38.67 -20.42 -22.10
C VAL C 215 -39.02 -20.18 -20.64
N ARG C 216 -40.31 -20.28 -20.34
CA ARG C 216 -40.80 -20.18 -18.96
C ARG C 216 -42.08 -20.99 -18.83
N PRO C 217 -42.28 -21.61 -17.65
CA PRO C 217 -43.51 -22.35 -17.44
C PRO C 217 -44.69 -21.37 -17.45
N ALA C 218 -45.67 -21.59 -18.32
CA ALA C 218 -46.96 -20.93 -18.19
C ALA C 218 -47.58 -21.57 -16.97
N THR D 5 2.75 13.07 -6.94
CA THR D 5 4.17 13.35 -6.56
C THR D 5 4.75 12.25 -5.61
N GLY D 6 4.67 12.48 -4.29
CA GLY D 6 5.19 11.56 -3.25
C GLY D 6 4.21 11.33 -2.10
N PRO D 7 4.72 11.25 -0.84
CA PRO D 7 4.01 10.97 0.42
C PRO D 7 3.42 12.17 1.18
N ARG D 8 2.17 12.06 1.59
CA ARG D 8 1.48 13.16 2.26
C ARG D 8 1.41 13.04 3.80
N THR D 9 1.76 11.87 4.36
CA THR D 9 1.62 11.69 5.80
C THR D 9 2.57 10.63 6.29
N CYS D 10 2.70 10.52 7.61
CA CYS D 10 3.48 9.44 8.20
C CYS D 10 2.87 8.08 7.89
N LYS D 11 1.54 8.03 7.75
CA LYS D 11 0.85 6.79 7.39
C LYS D 11 1.32 6.29 6.01
N ASP D 12 1.46 7.22 5.05
CA ASP D 12 1.98 6.87 3.74
C ASP D 12 3.32 6.18 3.92
N LEU D 13 4.25 6.84 4.61
CA LEU D 13 5.61 6.33 4.77
C LEU D 13 5.63 4.94 5.37
N LEU D 14 4.76 4.68 6.34
CA LEU D 14 4.67 3.34 6.92
C LEU D 14 4.17 2.36 5.85
N ASP D 15 3.23 2.77 4.99
CA ASP D 15 2.73 1.86 3.94
C ASP D 15 3.84 1.52 2.97
N ARG D 16 4.80 2.43 2.83
CA ARG D 16 5.83 2.20 1.84
C ARG D 16 7.01 1.55 2.50
N GLY D 17 6.84 1.15 3.77
CA GLY D 17 7.86 0.31 4.37
C GLY D 17 8.95 1.01 5.16
N HIS D 18 8.70 2.24 5.60
CA HIS D 18 9.54 2.84 6.62
C HIS D 18 9.03 2.46 8.01
N PHE D 19 9.64 1.46 8.62
CA PHE D 19 9.11 0.89 9.86
C PHE D 19 9.69 1.52 11.12
N LEU D 20 10.77 2.28 10.94
CA LEU D 20 11.49 2.90 12.03
C LEU D 20 10.99 4.31 12.30
N SER D 21 10.65 4.61 13.55
CA SER D 21 10.29 5.97 13.94
C SER D 21 11.42 6.94 13.66
N GLY D 22 11.09 8.19 13.34
CA GLY D 22 12.12 9.17 13.05
C GLY D 22 11.68 10.30 12.15
N TRP D 23 12.61 11.20 11.82
CA TRP D 23 12.28 12.40 11.06
C TRP D 23 12.28 12.11 9.58
N HIS D 24 11.12 12.20 8.95
CA HIS D 24 11.01 12.02 7.50
C HIS D 24 10.40 13.27 6.90
N THR D 25 10.66 13.50 5.63
CA THR D 25 10.00 14.59 4.96
C THR D 25 8.74 14.14 4.21
N ILE D 26 7.64 14.85 4.45
CA ILE D 26 6.35 14.59 3.80
C ILE D 26 5.93 15.84 3.06
N TYR D 27 4.87 15.70 2.28
CA TYR D 27 4.36 16.81 1.51
C TYR D 27 2.96 17.14 1.99
N LEU D 28 2.83 18.37 2.48
CA LEU D 28 1.57 18.99 2.92
C LEU D 28 0.69 19.30 1.68
N PRO D 29 -0.66 19.15 1.82
CA PRO D 29 -1.53 19.22 0.62
C PRO D 29 -1.13 20.26 -0.45
N ASP D 30 -0.70 21.45 -0.05
CA ASP D 30 -0.18 22.44 -1.00
C ASP D 30 1.21 22.08 -1.62
N CYS D 31 1.70 20.88 -1.30
CA CYS D 31 2.97 20.36 -1.79
C CYS D 31 4.22 21.07 -1.26
N ARG D 32 4.06 21.82 -0.18
CA ARG D 32 5.20 22.33 0.60
C ARG D 32 5.83 21.20 1.44
N PRO D 33 7.14 20.95 1.25
CA PRO D 33 7.84 19.92 2.03
C PRO D 33 7.95 20.27 3.52
N LEU D 34 7.48 19.38 4.40
CA LEU D 34 7.73 19.52 5.82
C LEU D 34 8.44 18.28 6.37
N THR D 35 9.55 18.47 7.10
CA THR D 35 10.23 17.36 7.77
C THR D 35 9.68 17.11 9.18
N VAL D 36 8.94 15.99 9.33
CA VAL D 36 8.18 15.70 10.54
C VAL D 36 8.70 14.45 11.24
N LEU D 37 8.27 14.26 12.49
CA LEU D 37 8.66 13.09 13.26
C LEU D 37 7.58 12.04 13.15
N CYS D 38 7.92 10.88 12.61
CA CYS D 38 6.95 9.80 12.46
C CYS D 38 7.07 8.80 13.59
N ASP D 39 5.98 8.55 14.30
CA ASP D 39 5.98 7.48 15.30
C ASP D 39 5.43 6.24 14.61
N MET D 40 6.33 5.33 14.24
CA MET D 40 5.98 4.16 13.43
C MET D 40 5.65 2.96 14.29
N ASP D 41 5.45 3.18 15.58
CA ASP D 41 5.35 2.10 16.50
C ASP D 41 4.05 2.07 17.30
N THR D 42 3.68 3.19 17.90
CA THR D 42 2.51 3.23 18.79
C THR D 42 1.19 2.95 18.07
N ASP D 43 0.38 2.07 18.68
CA ASP D 43 -1.00 1.83 18.23
C ASP D 43 -1.16 1.65 16.72
N GLY D 44 -0.37 0.76 16.13
CA GLY D 44 -0.44 0.52 14.70
C GLY D 44 0.61 1.31 13.93
N GLY D 45 1.08 2.40 14.51
CA GLY D 45 2.09 3.24 13.86
C GLY D 45 1.50 4.14 12.79
N GLY D 46 2.33 5.01 12.22
CA GLY D 46 1.85 5.94 11.18
C GLY D 46 1.41 7.30 11.69
N TRP D 47 1.84 7.66 12.90
CA TRP D 47 1.50 8.93 13.53
C TRP D 47 2.52 10.03 13.23
N THR D 48 2.03 11.20 12.86
CA THR D 48 2.86 12.38 12.74
C THR D 48 2.81 13.09 14.07
N VAL D 49 3.97 13.38 14.64
CA VAL D 49 4.02 13.91 16.00
C VAL D 49 4.22 15.41 15.97
N PHE D 50 3.31 16.18 16.56
CA PHE D 50 3.48 17.64 16.49
C PHE D 50 3.94 18.28 17.78
N GLN D 51 3.94 17.50 18.87
CA GLN D 51 4.42 18.00 20.16
C GLN D 51 5.16 16.91 20.92
N ARG D 52 6.26 17.30 21.58
CA ARG D 52 7.06 16.36 22.34
C ARG D 52 7.78 16.97 23.54
N ARG D 53 7.46 16.49 24.74
CA ARG D 53 8.25 16.84 25.91
C ARG D 53 8.92 15.57 26.38
N VAL D 54 10.18 15.66 26.80
CA VAL D 54 10.85 14.44 27.20
C VAL D 54 11.84 14.57 28.38
N ASP D 55 12.42 15.76 28.57
CA ASP D 55 13.50 15.93 29.55
C ASP D 55 13.56 17.33 30.16
N GLY D 56 12.74 18.25 29.65
CA GLY D 56 12.69 19.61 30.16
C GLY D 56 13.75 20.53 29.60
N SER D 57 14.42 20.12 28.54
CA SER D 57 15.55 20.90 28.01
C SER D 57 15.18 22.14 27.19
N VAL D 58 13.93 22.24 26.76
CA VAL D 58 13.49 23.32 25.88
C VAL D 58 12.42 24.20 26.55
N ASP D 59 12.58 25.52 26.46
CA ASP D 59 11.61 26.46 27.05
C ASP D 59 10.31 26.49 26.24
N PHE D 60 9.19 26.17 26.89
CA PHE D 60 7.90 26.14 26.21
C PHE D 60 7.04 27.34 26.54
N TYR D 61 7.52 28.15 27.48
CA TYR D 61 6.81 29.35 27.85
C TYR D 61 7.04 30.48 26.81
N ARG D 62 6.64 30.26 25.57
CA ARG D 62 6.99 31.20 24.48
C ARG D 62 5.83 32.03 23.91
N ASP D 63 6.17 32.99 23.05
CA ASP D 63 5.19 33.94 22.54
C ASP D 63 4.49 33.49 21.24
N TRP D 64 3.52 34.29 20.79
CA TRP D 64 2.67 33.92 19.66
C TRP D 64 3.42 33.60 18.37
N ALA D 65 4.41 34.43 18.06
CA ALA D 65 5.16 34.25 16.81
C ALA D 65 5.89 32.92 16.85
N THR D 66 6.33 32.55 18.05
CA THR D 66 7.10 31.33 18.25
C THR D 66 6.22 30.08 18.14
N TYR D 67 5.05 30.09 18.79
CA TYR D 67 4.13 28.97 18.64
C TYR D 67 3.60 28.88 17.21
N LYS D 68 3.62 30.02 16.53
CA LYS D 68 3.15 30.10 15.16
C LYS D 68 4.02 29.24 14.27
N GLN D 69 5.32 29.52 14.31
CA GLN D 69 6.26 28.89 13.40
C GLN D 69 6.91 27.61 13.93
N GLY D 70 6.69 27.30 15.20
CA GLY D 70 7.28 26.10 15.81
C GLY D 70 8.62 26.39 16.42
N PHE D 71 9.08 25.52 17.29
CA PHE D 71 10.36 25.72 17.98
C PHE D 71 10.84 24.43 18.59
N GLY D 72 12.11 24.37 18.97
CA GLY D 72 12.66 23.18 19.60
C GLY D 72 13.66 22.47 18.73
N SER D 73 13.87 21.18 18.99
CA SER D 73 14.95 20.45 18.32
C SER D 73 14.51 19.05 17.92
N ARG D 74 14.85 18.65 16.69
CA ARG D 74 14.54 17.30 16.25
C ARG D 74 15.19 16.27 17.16
N LEU D 75 16.21 16.70 17.90
CA LEU D 75 16.95 15.80 18.75
C LEU D 75 16.26 15.63 20.09
N GLY D 76 15.21 16.41 20.33
CA GLY D 76 14.51 16.36 21.62
C GLY D 76 13.09 16.87 21.63
N GLU D 77 12.88 17.93 22.40
CA GLU D 77 11.55 18.50 22.62
C GLU D 77 11.21 19.49 21.51
N PHE D 78 9.92 19.69 21.26
CA PHE D 78 9.52 20.62 20.22
C PHE D 78 8.01 20.74 20.06
N TRP D 79 7.61 21.85 19.46
CA TRP D 79 6.25 22.10 19.02
C TRP D 79 6.36 22.36 17.53
N LEU D 80 5.61 21.61 16.73
CA LEU D 80 5.78 21.66 15.27
C LEU D 80 5.40 23.02 14.71
N GLY D 81 4.63 23.79 15.46
CA GLY D 81 4.19 25.08 14.98
C GLY D 81 2.75 25.06 14.49
N ASN D 82 2.01 26.10 14.83
CA ASN D 82 0.58 26.14 14.57
C ASN D 82 0.22 26.22 13.08
N ASP D 83 1.00 26.96 12.30
CA ASP D 83 0.74 26.96 10.87
C ASP D 83 0.83 25.54 10.31
N ASN D 84 1.88 24.82 10.70
CA ASN D 84 2.08 23.44 10.26
C ASN D 84 1.01 22.49 10.77
N ILE D 85 0.58 22.69 12.01
CA ILE D 85 -0.41 21.80 12.58
C ILE D 85 -1.73 22.01 11.88
N HIS D 86 -2.00 23.26 11.50
CA HIS D 86 -3.22 23.55 10.79
C HIS D 86 -3.12 22.95 9.40
N ALA D 87 -2.03 23.25 8.70
CA ALA D 87 -1.80 22.71 7.37
C ALA D 87 -2.04 21.21 7.40
N LEU D 88 -1.60 20.62 8.51
CA LEU D 88 -1.55 19.19 8.65
C LEU D 88 -2.94 18.57 8.90
N THR D 89 -3.84 19.35 9.48
CA THR D 89 -5.12 18.83 9.95
C THR D 89 -6.36 19.38 9.25
N ALA D 90 -6.22 20.46 8.47
CA ALA D 90 -7.40 21.04 7.80
C ALA D 90 -7.96 20.21 6.62
N GLN D 91 -7.13 20.01 5.60
CA GLN D 91 -7.48 19.23 4.39
C GLN D 91 -7.41 17.71 4.59
N GLY D 92 -8.53 17.15 5.05
CA GLY D 92 -8.63 15.74 5.48
C GLY D 92 -9.20 15.72 6.90
N THR D 93 -9.48 14.51 7.42
CA THR D 93 -9.89 14.39 8.83
C THR D 93 -8.97 13.46 9.64
N SER D 94 -8.26 14.05 10.60
N SER D 94 -8.35 14.05 10.67
CA SER D 94 -7.18 13.36 11.31
CA SER D 94 -7.21 13.46 11.36
C SER D 94 -7.57 12.94 12.72
C SER D 94 -7.54 13.00 12.78
N GLU D 95 -6.81 11.98 13.25
CA GLU D 95 -7.09 11.37 14.53
C GLU D 95 -6.07 11.82 15.58
N LEU D 96 -6.51 12.59 16.57
CA LEU D 96 -5.60 12.97 17.65
C LEU D 96 -5.41 11.77 18.58
N ARG D 97 -4.27 11.76 19.25
CA ARG D 97 -3.89 10.71 20.17
C ARG D 97 -2.79 11.31 21.03
N THR D 98 -2.89 11.15 22.35
CA THR D 98 -1.96 11.76 23.31
C THR D 98 -1.31 10.69 24.18
N ASP D 99 0.02 10.68 24.24
CA ASP D 99 0.74 9.73 25.10
C ASP D 99 1.44 10.43 26.27
N LEU D 100 1.11 9.97 27.47
CA LEU D 100 1.66 10.54 28.69
C LEU D 100 2.31 9.45 29.53
N VAL D 101 3.62 9.58 29.73
CA VAL D 101 4.31 8.76 30.72
C VAL D 101 4.53 9.58 32.03
N ASP D 102 4.25 8.97 33.17
CA ASP D 102 4.64 9.58 34.45
C ASP D 102 6.02 9.08 34.90
N PHE D 103 6.49 9.54 36.06
CA PHE D 103 7.88 9.30 36.46
C PHE D 103 8.23 7.90 36.95
N GLU D 104 7.22 7.11 37.31
CA GLU D 104 7.36 5.68 37.61
C GLU D 104 7.01 4.88 36.35
N ASP D 105 7.20 5.51 35.19
CA ASP D 105 6.94 4.89 33.88
C ASP D 105 5.53 4.34 33.69
N ASN D 106 4.59 4.92 34.41
CA ASN D 106 3.17 4.62 34.18
C ASN D 106 2.68 5.32 32.93
N TYR D 107 2.01 4.55 32.07
N TYR D 107 1.94 4.59 32.11
CA TYR D 107 1.50 5.06 30.80
CA TYR D 107 1.52 5.09 30.82
C TYR D 107 0.00 5.28 30.92
C TYR D 107 0.01 5.20 30.75
N GLN D 108 -0.48 6.36 30.31
CA GLN D 108 -1.90 6.60 30.13
C GLN D 108 -2.00 7.25 28.75
N PHE D 109 -3.16 7.18 28.10
CA PHE D 109 -3.32 7.86 26.81
C PHE D 109 -4.74 8.42 26.62
N ALA D 110 -4.97 9.08 25.50
CA ALA D 110 -6.30 9.59 25.13
C ALA D 110 -6.42 9.70 23.61
N LYS D 111 -7.30 8.88 23.03
CA LYS D 111 -7.52 8.92 21.60
C LYS D 111 -8.68 9.84 21.30
N TYR D 112 -8.62 10.52 20.16
CA TYR D 112 -9.75 11.38 19.71
C TYR D 112 -10.12 11.09 18.24
N ARG D 113 -11.43 11.09 17.97
CA ARG D 113 -11.93 10.66 16.66
C ARG D 113 -11.48 11.61 15.54
N SER D 114 -11.43 12.91 15.84
CA SER D 114 -10.91 13.88 14.88
C SER D 114 -10.30 15.06 15.63
N PHE D 115 -9.45 15.80 14.93
CA PHE D 115 -8.71 16.88 15.53
C PHE D 115 -8.30 17.81 14.43
N LYS D 116 -8.57 19.09 14.61
CA LYS D 116 -8.31 20.05 13.58
C LYS D 116 -8.04 21.40 14.23
N VAL D 117 -7.10 22.17 13.71
CA VAL D 117 -6.96 23.53 14.18
C VAL D 117 -7.12 24.50 13.03
N ALA D 118 -7.92 25.54 13.26
CA ALA D 118 -8.17 26.56 12.24
C ALA D 118 -6.89 27.36 11.97
N ASP D 119 -6.90 28.22 10.95
CA ASP D 119 -5.76 29.09 10.67
C ASP D 119 -5.64 30.24 11.69
N GLU D 120 -4.60 31.07 11.50
CA GLU D 120 -4.28 32.15 12.45
C GLU D 120 -5.40 33.19 12.51
N ALA D 121 -6.04 33.42 11.36
CA ALA D 121 -7.21 34.29 11.31
C ALA D 121 -8.22 33.83 12.36
N GLU D 122 -8.51 32.51 12.35
CA GLU D 122 -9.48 31.87 13.26
C GLU D 122 -8.84 31.58 14.63
N LYS D 123 -7.60 32.05 14.79
CA LYS D 123 -6.89 32.04 16.07
C LYS D 123 -6.28 30.68 16.45
N TYR D 124 -6.13 29.80 15.45
CA TYR D 124 -5.62 28.40 15.61
C TYR D 124 -6.59 27.53 16.43
N ASN D 125 -7.82 28.04 16.54
CA ASN D 125 -8.96 27.42 17.25
C ASN D 125 -9.06 25.86 17.30
N LEU D 126 -9.27 25.33 18.51
CA LEU D 126 -9.40 23.89 18.71
C LEU D 126 -10.75 23.35 18.24
N VAL D 127 -10.68 22.46 17.25
CA VAL D 127 -11.85 21.83 16.64
C VAL D 127 -11.71 20.31 16.77
N LEU D 128 -12.16 19.81 17.94
CA LEU D 128 -11.86 18.45 18.40
C LEU D 128 -13.03 17.48 18.24
N GLY D 129 -12.74 16.19 18.23
CA GLY D 129 -13.77 15.15 18.18
C GLY D 129 -14.17 14.53 19.52
N ALA D 130 -14.96 13.45 19.46
CA ALA D 130 -15.36 12.70 20.65
C ALA D 130 -14.24 11.79 21.14
N PHE D 131 -14.00 11.84 22.44
CA PHE D 131 -13.11 10.91 23.11
C PHE D 131 -13.39 9.52 22.54
N VAL D 132 -12.36 8.88 21.99
CA VAL D 132 -12.51 7.48 21.64
C VAL D 132 -12.31 6.69 22.93
N GLU D 133 -11.06 6.45 23.28
CA GLU D 133 -10.77 5.80 24.55
C GLU D 133 -9.51 6.39 25.18
N GLY D 134 -9.13 5.89 26.34
CA GLY D 134 -7.92 6.37 26.97
C GLY D 134 -7.89 6.29 28.49
N SER D 135 -6.83 5.67 28.99
CA SER D 135 -6.62 5.52 30.43
C SER D 135 -6.18 6.84 31.07
N ALA D 136 -6.08 7.89 30.25
CA ALA D 136 -5.81 9.21 30.79
C ALA D 136 -7.13 9.96 30.97
N GLY D 137 -8.17 9.43 30.36
CA GLY D 137 -9.45 10.08 30.42
C GLY D 137 -9.41 11.36 29.63
N ASP D 138 -10.59 11.94 29.42
CA ASP D 138 -10.78 13.10 28.55
C ASP D 138 -10.55 14.43 29.29
N SER D 139 -9.39 15.03 29.07
CA SER D 139 -9.15 16.37 29.61
C SER D 139 -8.87 17.41 28.54
N LEU D 140 -9.37 17.20 27.32
CA LEU D 140 -9.16 18.16 26.25
C LEU D 140 -10.45 18.68 25.59
N THR D 141 -11.49 17.84 25.51
CA THR D 141 -12.72 18.20 24.81
C THR D 141 -13.38 19.44 25.44
N PHE D 142 -13.15 19.60 26.76
CA PHE D 142 -13.49 20.80 27.54
C PHE D 142 -12.94 22.13 26.96
N HIS D 143 -11.80 22.04 26.26
CA HIS D 143 -11.14 23.16 25.59
C HIS D 143 -11.58 23.37 24.16
N ASN D 144 -12.43 22.47 23.69
CA ASN D 144 -12.95 22.59 22.34
C ASN D 144 -13.63 23.93 22.09
N ASN D 145 -13.51 24.43 20.85
CA ASN D 145 -14.08 25.73 20.45
C ASN D 145 -13.55 26.89 21.31
N GLN D 146 -12.24 27.02 21.31
CA GLN D 146 -11.56 28.06 22.05
C GLN D 146 -10.33 28.53 21.28
N SER D 147 -10.08 29.84 21.35
CA SER D 147 -8.91 30.42 20.71
C SER D 147 -7.65 30.05 21.50
N PHE D 148 -6.57 29.80 20.77
CA PHE D 148 -5.26 29.60 21.36
C PHE D 148 -4.73 30.92 21.95
N SER D 149 -4.25 30.87 23.20
CA SER D 149 -3.60 32.01 23.87
C SER D 149 -2.13 31.72 24.23
N THR D 150 -1.22 32.59 23.80
CA THR D 150 0.14 32.59 24.33
C THR D 150 0.18 33.57 25.48
N LYS D 151 1.23 33.56 26.28
CA LYS D 151 1.35 34.50 27.40
C LYS D 151 1.27 35.97 26.95
N ASP D 152 1.58 36.22 25.68
CA ASP D 152 1.64 37.58 25.10
C ASP D 152 0.48 37.90 24.13
N GLN D 153 -0.40 36.93 23.95
CA GLN D 153 -1.65 37.13 23.25
C GLN D 153 -2.72 36.44 24.06
N ASP D 154 -3.54 37.21 24.77
CA ASP D 154 -4.59 36.66 25.62
C ASP D 154 -5.87 36.61 24.80
N ASN D 155 -6.38 35.41 24.52
CA ASN D 155 -7.65 35.28 23.83
C ASN D 155 -8.51 34.36 24.66
N ASP D 156 -8.27 34.31 25.97
CA ASP D 156 -8.95 33.31 26.84
C ASP D 156 -10.35 33.71 27.32
N LEU D 157 -10.67 33.40 28.58
CA LEU D 157 -11.99 33.74 29.12
C LEU D 157 -11.92 34.12 30.60
N ASN D 158 -10.72 34.31 31.11
CA ASN D 158 -10.54 34.84 32.44
C ASN D 158 -10.26 36.32 32.24
N THR D 159 -10.65 37.18 33.18
CA THR D 159 -10.17 38.57 33.10
C THR D 159 -8.67 38.61 33.39
N GLY D 160 -8.23 37.76 34.33
CA GLY D 160 -6.80 37.49 34.53
C GLY D 160 -6.17 36.92 33.26
N ASN D 161 -4.87 36.68 33.31
CA ASN D 161 -4.16 36.09 32.16
C ASN D 161 -3.84 34.59 32.35
N CYS D 162 -4.55 33.76 31.58
CA CYS D 162 -4.44 32.30 31.69
C CYS D 162 -3.02 31.79 31.49
N ALA D 163 -2.47 32.07 30.32
CA ALA D 163 -1.14 31.59 29.99
C ALA D 163 -0.14 31.93 31.10
N VAL D 164 -0.14 33.17 31.54
CA VAL D 164 0.85 33.67 32.47
C VAL D 164 0.81 32.97 33.83
N MET D 165 -0.40 32.67 34.30
CA MET D 165 -0.61 32.08 35.63
C MET D 165 -0.09 30.67 35.72
N PHE D 166 -0.28 29.93 34.62
CA PHE D 166 0.12 28.53 34.55
C PHE D 166 1.28 28.32 33.58
N GLN D 167 1.69 29.41 32.94
CA GLN D 167 2.90 29.46 32.12
C GLN D 167 2.90 28.37 31.08
N GLY D 168 2.25 28.68 29.96
CA GLY D 168 2.15 27.75 28.87
C GLY D 168 1.24 28.31 27.80
N ALA D 169 1.14 27.59 26.69
CA ALA D 169 0.22 27.98 25.63
C ALA D 169 -0.83 26.89 25.50
N TRP D 170 -2.07 27.33 25.37
CA TRP D 170 -3.18 26.43 25.23
C TRP D 170 -4.38 27.23 24.75
N TRP D 171 -5.36 26.52 24.19
CA TRP D 171 -6.68 27.09 23.93
C TRP D 171 -7.42 27.37 25.26
N TYR D 172 -6.80 28.14 26.16
CA TYR D 172 -7.29 28.32 27.54
C TYR D 172 -8.70 28.92 27.66
N LYS D 173 -9.50 28.38 28.59
CA LYS D 173 -10.86 28.90 28.89
C LYS D 173 -10.89 29.69 30.20
N ASN D 174 -11.08 29.00 31.32
CA ASN D 174 -11.01 29.68 32.60
C ASN D 174 -10.68 28.76 33.79
N CYS D 175 -9.48 28.16 33.78
CA CYS D 175 -8.54 28.29 32.66
C CYS D 175 -8.26 26.96 31.95
N HIS D 176 -7.87 25.91 32.68
CA HIS D 176 -7.54 24.65 32.00
C HIS D 176 -7.88 23.37 32.77
N THR D 177 -8.00 22.27 32.02
CA THR D 177 -7.99 20.92 32.61
C THR D 177 -6.80 20.12 32.07
N SER D 178 -6.20 20.59 30.97
CA SER D 178 -4.97 20.01 30.43
C SER D 178 -3.99 21.12 30.05
N ASN D 179 -2.69 20.89 30.27
CA ASN D 179 -1.71 21.97 30.08
C ASN D 179 -0.37 21.44 29.58
N LEU D 180 -0.42 20.70 28.47
CA LEU D 180 0.74 19.92 28.02
C LEU D 180 1.94 20.77 27.59
N ASN D 181 1.72 22.07 27.45
CA ASN D 181 2.83 22.99 27.12
C ASN D 181 3.28 23.80 28.33
N GLY D 182 2.92 23.31 29.52
CA GLY D 182 3.35 23.95 30.77
C GLY D 182 4.80 23.65 31.15
N ARG D 183 5.20 24.10 32.33
CA ARG D 183 6.59 23.99 32.77
C ARG D 183 6.96 22.55 33.09
N TYR D 184 8.16 22.14 32.70
CA TYR D 184 8.62 20.79 32.95
C TYR D 184 9.01 20.63 34.42
N LEU D 185 8.03 20.41 35.28
CA LEU D 185 8.28 20.44 36.74
C LEU D 185 8.77 19.16 37.39
N ARG D 186 8.84 18.05 36.64
CA ARG D 186 9.41 16.79 37.14
C ARG D 186 8.63 16.10 38.27
N GLY D 187 7.39 15.67 37.99
CA GLY D 187 6.63 14.89 38.95
C GLY D 187 5.71 15.72 39.82
N THR D 188 5.67 15.41 41.12
CA THR D 188 4.78 16.15 42.01
C THR D 188 5.32 17.55 42.24
N HIS D 189 4.44 18.53 42.06
CA HIS D 189 4.80 19.93 42.30
C HIS D 189 3.74 20.60 43.18
N GLY D 190 4.21 21.49 44.05
CA GLY D 190 3.30 22.23 44.92
C GLY D 190 2.49 23.27 44.16
N SER D 191 3.15 24.00 43.26
CA SER D 191 2.45 25.01 42.48
C SER D 191 1.22 24.42 41.75
N PHE D 192 0.25 25.29 41.50
CA PHE D 192 -1.05 24.86 40.99
C PHE D 192 -1.13 24.84 39.46
N ALA D 193 -1.34 23.65 38.91
CA ALA D 193 -1.76 23.48 37.52
C ALA D 193 -0.88 24.20 36.49
N ASN D 194 0.41 24.36 36.78
CA ASN D 194 1.30 25.01 35.84
C ASN D 194 2.38 24.05 35.33
N GLY D 195 2.17 22.75 35.54
CA GLY D 195 3.08 21.75 35.01
C GLY D 195 2.53 21.13 33.73
N ILE D 196 3.20 20.09 33.26
CA ILE D 196 2.68 19.28 32.17
C ILE D 196 1.55 18.45 32.77
N ASN D 197 0.35 19.04 32.79
CA ASN D 197 -0.77 18.49 33.57
C ASN D 197 -1.92 18.01 32.70
N TRP D 198 -2.51 16.89 33.09
CA TRP D 198 -3.71 16.38 32.45
C TRP D 198 -4.61 16.01 33.62
N LYS D 199 -5.67 16.78 33.82
CA LYS D 199 -6.42 16.73 35.06
C LYS D 199 -6.95 15.34 35.38
N SER D 200 -7.58 14.71 34.39
CA SER D 200 -8.13 13.38 34.60
C SER D 200 -7.05 12.29 34.70
N GLY D 201 -5.82 12.63 34.31
CA GLY D 201 -4.70 11.71 34.43
C GLY D 201 -4.12 11.69 35.82
N LYS D 202 -3.02 12.43 36.03
CA LYS D 202 -2.37 12.50 37.35
C LYS D 202 -2.56 13.88 37.93
N GLY D 203 -3.55 14.60 37.40
CA GLY D 203 -4.11 15.78 38.08
C GLY D 203 -3.33 17.09 38.00
N TYR D 204 -3.74 18.05 38.84
CA TYR D 204 -3.23 19.41 38.74
C TYR D 204 -1.86 19.64 39.41
N ASN D 205 -1.31 18.60 40.01
CA ASN D 205 -0.09 18.77 40.81
C ASN D 205 0.98 17.76 40.46
N TYR D 206 0.82 17.12 39.30
CA TYR D 206 1.82 16.21 38.78
C TYR D 206 2.19 16.53 37.33
N SER D 207 3.48 16.65 37.07
CA SER D 207 3.96 17.01 35.76
C SER D 207 4.67 15.82 35.12
N TYR D 208 4.09 15.30 34.03
CA TYR D 208 4.58 14.07 33.40
C TYR D 208 6.06 14.11 33.01
N LYS D 209 6.66 12.94 32.79
CA LYS D 209 8.01 12.85 32.27
C LYS D 209 8.02 12.99 30.75
N VAL D 210 7.05 12.35 30.10
CA VAL D 210 6.96 12.41 28.64
C VAL D 210 5.56 12.78 28.23
N SER D 211 5.43 13.52 27.13
CA SER D 211 4.14 13.78 26.56
C SER D 211 4.31 13.89 25.06
N GLU D 212 3.40 13.31 24.31
CA GLU D 212 3.43 13.45 22.86
C GLU D 212 2.02 13.61 22.31
N MET D 213 1.87 14.51 21.35
CA MET D 213 0.59 14.72 20.72
C MET D 213 0.80 14.44 19.24
N LYS D 214 0.04 13.48 18.71
CA LYS D 214 0.27 13.00 17.33
C LYS D 214 -1.03 12.78 16.53
N VAL D 215 -0.95 12.92 15.21
CA VAL D 215 -2.11 12.72 14.37
C VAL D 215 -1.93 11.62 13.33
N ARG D 216 -3.05 11.05 12.90
CA ARG D 216 -3.05 10.04 11.83
C ARG D 216 -4.39 10.10 11.11
N PRO D 217 -4.38 9.97 9.75
CA PRO D 217 -5.64 9.75 9.03
C PRO D 217 -6.49 8.60 9.61
N ALA D 218 -7.74 8.93 9.95
CA ALA D 218 -8.78 7.99 10.39
C ALA D 218 -9.10 6.82 9.44
N ASN E 1 23.37 21.62 -10.70
CA ASN E 1 22.53 22.77 -10.25
C ASN E 1 22.76 23.25 -8.82
N PRO E 2 22.71 22.31 -7.84
CA PRO E 2 22.52 22.49 -6.40
C PRO E 2 23.32 23.57 -5.66
N CYS E 3 24.62 23.69 -5.94
CA CYS E 3 25.42 24.61 -5.14
C CYS E 3 24.74 25.97 -5.07
N LEU E 4 24.38 26.48 -6.24
CA LEU E 4 23.85 27.83 -6.40
C LEU E 4 22.42 28.06 -5.92
N THR E 5 21.55 27.07 -6.09
CA THR E 5 20.17 27.22 -5.60
C THR E 5 20.07 26.93 -4.10
N GLY E 6 21.01 26.11 -3.60
CA GLY E 6 21.00 25.56 -2.24
C GLY E 6 21.26 26.65 -1.23
N PRO E 7 21.23 26.30 0.07
CA PRO E 7 21.57 27.13 1.24
C PRO E 7 23.06 27.14 1.59
N ARG E 8 23.52 28.18 2.27
CA ARG E 8 24.94 28.31 2.58
C ARG E 8 25.19 28.51 4.07
N THR E 9 24.18 28.95 4.81
CA THR E 9 24.32 28.95 6.26
C THR E 9 23.04 28.48 6.91
N CYS E 10 23.11 28.21 8.21
CA CYS E 10 21.91 27.89 8.97
C CYS E 10 20.94 29.09 9.01
N LYS E 11 21.47 30.31 8.97
CA LYS E 11 20.66 31.52 8.91
C LYS E 11 19.78 31.52 7.66
N ASP E 12 20.37 31.15 6.53
CA ASP E 12 19.60 31.04 5.29
C ASP E 12 18.41 30.12 5.52
N LEU E 13 18.68 28.91 6.01
CA LEU E 13 17.64 27.91 6.19
C LEU E 13 16.51 28.40 7.06
N LEU E 14 16.85 29.14 8.12
CA LEU E 14 15.82 29.72 8.98
C LEU E 14 15.03 30.74 8.19
N ASP E 15 15.73 31.48 7.34
CA ASP E 15 15.12 32.48 6.49
C ASP E 15 14.19 31.78 5.53
N ARG E 16 14.50 30.55 5.19
CA ARG E 16 13.71 29.75 4.27
C ARG E 16 12.72 28.87 5.02
N GLY E 17 12.39 29.24 6.25
CA GLY E 17 11.29 28.60 6.96
C GLY E 17 11.53 27.21 7.52
N HIS E 18 12.79 26.83 7.69
CA HIS E 18 13.10 25.65 8.50
C HIS E 18 13.23 26.07 9.96
N PHE E 19 12.17 25.88 10.75
CA PHE E 19 12.15 26.40 12.12
C PHE E 19 12.62 25.40 13.17
N LEU E 20 12.76 24.15 12.76
CA LEU E 20 13.16 23.08 13.67
C LEU E 20 14.66 22.85 13.63
N SER E 21 15.28 22.84 14.80
CA SER E 21 16.71 22.50 14.91
C SER E 21 16.98 21.12 14.35
N GLY E 22 18.17 20.91 13.78
CA GLY E 22 18.51 19.61 13.23
C GLY E 22 19.55 19.65 12.12
N TRP E 23 19.85 18.48 11.55
CA TRP E 23 20.93 18.39 10.58
C TRP E 23 20.43 18.73 9.20
N HIS E 24 20.94 19.82 8.63
CA HIS E 24 20.58 20.20 7.27
C HIS E 24 21.85 20.29 6.45
N THR E 25 21.73 20.15 5.15
CA THR E 25 22.88 20.37 4.31
C THR E 25 22.94 21.81 3.74
N ILE E 26 24.10 22.43 3.89
CA ILE E 26 24.35 23.79 3.40
C ILE E 26 25.52 23.71 2.41
N TYR E 27 25.77 24.67 1.54
CA TYR E 27 26.88 24.40 0.61
C TYR E 27 28.07 25.33 0.85
N LEU E 28 29.24 24.75 1.11
CA LEU E 28 30.40 25.58 1.44
C LEU E 28 30.75 26.57 0.32
N PRO E 29 31.44 27.67 0.68
CA PRO E 29 31.90 28.62 -0.34
C PRO E 29 32.59 27.96 -1.57
N ASP E 30 33.26 26.83 -1.39
CA ASP E 30 33.78 26.07 -2.52
C ASP E 30 32.78 25.05 -3.07
N CYS E 31 31.50 25.22 -2.78
CA CYS E 31 30.46 24.29 -3.26
C CYS E 31 30.53 22.82 -2.76
N ARG E 32 31.41 22.55 -1.81
CA ARG E 32 31.27 21.29 -1.07
C ARG E 32 29.95 21.27 -0.27
N PRO E 33 29.16 20.21 -0.45
CA PRO E 33 28.07 19.98 0.47
C PRO E 33 28.62 19.62 1.83
N LEU E 34 28.00 20.14 2.88
CA LEU E 34 28.36 19.76 4.24
C LEU E 34 27.06 19.63 5.03
N THR E 35 26.91 18.56 5.80
CA THR E 35 25.70 18.34 6.59
C THR E 35 25.86 18.87 8.03
N VAL E 36 25.30 20.03 8.33
CA VAL E 36 25.59 20.65 9.61
C VAL E 36 24.39 20.63 10.52
N LEU E 37 24.62 20.90 11.80
CA LEU E 37 23.55 20.95 12.79
C LEU E 37 23.11 22.38 12.97
N CYS E 38 21.84 22.67 12.68
CA CYS E 38 21.36 24.03 12.84
C CYS E 38 20.59 24.17 14.15
N ASP E 39 20.98 25.14 14.96
CA ASP E 39 20.22 25.45 16.16
C ASP E 39 19.28 26.59 15.80
N MET E 40 18.00 26.26 15.58
CA MET E 40 17.02 27.21 15.07
C MET E 40 16.26 27.88 16.19
N ASP E 41 16.77 27.76 17.40
CA ASP E 41 16.02 28.15 18.56
C ASP E 41 16.72 29.21 19.41
N THR E 42 17.96 28.96 19.78
CA THR E 42 18.68 29.85 20.70
C THR E 42 18.91 31.25 20.15
N ASP E 43 18.63 32.26 20.97
CA ASP E 43 18.98 33.65 20.68
C ASP E 43 18.64 34.11 19.25
N GLY E 44 17.40 33.88 18.83
CA GLY E 44 16.99 34.27 17.49
C GLY E 44 17.08 33.12 16.50
N GLY E 45 17.91 32.14 16.80
CA GLY E 45 18.08 30.98 15.92
C GLY E 45 18.96 31.27 14.72
N GLY E 46 19.24 30.24 13.93
CA GLY E 46 20.08 30.42 12.75
C GLY E 46 21.56 30.13 12.97
N TRP E 47 21.88 29.41 14.04
CA TRP E 47 23.25 29.07 14.41
C TRP E 47 23.69 27.73 13.80
N THR E 48 24.88 27.71 13.22
CA THR E 48 25.50 26.47 12.79
C THR E 48 26.37 26.01 13.94
N VAL E 49 26.19 24.76 14.37
CA VAL E 49 26.85 24.29 15.56
C VAL E 49 28.06 23.45 15.19
N PHE E 50 29.24 23.82 15.65
CA PHE E 50 30.43 23.07 15.27
C PHE E 50 31.01 22.17 16.36
N GLN E 51 30.50 22.34 17.59
CA GLN E 51 30.92 21.50 18.71
C GLN E 51 29.76 21.22 19.64
N ARG E 52 29.75 20.02 20.18
CA ARG E 52 28.69 19.64 21.09
C ARG E 52 29.11 18.52 22.02
N ARG E 53 28.97 18.77 23.32
CA ARG E 53 29.11 17.73 24.32
C ARG E 53 27.77 17.62 25.02
N VAL E 54 27.35 16.40 25.32
CA VAL E 54 26.04 16.27 25.95
C VAL E 54 25.91 15.15 27.00
N ASP E 55 26.70 14.08 26.88
CA ASP E 55 26.52 12.91 27.72
C ASP E 55 27.81 12.15 28.02
N GLY E 56 28.90 12.56 27.38
CA GLY E 56 30.20 11.92 27.58
C GLY E 56 30.43 10.66 26.77
N SER E 57 29.57 10.42 25.78
CA SER E 57 29.65 9.16 25.03
C SER E 57 30.77 9.07 23.99
N VAL E 58 31.36 10.21 23.62
CA VAL E 58 32.36 10.27 22.55
C VAL E 58 33.73 10.72 23.08
N ASP E 59 34.80 10.03 22.70
CA ASP E 59 36.15 10.38 23.13
C ASP E 59 36.65 11.63 22.41
N PHE E 60 36.98 12.66 23.18
CA PHE E 60 37.43 13.93 22.61
C PHE E 60 38.93 14.11 22.72
N TYR E 61 39.59 13.19 23.43
CA TYR E 61 41.03 13.23 23.57
C TYR E 61 41.72 12.70 22.32
N ARG E 62 41.51 13.35 21.16
CA ARG E 62 41.99 12.81 19.89
C ARG E 62 43.14 13.56 19.22
N ASP E 63 43.68 12.96 18.15
CA ASP E 63 44.88 13.48 17.50
C ASP E 63 44.60 14.51 16.38
N TRP E 64 45.65 15.09 15.83
CA TRP E 64 45.55 16.18 14.86
C TRP E 64 44.72 15.85 13.63
N ALA E 65 44.92 14.67 13.07
CA ALA E 65 44.22 14.27 11.86
C ALA E 65 42.73 14.19 12.16
N THR E 66 42.40 13.78 13.37
CA THR E 66 41.02 13.60 13.78
C THR E 66 40.31 14.94 14.00
N TYR E 67 40.96 15.87 14.70
CA TYR E 67 40.37 17.21 14.85
C TYR E 67 40.31 17.92 13.51
N LYS E 68 41.19 17.52 12.60
CA LYS E 68 41.24 18.11 11.28
C LYS E 68 39.94 17.85 10.55
N GLN E 69 39.60 16.57 10.45
CA GLN E 69 38.47 16.14 9.64
C GLN E 69 37.14 16.05 10.39
N GLY E 70 37.17 16.19 11.71
CA GLY E 70 35.96 16.10 12.52
C GLY E 70 35.71 14.68 12.97
N PHE E 71 34.87 14.52 13.99
CA PHE E 71 34.58 13.20 14.53
C PHE E 71 33.33 13.25 15.39
N GLY E 72 32.77 12.09 15.69
CA GLY E 72 31.57 12.02 16.53
C GLY E 72 30.34 11.57 15.77
N SER E 73 29.17 11.90 16.29
CA SER E 73 27.93 11.39 15.73
C SER E 73 26.84 12.44 15.67
N ARG E 74 26.13 12.50 14.56
CA ARG E 74 25.03 13.43 14.43
C ARG E 74 23.98 13.17 15.50
N LEU E 75 24.00 11.97 16.05
CA LEU E 75 23.04 11.57 17.04
C LEU E 75 23.42 12.05 18.42
N GLY E 76 24.61 12.62 18.56
CA GLY E 76 25.10 13.04 19.86
C GLY E 76 26.20 14.08 19.86
N GLU E 77 27.37 13.69 20.39
CA GLU E 77 28.51 14.58 20.55
C GLU E 77 29.35 14.62 19.27
N PHE E 78 30.07 15.72 19.06
CA PHE E 78 30.89 15.83 17.87
C PHE E 78 31.65 17.14 17.80
N TRP E 79 32.72 17.09 17.00
CA TRP E 79 33.49 18.27 16.58
C TRP E 79 33.41 18.29 15.07
N LEU E 80 32.97 19.40 14.49
CA LEU E 80 32.69 19.43 13.06
C LEU E 80 33.95 19.27 12.23
N GLY E 81 35.11 19.51 12.85
CA GLY E 81 36.36 19.41 12.13
C GLY E 81 36.91 20.77 11.74
N ASN E 82 38.22 20.93 11.89
CA ASN E 82 38.87 22.21 11.71
C ASN E 82 38.85 22.73 10.28
N ASP E 83 39.01 21.83 9.31
CA ASP E 83 38.89 22.28 7.92
C ASP E 83 37.52 22.90 7.69
N ASN E 84 36.47 22.22 8.17
CA ASN E 84 35.12 22.72 8.02
C ASN E 84 34.85 24.00 8.79
N ILE E 85 35.44 24.11 9.97
CA ILE E 85 35.20 25.28 10.80
C ILE E 85 35.87 26.47 10.14
N HIS E 86 37.03 26.23 9.53
CA HIS E 86 37.71 27.29 8.84
C HIS E 86 36.91 27.67 7.61
N ALA E 87 36.56 26.69 6.79
CA ALA E 87 35.76 26.92 5.61
C ALA E 87 34.56 27.79 5.97
N LEU E 88 33.87 27.44 7.06
CA LEU E 88 32.66 28.17 7.44
C LEU E 88 32.93 29.59 7.86
N THR E 89 34.10 29.84 8.42
CA THR E 89 34.37 31.14 9.01
C THR E 89 35.44 31.91 8.22
N ALA E 90 35.89 31.35 7.10
CA ALA E 90 37.08 31.85 6.38
C ALA E 90 36.91 33.22 5.83
N GLN E 91 35.66 33.57 5.53
CA GLN E 91 35.40 34.67 4.62
C GLN E 91 34.28 35.55 5.12
N GLY E 92 34.58 36.36 6.14
CA GLY E 92 33.65 37.40 6.58
C GLY E 92 33.49 37.64 8.09
N THR E 93 32.48 38.44 8.40
CA THR E 93 32.06 38.65 9.76
C THR E 93 31.16 37.44 9.92
N SER E 94 31.04 36.96 11.16
CA SER E 94 30.47 35.67 11.50
C SER E 94 30.60 35.51 13.00
N GLU E 95 29.51 35.65 13.76
CA GLU E 95 29.61 35.69 15.21
C GLU E 95 29.63 34.34 15.89
N LEU E 96 30.06 34.34 17.15
CA LEU E 96 30.20 33.11 17.94
C LEU E 96 29.43 33.20 19.22
N ARG E 97 28.61 32.17 19.47
CA ARG E 97 27.93 32.00 20.76
C ARG E 97 28.40 30.72 21.44
N THR E 98 28.55 30.76 22.77
CA THR E 98 28.89 29.56 23.56
C THR E 98 27.82 29.32 24.60
N ASP E 99 27.07 28.24 24.48
CA ASP E 99 26.01 27.92 25.42
C ASP E 99 26.49 26.83 26.36
N LEU E 100 26.29 27.02 27.65
CA LEU E 100 26.78 26.03 28.60
C LEU E 100 25.72 25.61 29.60
N VAL E 101 25.69 24.34 29.95
CA VAL E 101 24.71 23.90 30.93
C VAL E 101 25.32 23.01 32.03
N ASP E 102 25.00 23.29 33.29
CA ASP E 102 25.49 22.42 34.36
C ASP E 102 24.56 21.25 34.71
N PHE E 103 24.80 20.58 35.81
CA PHE E 103 24.01 19.40 36.09
C PHE E 103 22.78 19.77 36.91
N GLU E 104 22.61 21.07 37.10
CA GLU E 104 21.48 21.60 37.86
C GLU E 104 20.61 22.52 37.02
N ASP E 105 20.53 22.21 35.72
CA ASP E 105 19.83 23.03 34.72
C ASP E 105 20.08 24.54 34.78
N ASN E 106 21.32 24.92 35.06
CA ASN E 106 21.70 26.31 34.94
C ASN E 106 22.20 26.64 33.54
N TYR E 107 21.66 27.70 32.94
CA TYR E 107 21.97 28.01 31.56
C TYR E 107 22.88 29.23 31.47
N GLN E 108 24.17 29.00 31.17
CA GLN E 108 25.10 30.11 30.94
C GLN E 108 25.47 30.23 29.48
N PHE E 109 26.03 31.37 29.10
CA PHE E 109 26.38 31.59 27.72
C PHE E 109 27.45 32.67 27.61
N ALA E 110 28.00 32.88 26.42
CA ALA E 110 28.98 33.94 26.15
C ALA E 110 29.00 34.26 24.67
N LYS E 111 29.03 35.53 24.31
CA LYS E 111 29.04 35.90 22.90
C LYS E 111 30.18 36.81 22.52
N TYR E 112 30.68 36.66 21.30
CA TYR E 112 31.82 37.46 20.77
C TYR E 112 31.49 38.00 19.36
N ARG E 113 31.85 39.24 19.00
CA ARG E 113 31.30 39.73 17.71
C ARG E 113 31.90 39.11 16.45
N SER E 114 33.04 38.44 16.57
CA SER E 114 33.48 37.69 15.41
C SER E 114 34.36 36.53 15.83
N PHE E 115 34.50 35.56 14.94
CA PHE E 115 35.20 34.34 15.26
C PHE E 115 35.64 33.74 13.95
N LYS E 116 36.91 33.39 13.87
CA LYS E 116 37.47 32.90 12.63
C LYS E 116 38.63 31.97 12.95
N VAL E 117 38.78 30.89 12.21
CA VAL E 117 39.99 30.10 12.38
C VAL E 117 40.71 29.99 11.05
N ALA E 118 42.02 30.21 11.09
CA ALA E 118 42.86 30.13 9.89
C ALA E 118 42.93 28.70 9.39
N ASP E 119 43.52 28.50 8.22
CA ASP E 119 43.71 27.14 7.68
C ASP E 119 44.83 26.36 8.40
N GLU E 120 45.04 25.12 7.99
CA GLU E 120 46.00 24.23 8.65
C GLU E 120 47.41 24.76 8.55
N ALA E 121 47.72 25.40 7.43
CA ALA E 121 49.01 26.07 7.27
C ALA E 121 49.25 27.00 8.45
N GLU E 122 48.24 27.76 8.83
CA GLU E 122 48.38 28.71 9.93
C GLU E 122 47.97 28.11 11.25
N LYS E 123 48.05 26.78 11.33
CA LYS E 123 47.60 26.04 12.51
C LYS E 123 46.25 26.49 13.08
N TYR E 124 45.24 26.52 12.24
CA TYR E 124 43.88 26.77 12.67
C TYR E 124 43.82 27.89 13.70
N ASN E 125 44.74 28.84 13.53
CA ASN E 125 44.91 29.99 14.43
C ASN E 125 43.60 30.70 14.70
N LEU E 126 43.37 31.14 15.93
CA LEU E 126 42.09 31.78 16.28
C LEU E 126 42.12 33.30 16.35
N VAL E 127 41.31 33.92 15.49
CA VAL E 127 41.06 35.34 15.44
C VAL E 127 39.69 35.64 16.07
N LEU E 128 39.71 36.34 17.19
CA LEU E 128 38.49 36.56 17.99
C LEU E 128 38.16 38.04 18.21
N GLY E 129 36.95 38.44 17.84
CA GLY E 129 36.46 39.77 18.16
C GLY E 129 36.07 39.98 19.62
N ALA E 130 35.53 41.18 19.86
CA ALA E 130 35.01 41.64 21.16
C ALA E 130 34.05 40.70 21.92
N PHE E 131 34.32 40.50 23.20
CA PHE E 131 33.33 39.88 24.08
C PHE E 131 32.10 40.79 24.12
N VAL E 132 31.03 40.39 23.41
CA VAL E 132 29.82 41.22 23.37
C VAL E 132 29.12 41.18 24.70
N GLU E 133 29.02 40.01 25.29
CA GLU E 133 28.30 39.85 26.54
C GLU E 133 27.98 38.38 26.82
N GLY E 134 27.66 38.06 28.06
CA GLY E 134 27.21 36.70 28.34
C GLY E 134 27.40 36.26 29.76
N SER E 135 26.37 35.63 30.30
CA SER E 135 26.36 35.25 31.69
C SER E 135 27.53 34.38 32.10
N ALA E 136 28.31 33.88 31.12
CA ALA E 136 29.39 32.91 31.44
C ALA E 136 30.78 33.54 31.65
N GLY E 137 30.91 34.80 31.27
CA GLY E 137 32.18 35.52 31.44
C GLY E 137 33.12 35.18 30.31
N ASP E 138 34.11 36.04 30.08
CA ASP E 138 35.01 35.78 28.99
C ASP E 138 35.98 34.74 29.44
N SER E 139 35.98 33.60 28.79
CA SER E 139 37.06 32.64 28.96
C SER E 139 37.58 32.22 27.59
N LEU E 140 37.73 33.20 26.72
CA LEU E 140 38.16 32.94 25.37
C LEU E 140 39.14 34.00 24.89
N THR E 141 38.94 35.26 25.25
CA THR E 141 39.82 36.31 24.77
C THR E 141 41.29 35.99 25.10
N PHE E 142 41.48 35.40 26.27
CA PHE E 142 42.77 34.94 26.76
C PHE E 142 43.47 34.06 25.71
N HIS E 143 42.65 33.51 24.82
CA HIS E 143 43.05 32.48 23.87
C HIS E 143 43.12 33.01 22.43
N ASN E 144 42.95 34.31 22.25
CA ASN E 144 43.07 34.90 20.93
C ASN E 144 44.51 34.76 20.39
N ASN E 145 44.64 34.72 19.07
CA ASN E 145 45.95 34.61 18.42
C ASN E 145 46.71 33.30 18.71
N GLN E 146 45.98 32.23 18.98
CA GLN E 146 46.61 31.02 19.44
C GLN E 146 46.38 29.88 18.49
N SER E 147 47.39 29.04 18.35
CA SER E 147 47.28 27.92 17.45
C SER E 147 46.49 26.85 18.14
N PHE E 148 45.97 25.93 17.34
CA PHE E 148 45.20 24.84 17.89
C PHE E 148 46.23 23.77 18.16
N SER E 149 46.07 23.06 19.28
CA SER E 149 47.01 21.99 19.59
C SER E 149 46.25 20.73 19.95
N THR E 150 46.78 19.59 19.55
CA THR E 150 46.28 18.30 20.01
C THR E 150 47.40 17.61 20.77
N LYS E 151 47.07 16.46 21.38
CA LYS E 151 48.09 15.65 22.06
C LYS E 151 49.30 15.39 21.18
N ASP E 152 49.07 15.14 19.89
CA ASP E 152 50.17 14.74 18.99
C ASP E 152 50.79 15.86 18.16
N GLN E 153 50.28 17.09 18.28
CA GLN E 153 50.93 18.28 17.74
C GLN E 153 50.87 19.46 18.72
N ASP E 154 52.01 19.81 19.32
CA ASP E 154 52.08 20.81 20.38
C ASP E 154 52.42 22.18 19.79
N ASN E 155 51.43 23.05 19.73
CA ASN E 155 51.65 24.38 19.16
C ASN E 155 51.33 25.47 20.18
N ASP E 156 51.41 25.15 21.47
CA ASP E 156 51.08 26.12 22.52
C ASP E 156 52.27 26.95 22.97
N LEU E 157 52.03 27.87 23.90
CA LEU E 157 53.09 28.72 24.43
C LEU E 157 53.48 28.20 25.80
N ASN E 158 53.51 26.88 25.94
CA ASN E 158 53.85 26.30 27.22
C ASN E 158 54.89 25.21 27.20
N THR E 159 56.02 25.49 27.86
CA THR E 159 57.22 24.67 27.75
C THR E 159 56.86 23.20 27.87
N GLY E 160 55.63 22.90 28.25
CA GLY E 160 55.14 21.53 28.23
C GLY E 160 53.96 21.34 27.28
N ASN E 161 53.30 20.18 27.39
CA ASN E 161 52.24 19.83 26.47
C ASN E 161 50.85 20.08 27.07
N CYS E 162 50.30 21.25 26.75
CA CYS E 162 49.05 21.70 27.35
C CYS E 162 47.96 20.65 27.19
N ALA E 163 47.92 20.01 26.02
CA ALA E 163 46.87 19.08 25.67
C ALA E 163 46.92 17.78 26.45
N VAL E 164 48.12 17.33 26.76
CA VAL E 164 48.25 16.12 27.54
C VAL E 164 47.91 16.50 28.98
N MET E 165 48.37 17.66 29.43
CA MET E 165 48.21 18.03 30.83
C MET E 165 46.77 18.32 31.22
N PHE E 166 45.96 18.72 30.23
CA PHE E 166 44.59 19.15 30.50
C PHE E 166 43.63 18.38 29.61
N GLN E 167 44.17 17.34 28.98
CA GLN E 167 43.40 16.27 28.35
C GLN E 167 42.33 16.78 27.46
N GLY E 168 42.72 17.61 26.51
CA GLY E 168 41.75 18.25 25.65
C GLY E 168 42.33 18.43 24.28
N ALA E 169 41.87 19.48 23.60
CA ALA E 169 42.47 19.98 22.38
C ALA E 169 41.85 21.35 22.17
N TRP E 170 42.69 22.32 21.88
CA TRP E 170 42.26 23.69 21.99
C TRP E 170 43.28 24.71 21.52
N TRP E 171 42.81 25.95 21.36
CA TRP E 171 43.71 27.07 21.17
C TRP E 171 44.41 27.33 22.52
N TYR E 172 45.24 26.38 22.94
CA TYR E 172 45.99 26.51 24.17
C TYR E 172 47.03 27.57 24.00
N LYS E 173 47.41 28.15 25.14
CA LYS E 173 48.42 29.17 25.22
C LYS E 173 49.40 28.69 26.27
N ASN E 174 49.03 28.89 27.53
CA ASN E 174 49.96 28.72 28.64
C ASN E 174 49.41 28.35 30.01
N CYS E 175 48.41 27.48 30.12
CA CYS E 175 47.85 26.69 29.05
C CYS E 175 46.48 27.18 28.61
N HIS E 176 45.56 27.25 29.55
CA HIS E 176 44.19 27.59 29.20
C HIS E 176 43.41 28.21 30.33
N THR E 177 42.24 28.71 29.94
CA THR E 177 41.30 29.34 30.82
C THR E 177 39.90 28.83 30.44
N SER E 178 39.85 28.12 29.32
CA SER E 178 38.69 27.36 28.85
C SER E 178 39.14 26.07 28.18
N ASN E 179 38.39 24.99 28.36
CA ASN E 179 38.84 23.68 27.89
C ASN E 179 37.69 22.80 27.42
N LEU E 180 36.89 23.33 26.51
CA LEU E 180 35.60 22.72 26.16
C LEU E 180 35.72 21.35 25.49
N ASN E 181 36.93 20.98 25.08
CA ASN E 181 37.15 19.67 24.50
C ASN E 181 37.86 18.73 25.48
N GLY E 182 37.81 19.07 26.76
CA GLY E 182 38.37 18.22 27.81
C GLY E 182 37.51 17.00 28.15
N ARG E 183 37.92 16.27 29.18
CA ARG E 183 37.26 15.02 29.54
C ARG E 183 35.88 15.27 30.16
N TYR E 184 34.91 14.44 29.78
CA TYR E 184 33.55 14.59 30.30
C TYR E 184 33.49 14.09 31.74
N LEU E 185 33.88 14.93 32.68
CA LEU E 185 34.05 14.47 34.07
C LEU E 185 32.80 14.50 34.96
N ARG E 186 31.69 15.03 34.47
CA ARG E 186 30.40 14.99 35.20
C ARG E 186 30.34 15.82 36.50
N GLY E 187 30.49 17.14 36.40
CA GLY E 187 30.32 18.01 37.55
C GLY E 187 31.60 18.33 38.27
N THR E 188 31.57 18.30 39.60
CA THR E 188 32.77 18.61 40.37
C THR E 188 33.79 17.51 40.24
N HIS E 189 35.02 17.87 39.91
CA HIS E 189 36.11 16.92 39.83
C HIS E 189 37.33 17.42 40.60
N GLY E 190 38.03 16.49 41.23
CA GLY E 190 39.24 16.83 41.97
C GLY E 190 40.40 17.22 41.06
N SER E 191 40.59 16.46 39.99
CA SER E 191 41.65 16.76 39.03
C SER E 191 41.58 18.20 38.54
N PHE E 192 42.74 18.74 38.17
CA PHE E 192 42.88 20.15 37.83
C PHE E 192 42.65 20.47 36.37
N ALA E 193 41.61 21.26 36.10
CA ALA E 193 41.42 21.92 34.80
C ALA E 193 41.48 20.99 33.58
N ASN E 194 41.07 19.73 33.77
CA ASN E 194 41.06 18.79 32.64
C ASN E 194 39.66 18.34 32.29
N GLY E 195 38.67 19.07 32.78
CA GLY E 195 37.29 18.77 32.43
C GLY E 195 36.78 19.72 31.36
N ILE E 196 35.49 19.65 31.08
CA ILE E 196 34.84 20.64 30.23
C ILE E 196 34.73 21.91 31.07
N ASN E 197 35.79 22.71 31.05
CA ASN E 197 35.95 23.83 31.98
C ASN E 197 35.93 25.19 31.30
N TRP E 198 35.28 26.14 31.95
CA TRP E 198 35.26 27.53 31.54
C TRP E 198 35.56 28.30 32.81
N LYS E 199 36.76 28.87 32.89
CA LYS E 199 37.26 29.38 34.17
C LYS E 199 36.35 30.41 34.81
N SER E 200 35.92 31.39 34.03
CA SER E 200 35.04 32.43 34.56
C SER E 200 33.63 31.92 34.82
N GLY E 201 33.29 30.75 34.29
CA GLY E 201 31.98 30.14 34.53
C GLY E 201 31.93 29.41 35.87
N LYS E 202 32.06 28.09 35.84
CA LYS E 202 32.05 27.28 37.02
C LYS E 202 33.48 26.89 37.45
N GLY E 203 34.48 27.40 36.73
CA GLY E 203 35.87 27.27 37.17
C GLY E 203 36.65 26.03 36.77
N TYR E 204 37.81 25.84 37.39
CA TYR E 204 38.76 24.80 36.98
C TYR E 204 38.44 23.39 37.48
N ASN E 205 37.37 23.26 38.27
CA ASN E 205 37.09 21.98 38.92
C ASN E 205 35.66 21.54 38.74
N TYR E 206 34.99 22.14 37.76
CA TYR E 206 33.64 21.72 37.39
C TYR E 206 33.51 21.49 35.90
N SER E 207 32.98 20.33 35.53
CA SER E 207 32.87 19.93 34.14
C SER E 207 31.40 19.93 33.73
N TYR E 208 31.03 20.84 32.83
CA TYR E 208 29.62 21.03 32.44
C TYR E 208 28.91 19.76 31.96
N LYS E 209 27.58 19.79 31.97
CA LYS E 209 26.79 18.69 31.39
C LYS E 209 26.65 18.86 29.89
N VAL E 210 26.44 20.10 29.45
CA VAL E 210 26.28 20.38 28.02
C VAL E 210 27.18 21.53 27.64
N SER E 211 27.72 21.48 26.42
CA SER E 211 28.44 22.62 25.88
C SER E 211 28.22 22.64 24.38
N GLU E 212 27.98 23.82 23.83
CA GLU E 212 27.87 23.96 22.38
C GLU E 212 28.55 25.21 21.90
N MET E 213 29.25 25.10 20.78
CA MET E 213 29.91 26.24 20.20
C MET E 213 29.33 26.40 18.80
N LYS E 214 28.75 27.57 18.54
CA LYS E 214 28.00 27.80 17.29
C LYS E 214 28.27 29.17 16.64
N VAL E 215 28.13 29.23 15.32
CA VAL E 215 28.36 30.48 14.61
C VAL E 215 27.13 30.97 13.83
N ARG E 216 27.07 32.28 13.61
CA ARG E 216 26.03 32.87 12.77
C ARG E 216 26.58 34.15 12.14
N PRO E 217 26.31 34.40 10.85
CA PRO E 217 26.72 35.67 10.24
C PRO E 217 26.37 36.91 11.02
N ALA E 218 27.34 37.81 11.16
CA ALA E 218 26.99 39.20 11.35
C ALA E 218 26.79 39.69 9.90
N PRO F 7 27.39 5.19 -3.96
CA PRO F 7 27.21 5.03 -2.50
C PRO F 7 26.47 3.71 -2.14
N ARG F 8 27.25 2.66 -1.93
CA ARG F 8 26.74 1.28 -1.85
C ARG F 8 26.87 0.72 -0.44
N THR F 9 27.58 1.44 0.42
CA THR F 9 27.86 1.03 1.79
C THR F 9 28.27 2.23 2.62
N CYS F 10 28.35 2.04 3.94
CA CYS F 10 28.87 3.07 4.81
C CYS F 10 30.36 3.34 4.52
N LYS F 11 31.08 2.32 4.08
CA LYS F 11 32.49 2.47 3.69
C LYS F 11 32.63 3.46 2.53
N ASP F 12 31.75 3.36 1.54
CA ASP F 12 31.74 4.31 0.43
C ASP F 12 31.63 5.72 1.00
N LEU F 13 30.61 5.96 1.82
CA LEU F 13 30.34 7.28 2.36
C LEU F 13 31.55 7.87 3.09
N LEU F 14 32.26 7.02 3.85
CA LEU F 14 33.46 7.47 4.53
C LEU F 14 34.52 7.83 3.51
N ASP F 15 34.65 6.98 2.49
CA ASP F 15 35.69 7.19 1.53
C ASP F 15 35.49 8.49 0.75
N ARG F 16 34.28 9.01 0.81
CA ARG F 16 33.96 10.20 0.07
C ARG F 16 33.78 11.38 1.00
N GLY F 17 34.13 11.17 2.25
CA GLY F 17 34.33 12.29 3.17
C GLY F 17 33.20 12.62 4.13
N HIS F 18 32.28 11.69 4.35
CA HIS F 18 31.35 11.81 5.46
C HIS F 18 32.00 11.21 6.72
N PHE F 19 32.56 12.06 7.57
CA PHE F 19 33.34 11.58 8.71
C PHE F 19 32.54 11.42 9.99
N LEU F 20 31.33 11.97 10.00
CA LEU F 20 30.47 11.95 11.16
C LEU F 20 29.53 10.77 11.14
N SER F 21 29.49 10.00 12.22
CA SER F 21 28.52 8.91 12.36
C SER F 21 27.09 9.44 12.25
N GLY F 22 26.18 8.62 11.73
CA GLY F 22 24.79 9.04 11.59
C GLY F 22 24.04 8.35 10.49
N TRP F 23 22.78 8.74 10.29
CA TRP F 23 21.91 8.05 9.34
C TRP F 23 22.10 8.59 7.95
N HIS F 24 22.60 7.76 7.05
CA HIS F 24 22.77 8.15 5.66
C HIS F 24 22.00 7.16 4.80
N THR F 25 21.63 7.60 3.60
CA THR F 25 21.01 6.67 2.67
C THR F 25 22.03 6.06 1.70
N ILE F 26 21.99 4.73 1.60
CA ILE F 26 22.86 3.98 0.68
C ILE F 26 21.99 3.20 -0.27
N TYR F 27 22.64 2.68 -1.32
CA TYR F 27 21.96 1.99 -2.41
C TYR F 27 22.38 0.52 -2.42
N LEU F 28 21.42 -0.38 -2.28
CA LEU F 28 21.76 -1.80 -2.14
C LEU F 28 22.28 -2.38 -3.49
N PRO F 29 22.89 -3.58 -3.43
CA PRO F 29 23.26 -4.26 -4.69
C PRO F 29 22.09 -4.53 -5.65
N ASP F 30 20.92 -3.95 -5.39
CA ASP F 30 19.78 -4.06 -6.30
C ASP F 30 19.30 -2.67 -6.61
N CYS F 31 20.11 -1.71 -6.23
CA CYS F 31 19.81 -0.30 -6.44
C CYS F 31 18.56 0.26 -5.77
N ARG F 32 18.23 -0.27 -4.60
CA ARG F 32 17.16 0.25 -3.74
C ARG F 32 17.74 1.16 -2.62
N PRO F 33 17.12 2.33 -2.38
CA PRO F 33 17.63 3.34 -1.43
C PRO F 33 17.33 3.05 0.05
N LEU F 34 18.35 2.62 0.80
CA LEU F 34 18.16 2.28 2.22
C LEU F 34 18.88 3.24 3.17
N THR F 35 18.11 3.94 4.00
CA THR F 35 18.69 4.79 5.05
C THR F 35 19.17 4.02 6.32
N VAL F 36 20.50 3.96 6.48
CA VAL F 36 21.18 3.17 7.50
C VAL F 36 21.99 4.04 8.44
N LEU F 37 22.42 3.45 9.56
CA LEU F 37 23.24 4.17 10.53
C LEU F 37 24.69 3.84 10.28
N CYS F 38 25.51 4.84 9.97
CA CYS F 38 26.92 4.60 9.72
C CYS F 38 27.74 4.93 10.93
N ASP F 39 28.55 3.98 11.39
CA ASP F 39 29.49 4.26 12.47
C ASP F 39 30.82 4.61 11.82
N MET F 40 31.12 5.91 11.78
CA MET F 40 32.27 6.43 11.04
C MET F 40 33.50 6.54 11.92
N ASP F 41 33.45 5.92 13.09
CA ASP F 41 34.45 6.15 14.09
C ASP F 41 35.17 4.89 14.54
N THR F 42 34.42 3.86 14.91
CA THR F 42 35.03 2.64 15.47
C THR F 42 35.93 1.90 14.51
N ASP F 43 37.12 1.50 14.99
CA ASP F 43 38.01 0.61 14.25
C ASP F 43 38.21 0.97 12.77
N GLY F 44 38.55 2.22 12.49
CA GLY F 44 38.75 2.66 11.12
C GLY F 44 37.51 3.32 10.55
N GLY F 45 36.34 3.00 11.11
CA GLY F 45 35.08 3.58 10.62
C GLY F 45 34.58 2.92 9.35
N GLY F 46 33.39 3.30 8.90
CA GLY F 46 32.82 2.72 7.69
C GLY F 46 31.89 1.53 7.91
N TRP F 47 31.40 1.40 9.15
CA TRP F 47 30.51 0.30 9.54
C TRP F 47 29.03 0.67 9.37
N THR F 48 28.27 -0.24 8.77
CA THR F 48 26.83 -0.11 8.72
C THR F 48 26.29 -0.86 9.92
N VAL F 49 25.46 -0.21 10.71
CA VAL F 49 25.03 -0.78 11.97
C VAL F 49 23.64 -1.37 11.82
N PHE F 50 23.46 -2.66 12.08
CA PHE F 50 22.13 -3.26 11.89
C PHE F 50 21.37 -3.53 13.19
N GLN F 51 22.06 -3.41 14.32
CA GLN F 51 21.43 -3.61 15.62
C GLN F 51 22.02 -2.65 16.66
N ARG F 52 21.14 -2.07 17.47
CA ARG F 52 21.59 -1.16 18.53
C ARG F 52 20.72 -1.23 19.78
N ARG F 53 21.31 -1.55 20.93
CA ARG F 53 20.64 -1.39 22.22
C ARG F 53 21.39 -0.31 22.97
N VAL F 54 20.67 0.55 23.67
CA VAL F 54 21.38 1.62 24.36
C VAL F 54 20.78 2.06 25.71
N ASP F 55 19.47 1.89 25.90
CA ASP F 55 18.81 2.43 27.07
C ASP F 55 17.58 1.62 27.53
N GLY F 56 17.22 0.61 26.74
CA GLY F 56 16.09 -0.25 27.08
C GLY F 56 14.73 0.30 26.68
N SER F 57 14.71 1.34 25.86
CA SER F 57 13.46 2.02 25.54
C SER F 57 12.56 1.29 24.53
N VAL F 58 13.11 0.33 23.80
CA VAL F 58 12.38 -0.35 22.72
C VAL F 58 12.20 -1.85 23.02
N ASP F 59 10.98 -2.37 22.82
CA ASP F 59 10.69 -3.78 23.05
C ASP F 59 11.32 -4.66 21.96
N PHE F 60 12.19 -5.58 22.35
CA PHE F 60 12.86 -6.46 21.39
C PHE F 60 12.28 -7.85 21.37
N TYR F 61 11.37 -8.12 22.30
CA TYR F 61 10.71 -9.42 22.35
C TYR F 61 9.60 -9.51 21.30
N ARG F 62 9.97 -9.42 20.02
CA ARG F 62 8.97 -9.32 18.94
C ARG F 62 8.83 -10.54 18.03
N ASP F 63 7.80 -10.51 17.18
CA ASP F 63 7.47 -11.66 16.34
C ASP F 63 8.19 -11.67 14.96
N TRP F 64 7.99 -12.74 14.21
CA TRP F 64 8.72 -12.97 12.97
C TRP F 64 8.55 -11.85 11.93
N ALA F 65 7.32 -11.38 11.77
CA ALA F 65 7.05 -10.34 10.77
C ALA F 65 7.82 -9.08 11.14
N THR F 66 7.94 -8.85 12.45
CA THR F 66 8.59 -7.65 12.96
C THR F 66 10.11 -7.71 12.78
N TYR F 67 10.73 -8.84 13.12
CA TYR F 67 12.16 -9.00 12.88
C TYR F 67 12.45 -9.01 11.39
N LYS F 68 11.45 -9.40 10.60
CA LYS F 68 11.59 -9.47 9.16
C LYS F 68 11.85 -8.08 8.61
N GLN F 69 10.94 -7.17 8.93
CA GLN F 69 10.95 -5.83 8.35
C GLN F 69 11.73 -4.79 9.15
N GLY F 70 12.16 -5.14 10.36
CA GLY F 70 12.90 -4.22 11.21
C GLY F 70 11.97 -3.42 12.09
N PHE F 71 12.52 -2.82 13.15
CA PHE F 71 11.69 -2.06 14.09
C PHE F 71 12.58 -1.18 14.94
N GLY F 72 11.98 -0.20 15.61
CA GLY F 72 12.74 0.68 16.49
C GLY F 72 12.80 2.11 15.97
N SER F 73 13.80 2.86 16.42
CA SER F 73 13.85 4.29 16.10
C SER F 73 15.26 4.75 15.76
N ARG F 74 15.39 5.55 14.71
CA ARG F 74 16.70 6.08 14.35
C ARG F 74 17.27 6.89 15.51
N LEU F 75 16.39 7.33 16.40
CA LEU F 75 16.81 8.16 17.52
C LEU F 75 17.35 7.34 18.66
N GLY F 76 17.25 6.01 18.55
CA GLY F 76 17.68 5.13 19.63
C GLY F 76 17.98 3.69 19.25
N GLU F 77 17.20 2.78 19.82
CA GLU F 77 17.40 1.34 19.64
C GLU F 77 16.69 0.86 18.39
N PHE F 78 17.19 -0.24 17.82
CA PHE F 78 16.56 -0.76 16.60
C PHE F 78 17.24 -2.02 16.10
N TRP F 79 16.47 -2.76 15.30
CA TRP F 79 16.95 -3.89 14.50
C TRP F 79 16.63 -3.53 13.06
N LEU F 80 17.63 -3.56 12.19
CA LEU F 80 17.45 -3.06 10.83
C LEU F 80 16.47 -3.91 10.04
N GLY F 81 16.23 -5.13 10.50
CA GLY F 81 15.34 -6.04 9.78
C GLY F 81 16.09 -7.07 8.97
N ASN F 82 15.59 -8.30 9.01
CA ASN F 82 16.29 -9.42 8.41
C ASN F 82 16.36 -9.36 6.88
N ASP F 83 15.31 -8.89 6.23
CA ASP F 83 15.39 -8.73 4.79
C ASP F 83 16.55 -7.80 4.43
N ASN F 84 16.63 -6.67 5.14
CA ASN F 84 17.69 -5.70 4.91
C ASN F 84 19.07 -6.23 5.25
N ILE F 85 19.15 -7.01 6.32
CA ILE F 85 20.45 -7.52 6.74
C ILE F 85 20.94 -8.53 5.71
N HIS F 86 20.00 -9.29 5.16
CA HIS F 86 20.35 -10.25 4.14
C HIS F 86 20.78 -9.49 2.89
N ALA F 87 19.93 -8.57 2.45
CA ALA F 87 20.24 -7.75 1.29
C ALA F 87 21.64 -7.20 1.42
N LEU F 88 21.92 -6.63 2.59
CA LEU F 88 23.18 -5.96 2.91
C LEU F 88 24.39 -6.82 2.82
N THR F 89 24.23 -8.13 2.94
CA THR F 89 25.40 -8.98 3.00
C THR F 89 25.34 -10.12 1.98
N ALA F 90 24.47 -9.95 0.99
CA ALA F 90 24.13 -10.98 -0.01
C ALA F 90 25.38 -11.56 -0.68
N GLN F 91 26.27 -10.66 -1.08
CA GLN F 91 27.27 -11.09 -2.09
C GLN F 91 28.74 -10.57 -1.61
N GLY F 92 29.75 -11.48 -1.81
CA GLY F 92 31.13 -11.20 -1.35
C GLY F 92 31.29 -11.18 0.16
N THR F 93 32.13 -10.26 0.64
CA THR F 93 32.63 -10.38 2.00
C THR F 93 32.37 -9.15 2.86
N SER F 94 31.66 -9.36 3.96
CA SER F 94 31.40 -8.32 4.95
C SER F 94 31.86 -8.84 6.30
N GLU F 95 32.72 -8.08 6.98
CA GLU F 95 33.13 -8.42 8.34
C GLU F 95 31.98 -8.12 9.30
N LEU F 96 32.00 -8.77 10.45
CA LEU F 96 31.12 -8.43 11.56
C LEU F 96 31.94 -7.88 12.71
N ARG F 97 31.42 -6.83 13.33
CA ARG F 97 31.94 -6.40 14.61
C ARG F 97 30.80 -6.27 15.59
N THR F 98 31.05 -6.75 16.80
CA THR F 98 30.15 -6.63 17.92
C THR F 98 30.76 -5.76 19.01
N ASP F 99 30.15 -4.59 19.23
CA ASP F 99 30.59 -3.65 20.26
C ASP F 99 29.67 -3.70 21.48
N LEU F 100 30.25 -3.78 22.67
CA LEU F 100 29.49 -3.90 23.90
C LEU F 100 30.07 -2.99 24.97
N VAL F 101 29.21 -2.25 25.69
CA VAL F 101 29.63 -1.38 26.78
C VAL F 101 28.88 -1.83 28.02
N ASP F 102 29.55 -1.98 29.17
CA ASP F 102 28.82 -2.34 30.40
C ASP F 102 28.31 -1.09 31.11
N PHE F 103 27.79 -1.22 32.32
CA PHE F 103 27.34 -0.01 33.02
C PHE F 103 28.46 0.69 33.76
N GLU F 104 29.65 0.12 33.76
CA GLU F 104 30.78 0.85 34.27
C GLU F 104 31.61 1.45 33.13
N ASP F 105 30.96 1.64 31.98
CA ASP F 105 31.59 2.13 30.75
C ASP F 105 32.80 1.38 30.25
N ASN F 106 32.91 0.10 30.52
CA ASN F 106 34.04 -0.67 29.99
C ASN F 106 33.72 -1.29 28.63
N TYR F 107 34.52 -0.97 27.61
CA TYR F 107 34.29 -1.49 26.25
C TYR F 107 34.79 -2.92 26.01
N GLN F 108 34.09 -3.65 25.15
CA GLN F 108 34.52 -4.99 24.75
C GLN F 108 34.00 -5.31 23.34
N PHE F 109 34.87 -5.73 22.45
CA PHE F 109 34.38 -6.10 21.14
C PHE F 109 34.63 -7.55 20.83
N ALA F 110 34.05 -7.98 19.72
CA ALA F 110 34.41 -9.23 19.10
C ALA F 110 34.19 -9.01 17.63
N LYS F 111 35.09 -9.56 16.82
CA LYS F 111 35.18 -9.26 15.39
C LYS F 111 35.34 -10.55 14.58
N TYR F 112 34.57 -10.65 13.51
CA TYR F 112 34.50 -11.87 12.72
C TYR F 112 34.82 -11.62 11.23
N ARG F 113 35.43 -12.59 10.58
CA ARG F 113 36.02 -12.43 9.25
C ARG F 113 34.97 -12.24 8.12
N SER F 114 33.86 -12.95 8.22
CA SER F 114 32.72 -12.74 7.33
C SER F 114 31.42 -13.04 8.05
N PHE F 115 30.33 -12.54 7.50
CA PHE F 115 29.05 -12.63 8.15
C PHE F 115 28.01 -12.47 7.09
N LYS F 116 27.06 -13.39 7.04
CA LYS F 116 26.06 -13.39 6.00
C LYS F 116 24.79 -14.02 6.55
N VAL F 117 23.64 -13.50 6.17
CA VAL F 117 22.40 -14.21 6.51
C VAL F 117 21.62 -14.53 5.26
N ALA F 118 21.16 -15.77 5.17
CA ALA F 118 20.38 -16.21 4.02
C ALA F 118 19.03 -15.51 3.98
N ASP F 119 18.27 -15.69 2.90
CA ASP F 119 16.92 -15.11 2.81
C ASP F 119 15.89 -15.85 3.70
N GLU F 120 14.65 -15.37 3.68
CA GLU F 120 13.59 -15.90 4.53
C GLU F 120 13.30 -17.37 4.21
N ALA F 121 13.39 -17.71 2.92
CA ALA F 121 13.24 -19.09 2.52
C ALA F 121 14.18 -19.97 3.32
N GLU F 122 15.41 -19.50 3.45
CA GLU F 122 16.42 -20.28 4.13
C GLU F 122 16.50 -19.85 5.61
N LYS F 123 15.41 -19.27 6.11
CA LYS F 123 15.26 -18.90 7.54
C LYS F 123 16.35 -17.97 8.10
N TYR F 124 16.72 -16.96 7.29
CA TYR F 124 17.80 -16.03 7.63
C TYR F 124 18.97 -16.72 8.35
N ASN F 125 19.38 -17.86 7.80
CA ASN F 125 20.35 -18.75 8.42
C ASN F 125 21.68 -18.05 8.62
N LEU F 126 22.23 -18.16 9.82
CA LEU F 126 23.52 -17.52 10.07
C LEU F 126 24.59 -18.25 9.28
N VAL F 127 25.40 -17.50 8.56
CA VAL F 127 26.57 -18.03 7.87
C VAL F 127 27.79 -17.24 8.37
N LEU F 128 28.49 -17.73 9.39
CA LEU F 128 29.55 -16.89 9.97
C LEU F 128 30.97 -17.38 9.70
N GLY F 129 31.85 -16.45 9.33
CA GLY F 129 33.27 -16.73 9.15
C GLY F 129 34.03 -16.90 10.46
N ALA F 130 35.34 -16.75 10.40
CA ALA F 130 36.17 -17.11 11.55
C ALA F 130 36.18 -16.00 12.57
N PHE F 131 36.10 -16.36 13.85
CA PHE F 131 36.51 -15.42 14.88
C PHE F 131 37.93 -14.99 14.47
N VAL F 132 38.21 -13.68 14.50
CA VAL F 132 39.55 -13.20 14.23
C VAL F 132 40.17 -12.83 15.56
N GLU F 133 39.53 -11.88 16.25
CA GLU F 133 39.99 -11.43 17.58
C GLU F 133 38.87 -10.73 18.35
N GLY F 134 39.18 -10.28 19.56
CA GLY F 134 38.20 -9.50 20.31
C GLY F 134 38.06 -9.82 21.79
N SER F 135 37.90 -8.78 22.61
CA SER F 135 37.93 -8.94 24.07
C SER F 135 36.58 -9.35 24.69
N ALA F 136 35.55 -9.50 23.87
CA ALA F 136 34.32 -10.14 24.31
C ALA F 136 34.57 -11.65 24.46
N GLY F 137 35.65 -12.12 23.87
CA GLY F 137 35.77 -13.55 23.59
C GLY F 137 34.74 -13.87 22.53
N ASP F 138 34.71 -15.13 22.11
CA ASP F 138 33.91 -15.48 20.94
C ASP F 138 32.75 -16.36 21.35
N SER F 139 31.54 -15.77 21.25
CA SER F 139 30.32 -16.49 21.63
C SER F 139 29.31 -16.50 20.52
N LEU F 140 29.75 -16.22 19.29
CA LEU F 140 28.85 -16.26 18.15
C LEU F 140 29.02 -17.50 17.27
N THR F 141 30.23 -18.07 17.20
CA THR F 141 30.51 -19.21 16.30
C THR F 141 29.58 -20.39 16.59
N PHE F 142 29.46 -20.71 17.87
CA PHE F 142 28.52 -21.68 18.37
C PHE F 142 27.22 -21.66 17.55
N HIS F 143 26.94 -20.55 16.87
CA HIS F 143 25.64 -20.41 16.19
C HIS F 143 25.62 -20.54 14.66
N ASN F 144 26.79 -20.83 14.08
CA ASN F 144 26.93 -21.09 12.64
C ASN F 144 25.88 -22.04 12.07
N ASN F 145 25.40 -21.73 10.88
CA ASN F 145 24.49 -22.63 10.16
C ASN F 145 23.21 -22.86 10.95
N GLN F 146 22.67 -21.81 11.57
CA GLN F 146 21.41 -21.93 12.31
C GLN F 146 20.31 -21.00 11.88
N SER F 147 19.18 -21.57 11.51
CA SER F 147 18.01 -20.79 11.22
C SER F 147 17.71 -19.84 12.38
N PHE F 148 17.08 -18.71 12.07
CA PHE F 148 16.83 -17.67 13.06
C PHE F 148 15.42 -17.88 13.59
N SER F 149 15.21 -17.68 14.90
CA SER F 149 13.93 -17.97 15.50
C SER F 149 13.31 -16.84 16.33
N THR F 150 12.03 -16.59 16.12
CA THR F 150 11.26 -15.72 17.00
C THR F 150 10.18 -16.55 17.66
N LYS F 151 9.51 -15.95 18.64
CA LYS F 151 8.56 -16.67 19.50
C LYS F 151 7.50 -17.41 18.71
N ASP F 152 7.01 -16.76 17.66
CA ASP F 152 5.98 -17.39 16.83
C ASP F 152 6.55 -18.33 15.75
N GLN F 153 7.87 -18.42 15.62
CA GLN F 153 8.44 -19.30 14.59
C GLN F 153 9.68 -20.01 15.08
N ASP F 154 9.48 -21.24 15.49
CA ASP F 154 10.46 -21.98 16.27
C ASP F 154 11.32 -22.84 15.35
N ASN F 155 12.56 -22.42 15.14
CA ASN F 155 13.45 -23.19 14.25
C ASN F 155 14.71 -23.63 15.00
N ASP F 156 14.62 -23.77 16.32
CA ASP F 156 15.79 -24.15 17.13
C ASP F 156 15.93 -25.66 17.30
N LEU F 157 16.98 -26.08 17.98
CA LEU F 157 17.23 -27.50 18.23
C LEU F 157 16.84 -27.81 19.66
N ASN F 158 15.77 -27.17 20.11
CA ASN F 158 15.32 -27.39 21.46
C ASN F 158 13.89 -27.74 21.66
N THR F 159 13.65 -28.95 22.18
CA THR F 159 12.33 -29.57 22.21
C THR F 159 11.30 -28.54 22.69
N GLY F 160 11.73 -27.40 23.19
CA GLY F 160 10.83 -26.30 23.53
C GLY F 160 11.12 -25.04 22.73
N ASN F 161 10.53 -23.93 23.14
CA ASN F 161 10.63 -22.69 22.41
C ASN F 161 11.70 -21.73 23.00
N CYS F 162 12.88 -21.61 22.38
CA CYS F 162 13.99 -20.82 22.99
C CYS F 162 13.75 -19.32 23.11
N ALA F 163 13.09 -18.76 22.09
CA ALA F 163 12.74 -17.36 22.07
C ALA F 163 11.79 -17.06 23.23
N VAL F 164 10.96 -18.03 23.60
CA VAL F 164 10.14 -17.85 24.80
C VAL F 164 10.99 -18.04 26.05
N MET F 165 11.91 -18.99 26.02
CA MET F 165 12.63 -19.30 27.25
C MET F 165 13.64 -18.23 27.63
N PHE F 166 14.11 -17.46 26.63
CA PHE F 166 15.03 -16.34 26.89
C PHE F 166 14.58 -14.98 26.33
N GLN F 167 13.27 -14.82 26.17
CA GLN F 167 12.74 -13.54 25.74
C GLN F 167 13.68 -12.78 24.78
N GLY F 168 13.89 -13.35 23.60
CA GLY F 168 14.76 -12.75 22.57
C GLY F 168 14.42 -13.30 21.19
N ALA F 169 15.35 -13.15 20.25
CA ALA F 169 15.22 -13.74 18.91
C ALA F 169 16.62 -13.83 18.41
N TRP F 170 16.94 -14.94 17.77
CA TRP F 170 18.31 -15.25 17.51
C TRP F 170 18.46 -16.50 16.66
N TRP F 171 19.69 -16.76 16.28
CA TRP F 171 20.01 -18.00 15.59
C TRP F 171 20.18 -19.05 16.70
N TYR F 172 19.09 -19.28 17.45
CA TYR F 172 19.12 -20.15 18.63
C TYR F 172 19.27 -21.62 18.25
N LYS F 173 20.09 -22.35 19.00
CA LYS F 173 20.14 -23.80 18.92
C LYS F 173 19.47 -24.45 20.14
N ASN F 174 20.22 -24.51 21.23
CA ASN F 174 19.80 -25.22 22.42
C ASN F 174 20.38 -24.68 23.73
N CYS F 175 20.32 -23.36 23.96
CA CYS F 175 19.79 -22.40 22.99
C CYS F 175 20.82 -21.35 22.59
N HIS F 176 21.55 -20.78 23.57
CA HIS F 176 22.48 -19.73 23.22
C HIS F 176 23.74 -19.59 24.09
N THR F 177 24.77 -19.05 23.47
CA THR F 177 25.91 -18.54 24.20
C THR F 177 25.90 -17.01 24.09
N SER F 178 25.04 -16.49 23.21
CA SER F 178 24.88 -15.04 23.07
C SER F 178 23.42 -14.70 22.80
N ASN F 179 22.95 -13.57 23.35
CA ASN F 179 21.52 -13.26 23.29
C ASN F 179 21.25 -11.76 23.18
N LEU F 180 21.87 -11.14 22.19
CA LEU F 180 21.94 -9.68 22.10
C LEU F 180 20.57 -9.00 21.90
N ASN F 181 19.56 -9.80 21.56
CA ASN F 181 18.21 -9.27 21.41
C ASN F 181 17.33 -9.63 22.60
N GLY F 182 17.95 -9.98 23.71
CA GLY F 182 17.23 -10.27 24.95
C GLY F 182 16.74 -9.03 25.69
N ARG F 183 16.18 -9.25 26.88
CA ARG F 183 15.58 -8.17 27.64
C ARG F 183 16.62 -7.22 28.20
N TYR F 184 16.34 -5.91 28.15
CA TYR F 184 17.27 -4.91 28.66
C TYR F 184 17.24 -4.91 30.19
N LEU F 185 17.97 -5.83 30.81
CA LEU F 185 17.86 -6.02 32.26
C LEU F 185 18.74 -5.15 33.16
N ARG F 186 19.61 -4.33 32.58
CA ARG F 186 20.41 -3.36 33.34
C ARG F 186 21.44 -3.94 34.31
N GLY F 187 22.44 -4.67 33.79
CA GLY F 187 23.53 -5.15 34.63
C GLY F 187 23.33 -6.55 35.15
N THR F 188 23.63 -6.77 36.42
CA THR F 188 23.49 -8.10 37.00
C THR F 188 22.03 -8.43 37.18
N HIS F 189 21.63 -9.61 36.70
CA HIS F 189 20.28 -10.08 36.86
C HIS F 189 20.27 -11.52 37.39
N GLY F 190 19.29 -11.81 38.24
CA GLY F 190 19.15 -13.16 38.77
C GLY F 190 18.66 -14.16 37.73
N SER F 191 17.68 -13.76 36.94
CA SER F 191 17.14 -14.61 35.90
C SER F 191 18.26 -15.14 34.98
N PHE F 192 18.01 -16.32 34.41
CA PHE F 192 19.04 -17.02 33.64
C PHE F 192 19.05 -16.70 32.16
N ALA F 193 20.15 -16.11 31.72
CA ALA F 193 20.47 -16.01 30.29
C ALA F 193 19.36 -15.38 29.42
N ASN F 194 18.58 -14.48 30.00
CA ASN F 194 17.53 -13.82 29.23
C ASN F 194 17.78 -12.32 29.10
N GLY F 195 19.00 -11.90 29.39
CA GLY F 195 19.37 -10.51 29.21
C GLY F 195 20.14 -10.30 27.92
N ILE F 196 20.68 -9.10 27.74
CA ILE F 196 21.61 -8.85 26.65
C ILE F 196 22.92 -9.51 27.05
N ASN F 197 23.04 -10.79 26.73
CA ASN F 197 24.11 -11.63 27.26
C ASN F 197 25.08 -12.12 26.19
N TRP F 198 26.36 -12.14 26.55
CA TRP F 198 27.41 -12.70 25.71
C TRP F 198 28.21 -13.56 26.66
N LYS F 199 28.11 -14.87 26.51
CA LYS F 199 28.58 -15.79 27.55
C LYS F 199 30.05 -15.61 27.88
N SER F 200 30.89 -15.54 26.85
CA SER F 200 32.32 -15.37 27.05
C SER F 200 32.68 -13.97 27.53
N GLY F 201 31.76 -13.03 27.42
CA GLY F 201 31.97 -11.67 27.90
C GLY F 201 31.73 -11.55 29.38
N LYS F 202 30.55 -11.08 29.76
CA LYS F 202 30.23 -10.94 31.16
C LYS F 202 29.31 -12.06 31.63
N GLY F 203 28.99 -12.97 30.72
CA GLY F 203 28.28 -14.19 31.10
C GLY F 203 26.77 -14.21 31.08
N TYR F 204 26.19 -15.23 31.67
CA TYR F 204 24.75 -15.48 31.56
C TYR F 204 23.86 -14.65 32.50
N ASN F 205 24.48 -13.83 33.33
CA ASN F 205 23.74 -13.11 34.37
C ASN F 205 24.05 -11.63 34.40
N TYR F 206 24.63 -11.14 33.33
CA TYR F 206 24.90 -9.71 33.16
C TYR F 206 24.38 -9.20 31.81
N SER F 207 23.60 -8.13 31.86
CA SER F 207 22.99 -7.57 30.67
C SER F 207 23.63 -6.22 30.35
N TYR F 208 24.34 -6.15 29.24
CA TYR F 208 25.12 -4.95 28.87
C TYR F 208 24.31 -3.66 28.84
N LYS F 209 25.00 -2.53 28.89
CA LYS F 209 24.35 -1.22 28.73
C LYS F 209 24.19 -0.89 27.25
N VAL F 210 25.21 -1.20 26.46
CA VAL F 210 25.16 -0.92 25.04
C VAL F 210 25.56 -2.16 24.26
N SER F 211 24.97 -2.35 23.10
CA SER F 211 25.39 -3.39 22.20
C SER F 211 25.16 -2.91 20.78
N GLU F 212 26.11 -3.17 19.90
CA GLU F 212 25.93 -2.84 18.50
C GLU F 212 26.50 -3.93 17.61
N MET F 213 25.77 -4.27 16.56
CA MET F 213 26.24 -5.25 15.60
C MET F 213 26.33 -4.55 14.27
N LYS F 214 27.52 -4.55 13.67
CA LYS F 214 27.78 -3.76 12.45
C LYS F 214 28.61 -4.50 11.40
N VAL F 215 28.41 -4.16 10.13
CA VAL F 215 29.15 -4.80 9.05
C VAL F 215 29.98 -3.82 8.22
N ARG F 216 31.03 -4.34 7.60
CA ARG F 216 31.86 -3.55 6.69
C ARG F 216 32.48 -4.49 5.66
N PRO F 217 32.63 -3.99 4.41
CA PRO F 217 33.26 -4.74 3.33
C PRO F 217 34.68 -5.19 3.71
N ALA F 218 34.95 -6.48 3.49
CA ALA F 218 36.15 -7.15 4.01
C ALA F 218 37.40 -6.53 3.53
C1 NAG G . -30.51 14.11 9.01
C2 NAG G . -29.73 14.77 10.14
C3 NAG G . -30.61 15.44 11.19
C4 NAG G . -31.72 16.26 10.61
C5 NAG G . -32.40 15.36 9.57
C6 NAG G . -33.66 15.92 8.89
C7 NAG G . -27.59 13.98 10.76
C8 NAG G . -26.68 12.99 11.46
N2 NAG G . -28.91 13.80 10.84
O3 NAG G . -29.81 16.29 11.98
O4 NAG G . -32.55 16.53 11.73
O5 NAG G . -31.44 15.06 8.58
O6 NAG G . -34.47 14.92 8.27
O7 NAG G . -27.12 14.93 10.12
C1 NAG G . -32.50 17.87 12.29
C2 NAG G . -33.81 18.12 13.05
C3 NAG G . -33.82 19.37 13.92
C4 NAG G . -32.56 19.47 14.76
C5 NAG G . -31.38 19.36 13.77
C6 NAG G . -30.02 19.58 14.40
C7 NAG G . -35.79 17.09 12.00
C8 NAG G . -36.71 17.11 10.83
N2 NAG G . -34.95 18.13 12.13
O3 NAG G . -34.93 19.39 14.79
O4 NAG G . -32.61 20.70 15.48
O5 NAG G . -31.41 18.07 13.16
O6 NAG G . -29.04 19.07 13.53
O7 NAG G . -35.81 16.14 12.79
C1 BMA G . -32.73 20.50 16.92
C2 BMA G . -31.75 21.43 17.64
C3 BMA G . -32.42 22.33 18.65
C4 BMA G . -33.71 22.79 18.01
C5 BMA G . -34.67 21.60 18.00
C6 BMA G . -35.97 21.97 17.28
O2 BMA G . -31.17 22.28 16.67
O3 BMA G . -31.62 23.46 18.88
O4 BMA G . -34.25 23.86 18.74
O5 BMA G . -34.07 20.44 17.45
O6 BMA G . -37.05 21.32 17.89
C1 NAG H . 49.93 36.94 17.07
C2 NAG H . 49.92 38.47 17.03
C3 NAG H . 51.24 39.03 16.56
C4 NAG H . 52.43 38.44 17.27
C5 NAG H . 52.30 36.93 17.31
C6 NAG H . 53.34 36.28 18.20
C7 NAG H . 47.98 39.89 16.57
C8 NAG H . 46.78 40.22 15.70
N2 NAG H . 48.86 38.96 16.15
O3 NAG H . 51.28 40.41 16.78
O4 NAG H . 53.56 38.82 16.48
O5 NAG H . 51.06 36.49 17.78
O6 NAG H . 53.54 34.99 17.65
O7 NAG H . 48.13 40.49 17.64
C1 NAG H . 54.49 39.67 17.19
C2 NAG H . 55.88 39.54 16.57
C3 NAG H . 56.82 40.65 17.07
C4 NAG H . 56.15 42.01 16.93
C5 NAG H . 54.86 41.95 17.75
C6 NAG H . 54.07 43.25 17.71
C7 NAG H . 56.86 37.32 15.87
C8 NAG H . 56.90 35.87 16.26
N2 NAG H . 56.44 38.20 16.82
O3 NAG H . 58.01 40.68 16.33
O4 NAG H . 57.03 43.09 17.28
O5 NAG H . 54.01 40.98 17.16
O6 NAG H . 52.81 42.97 18.28
O7 NAG H . 57.21 37.64 14.73
CA CA I . 19.52 -8.22 -14.63
N1 ACH J . -10.37 -31.25 -33.73
C2 ACH J . -11.83 -31.24 -33.54
C3 ACH J . -12.49 -30.07 -34.27
O4 ACH J . -13.39 -29.40 -33.37
C5 ACH J . -12.85 -28.37 -32.48
O7 ACH J . -13.00 -28.51 -31.27
C6 ACH J . -12.13 -27.21 -33.08
C8 ACH J . -9.88 -29.88 -34.01
C9 ACH J . -10.02 -32.10 -34.88
C10 ACH J . -9.72 -31.80 -32.54
N1 ACH K . -43.69 -2.08 -14.53
C2 ACH K . -42.57 -1.16 -14.90
C3 ACH K . -41.15 -1.80 -14.83
O4 ACH K . -40.02 -0.88 -14.89
C5 ACH K . -39.52 -0.15 -13.72
O7 ACH K . -38.76 -0.70 -12.95
C6 ACH K . -39.99 1.25 -13.53
C8 ACH K . -44.83 -1.33 -13.96
C9 ACH K . -43.23 -3.05 -13.51
C10 ACH K . -44.17 -2.81 -15.72
CA CA L . -39.48 16.47 -3.84
N1 ACH M . -15.27 -31.26 -37.07
C2 ACH M . -16.42 -30.50 -37.63
C3 ACH M . -17.27 -29.76 -36.57
O4 ACH M . -17.50 -28.37 -36.89
C5 ACH M . -18.79 -27.91 -37.30
O7 ACH M . -19.64 -27.78 -36.47
C6 ACH M . -19.02 -27.66 -38.75
C8 ACH M . -15.41 -32.72 -37.33
C9 ACH M . -15.19 -31.12 -35.60
C10 ACH M . -14.04 -30.72 -37.70
CA CA N . -33.55 -31.18 -49.14
CA CA O . -7.77 37.19 30.06
N1 ACH P . 45.75 5.43 16.82
C2 ACH P . 45.35 6.67 17.55
C3 ACH P . 43.94 7.18 17.22
O4 ACH P . 43.27 7.85 18.32
C5 ACH P . 43.23 9.31 18.43
O7 ACH P . 42.40 9.96 17.81
C6 ACH P . 44.27 9.91 19.33
C8 ACH P . 44.57 4.65 16.40
C9 ACH P . 46.57 4.60 17.71
C10 ACH P . 46.54 5.74 15.61
CA CA Q . 55.05 23.27 24.37
N1 ACH R . 0.63 -7.14 17.45
C2 ACH R . 1.68 -7.29 18.51
C3 ACH R . 3.00 -7.74 17.85
O4 ACH R . 4.13 -7.53 18.70
C5 ACH R . 5.22 -8.41 18.44
O7 ACH R . 6.04 -8.06 17.65
C6 ACH R . 5.23 -9.71 19.15
C8 ACH R . 0.39 -8.48 16.85
C9 ACH R . 1.09 -6.20 16.37
C10 ACH R . -0.60 -6.61 18.12
CA CA S . 11.99 -26.32 19.24
#